data_8VUX
#
_entry.id   8VUX
#
_cell.length_a   1.00
_cell.length_b   1.00
_cell.length_c   1.00
_cell.angle_alpha   90.00
_cell.angle_beta   90.00
_cell.angle_gamma   90.00
#
_symmetry.space_group_name_H-M   'P 1'
#
loop_
_entity.id
_entity.type
_entity.pdbx_description
1 polymer 'Multidrug resistance-associated protein 1'
2 non-polymer 'CHOLESTEROL HEMISUCCINATE'
3 non-polymer cGAMP
#
_entity_poly.entity_id   1
_entity_poly.type   'polypeptide(L)'
_entity_poly.pdbx_seq_one_letter_code
;MALRGFCSADGSDPLWDWNVTWNTSNPDFTKCFQNTVLVWVPCFYLWACFPFYFLYLSRHDRGYIQMTPLNKTKTALGFL
LWIVCWADLFYSFWERSRGIFLAPVFLVSPTLLGITMLLATFLIQLERRKGVQSSGIMLTFWLVALVCALAILRSKIMTA
LKEDAQVDLFRDITFYVYFSLLLIQLVLSCFSDRSPLFSETIHDPNPCPESSASFLSRITFWWITGLIVRGYRQPLEGSD
LWSLNKEDTSEQVVPVLVKNWKKECAKTRKQPVKVVYSSKDPAQPKESSKVDANEEVEALIVKSPQKEWNPSLFKVLYKT
FGPYFLMSFFFKAIHDLMMFSGPQILKLLIKFVNDTKAPDWQGYFYTVLLFVTACLQTLVLHQYFHICFVSGMRIKTAVI
GAVYRKALVITNSARKSSTVGEIVNLMSVDAQRFMDLATYINMIWSAPLQVILALYLLWLNLGPSVLAGVAVMVLMVPVN
AVMAMKTKTYQVAHMKSKDNRIKLMNEILNGIKVLKLYAWELAFKDKVLAIRQEELKVLKKSAYLSAVGTFTWVCTPFLV
ALCTFAVYVTIDENNILDAQTAFVSLALFNILRFPLNILPMVISSIVQASVSLKRLRIFLSHEELEPDSIERRPVKDGGG
TNSITVRNATFTWARSDPPTLNGITFSIPEGALVAVVGQVGCGKSSLLSALLAEMDKVEGHVAIKGSVAYVPQQAWIQND
SLRENILFGCQLEEPYYRSVIQACALLPDLEILPSGDRTEIGEKGVNLSGGQKQRVSLARAVYSNADIYLFDDPLSAVDA
HVGKHIFENVIGPKGMLKNKTRILVTHSMSYLPQVDVIIVMSGGKISEMGSYQELLARDGAFAEFLRTYASTEQEQDAEE
NGVTGVSGPGKEAKQMENGMLVTDSAGKQLQRQLSSSSSYSGDISRHHNSTAELQKAEAKKEETWKLMEADKAQTGQVKL
SVYWDYMKAIGLFISFLSIFLFMCNHVSALASNYWLSLWTDDPIVNGTQEHTKVRLSVYGALGISQGIAVFGYSMAVSIG
GILASRCLHVDLLHSILRSPMSFFERTPSGNLVNRFSKELDTVDSMIPEVIKMFMGSLFNVIGACIVILLATPIAAIIIP
PLGLIYFFVQRFYVASSRQLKRLESVSRSPVYSHFNETLLGVSVIRAFEEQERFIHQSDLKVDENQKAYYPSIVANRWLA
VRLECVGNCIVLFAALFAVISRHSLSAGLVGLSVSYSLQVTTYLNWLVRMSSEMETNIVAVERLKEYSETEKEAPWQIQE
TAPPSSWPQVGRVEFRNYCLRYREDLDFVLRHINVTINGGEKVGIVGRTGAGKSSLTLGLFRINESAEGEIIIDGINIAK
IGLHDLRFKITIIPQDPVLFSGSLRMNLDPFSQYSDEEVWTSLELAHLKDFVSALPDKLDHECAEGGENLSVGQRQLVCL
ARALLRKTKILVLDEATAAVDLETDDLIQSTIRTQFEDCTVLTIAHRLNTIMDYTRVIVLDKGEIQEYGAPSDLLQQRGL
FYSMAKDAGLV
;
_entity_poly.pdbx_strand_id   A,B
#
loop_
_chem_comp.id
_chem_comp.type
_chem_comp.name
_chem_comp.formula
1SY non-polymer cGAMP 'C20 H24 N10 O13 P2'
Y01 non-polymer 'CHOLESTEROL HEMISUCCINATE' 'C31 H50 O4'
#
# COMPACT_ATOMS: atom_id res chain seq x y z
N MET A 1 2.98 -5.84 -56.41
CA MET A 1 2.26 -5.20 -57.49
C MET A 1 0.75 -5.34 -57.28
N ALA A 2 0.33 -6.47 -56.72
CA ALA A 2 -1.08 -6.69 -56.46
C ALA A 2 -1.61 -5.75 -55.38
N LEU A 3 -0.75 -5.36 -54.43
CA LEU A 3 -1.17 -4.43 -53.39
C LEU A 3 -1.52 -3.06 -53.96
N ARG A 4 -0.83 -2.64 -55.03
CA ARG A 4 -1.12 -1.36 -55.65
C ARG A 4 -2.54 -1.32 -56.18
N GLY A 5 -2.97 -2.39 -56.85
CA GLY A 5 -4.37 -2.49 -57.25
C GLY A 5 -5.31 -2.76 -56.09
N PHE A 6 -4.81 -3.34 -55.01
CA PHE A 6 -5.63 -3.53 -53.81
C PHE A 6 -6.02 -2.18 -53.22
N CYS A 7 -5.07 -1.24 -53.16
CA CYS A 7 -5.35 0.07 -52.58
C CYS A 7 -6.46 0.79 -53.34
N SER A 8 -6.38 0.80 -54.67
CA SER A 8 -7.41 1.40 -55.50
C SER A 8 -7.29 0.85 -56.91
N ALA A 9 -8.38 0.99 -57.67
CA ALA A 9 -8.37 0.52 -59.05
C ALA A 9 -7.39 1.31 -59.90
N ASP A 10 -7.32 2.62 -59.70
CA ASP A 10 -6.44 3.47 -60.50
C ASP A 10 -5.01 3.51 -59.96
N GLY A 11 -4.76 2.97 -58.78
CA GLY A 11 -3.42 3.00 -58.22
C GLY A 11 -2.94 4.37 -57.80
N SER A 12 -3.86 5.31 -57.56
CA SER A 12 -3.47 6.65 -57.15
C SER A 12 -2.97 6.70 -55.72
N ASP A 13 -3.13 5.63 -54.95
CA ASP A 13 -2.70 5.58 -53.55
C ASP A 13 -1.63 4.51 -53.38
N PRO A 14 -0.35 4.87 -53.36
CA PRO A 14 0.71 3.88 -53.20
C PRO A 14 0.80 3.42 -51.75
N LEU A 15 1.57 2.34 -51.55
CA LEU A 15 1.81 1.83 -50.20
C LEU A 15 2.92 2.57 -49.49
N TRP A 16 3.75 3.32 -50.22
CA TRP A 16 4.86 4.07 -49.64
C TRP A 16 5.40 5.01 -50.68
N ASP A 17 5.87 6.17 -50.22
CA ASP A 17 6.51 7.15 -51.10
C ASP A 17 7.33 8.09 -50.24
N TRP A 18 8.63 8.20 -50.53
CA TRP A 18 9.50 9.06 -49.74
C TRP A 18 9.14 10.53 -49.89
N ASN A 19 8.34 10.89 -50.90
CA ASN A 19 7.99 12.28 -51.14
C ASN A 19 6.84 12.77 -50.27
N VAL A 20 6.21 11.90 -49.49
CA VAL A 20 5.02 12.28 -48.73
C VAL A 20 5.21 11.99 -47.24
N THR A 21 6.06 11.00 -46.92
CA THR A 21 6.25 10.60 -45.54
C THR A 21 7.58 11.02 -44.93
N TRP A 22 8.58 11.35 -45.75
CA TRP A 22 9.91 11.63 -45.21
C TRP A 22 10.45 12.96 -45.71
N ASN A 23 10.14 13.32 -46.96
CA ASN A 23 10.73 14.51 -47.56
C ASN A 23 10.13 15.80 -47.00
N THR A 24 8.81 15.81 -46.80
CA THR A 24 8.13 17.04 -46.43
C THR A 24 8.43 17.41 -44.98
N SER A 25 7.90 18.57 -44.56
CA SER A 25 8.01 19.03 -43.18
C SER A 25 6.81 18.64 -42.33
N ASN A 26 5.82 17.97 -42.92
CA ASN A 26 4.65 17.47 -42.20
C ASN A 26 4.49 16.00 -42.56
N PRO A 27 5.31 15.13 -41.96
CA PRO A 27 5.27 13.71 -42.32
C PRO A 27 3.91 13.09 -42.02
N ASP A 28 3.48 12.18 -42.90
CA ASP A 28 2.19 11.52 -42.76
C ASP A 28 2.20 10.29 -43.65
N PHE A 29 1.83 9.15 -43.08
CA PHE A 29 1.75 7.93 -43.87
C PHE A 29 0.63 8.03 -44.91
N THR A 30 0.79 7.29 -46.00
CA THR A 30 -0.20 7.30 -47.06
C THR A 30 -1.45 6.53 -46.62
N LYS A 31 -2.52 6.68 -47.42
CA LYS A 31 -3.81 6.10 -47.06
C LYS A 31 -3.73 4.58 -46.98
N CYS A 32 -3.11 3.95 -47.97
CA CYS A 32 -3.05 2.49 -47.99
C CYS A 32 -2.21 1.95 -46.84
N PHE A 33 -1.09 2.62 -46.54
CA PHE A 33 -0.26 2.20 -45.41
C PHE A 33 -1.07 2.22 -44.11
N GLN A 34 -1.74 3.34 -43.85
CA GLN A 34 -2.54 3.46 -42.65
C GLN A 34 -3.64 2.42 -42.60
N ASN A 35 -4.27 2.14 -43.74
CA ASN A 35 -5.42 1.25 -43.76
C ASN A 35 -5.03 -0.23 -43.77
N THR A 36 -3.78 -0.57 -44.07
CA THR A 36 -3.37 -1.98 -44.10
C THR A 36 -2.33 -2.32 -43.04
N VAL A 37 -1.17 -1.66 -43.04
CA VAL A 37 -0.08 -2.13 -42.20
C VAL A 37 -0.31 -1.76 -40.74
N LEU A 38 -0.70 -0.50 -40.49
CA LEU A 38 -0.96 -0.06 -39.13
C LEU A 38 -2.17 -0.76 -38.52
N VAL A 39 -2.99 -1.39 -39.34
CA VAL A 39 -4.14 -2.14 -38.84
C VAL A 39 -3.85 -3.63 -38.74
N TRP A 40 -2.85 -4.14 -39.47
CA TRP A 40 -2.51 -5.56 -39.39
C TRP A 40 -1.39 -5.87 -38.42
N VAL A 41 -0.57 -4.90 -38.05
CA VAL A 41 0.61 -5.18 -37.22
C VAL A 41 0.21 -5.76 -35.86
N PRO A 42 -0.60 -5.09 -35.03
CA PRO A 42 -0.92 -5.67 -33.72
C PRO A 42 -1.69 -6.97 -33.83
N CYS A 43 -2.53 -7.10 -34.85
CA CYS A 43 -3.30 -8.32 -35.04
C CYS A 43 -2.39 -9.50 -35.37
N PHE A 44 -1.42 -9.29 -36.25
CA PHE A 44 -0.46 -10.36 -36.53
C PHE A 44 0.37 -10.68 -35.29
N TYR A 45 0.75 -9.66 -34.53
CA TYR A 45 1.47 -9.90 -33.28
C TYR A 45 0.69 -10.82 -32.35
N LEU A 46 -0.58 -10.48 -32.09
CA LEU A 46 -1.38 -11.27 -31.15
C LEU A 46 -1.66 -12.66 -31.71
N TRP A 47 -1.94 -12.77 -33.01
CA TRP A 47 -2.23 -14.06 -33.59
C TRP A 47 -1.01 -14.97 -33.61
N ALA A 48 0.18 -14.39 -33.69
CA ALA A 48 1.40 -15.19 -33.58
C ALA A 48 1.69 -15.58 -32.13
N CYS A 49 1.36 -14.70 -31.18
CA CYS A 49 1.61 -15.01 -29.78
C CYS A 49 0.57 -15.97 -29.20
N PHE A 50 -0.60 -16.09 -29.83
CA PHE A 50 -1.68 -16.90 -29.24
C PHE A 50 -1.33 -18.37 -29.07
N PRO A 51 -0.81 -19.11 -30.07
CA PRO A 51 -0.62 -20.55 -29.87
C PRO A 51 0.41 -20.90 -28.80
N PHE A 52 1.56 -20.21 -28.81
CA PHE A 52 2.58 -20.48 -27.81
C PHE A 52 2.07 -20.17 -26.41
N TYR A 53 1.36 -19.04 -26.25
CA TYR A 53 0.82 -18.69 -24.94
C TYR A 53 -0.22 -19.70 -24.48
N PHE A 54 -1.08 -20.16 -25.39
CA PHE A 54 -2.09 -21.16 -25.03
C PHE A 54 -1.43 -22.46 -24.59
N LEU A 55 -0.41 -22.90 -25.33
CA LEU A 55 0.28 -24.13 -24.96
C LEU A 55 0.99 -23.98 -23.61
N TYR A 56 1.60 -22.81 -23.37
CA TYR A 56 2.30 -22.59 -22.11
C TYR A 56 1.34 -22.55 -20.94
N LEU A 57 0.17 -21.93 -21.11
CA LEU A 57 -0.80 -21.84 -20.03
C LEU A 57 -1.61 -23.12 -19.85
N SER A 58 -1.58 -24.02 -20.83
CA SER A 58 -2.29 -25.30 -20.69
C SER A 58 -1.72 -26.16 -19.56
N ARG A 59 -0.51 -25.86 -19.08
CA ARG A 59 0.13 -26.65 -18.05
C ARG A 59 0.59 -25.77 -16.88
N HIS A 60 -0.05 -24.64 -16.67
CA HIS A 60 0.32 -23.72 -15.60
C HIS A 60 -0.91 -23.17 -14.89
N ASP A 61 -1.87 -24.05 -14.59
CA ASP A 61 -3.05 -23.63 -13.86
C ASP A 61 -2.69 -23.24 -12.43
N ARG A 62 -3.29 -22.16 -11.94
CA ARG A 62 -2.97 -21.66 -10.60
C ARG A 62 -4.18 -21.25 -9.76
N GLY A 63 -5.36 -21.03 -10.34
CA GLY A 63 -6.47 -20.56 -9.54
C GLY A 63 -7.72 -20.36 -10.37
N TYR A 64 -8.76 -19.89 -9.70
CA TYR A 64 -10.08 -19.70 -10.29
C TYR A 64 -10.68 -18.36 -9.88
N ILE A 65 -9.94 -17.27 -10.08
CA ILE A 65 -10.48 -15.93 -9.83
C ILE A 65 -11.80 -15.82 -10.58
N GLN A 66 -12.91 -15.67 -9.85
CA GLN A 66 -14.21 -15.98 -10.44
C GLN A 66 -14.81 -14.83 -11.23
N MET A 67 -15.21 -13.76 -10.55
CA MET A 67 -16.03 -12.73 -11.16
C MET A 67 -15.64 -11.34 -10.67
N THR A 68 -14.34 -11.06 -10.62
CA THR A 68 -13.91 -9.74 -10.20
C THR A 68 -14.40 -8.69 -11.20
N PRO A 69 -14.72 -7.48 -10.74
CA PRO A 69 -15.22 -6.45 -11.66
C PRO A 69 -14.25 -6.10 -12.77
N LEU A 70 -12.94 -6.24 -12.53
CA LEU A 70 -11.97 -5.97 -13.57
C LEU A 70 -12.13 -6.90 -14.76
N ASN A 71 -12.32 -8.20 -14.49
CA ASN A 71 -12.54 -9.14 -15.59
C ASN A 71 -13.81 -8.81 -16.35
N LYS A 72 -14.87 -8.45 -15.63
CA LYS A 72 -16.13 -8.12 -16.30
C LYS A 72 -16.00 -6.89 -17.18
N THR A 73 -15.34 -5.84 -16.68
CA THR A 73 -15.21 -4.64 -17.51
C THR A 73 -14.27 -4.88 -18.68
N LYS A 74 -13.22 -5.68 -18.49
CA LYS A 74 -12.35 -5.99 -19.61
C LYS A 74 -13.08 -6.79 -20.68
N THR A 75 -13.90 -7.76 -20.27
CA THR A 75 -14.68 -8.52 -21.24
C THR A 75 -15.69 -7.63 -21.97
N ALA A 76 -16.35 -6.74 -21.23
CA ALA A 76 -17.29 -5.82 -21.87
C ALA A 76 -16.61 -4.92 -22.88
N LEU A 77 -15.43 -4.39 -22.52
CA LEU A 77 -14.70 -3.55 -23.45
C LEU A 77 -14.24 -4.34 -24.68
N GLY A 78 -13.84 -5.60 -24.49
CA GLY A 78 -13.47 -6.41 -25.64
C GLY A 78 -14.64 -6.65 -26.58
N PHE A 79 -15.80 -6.98 -26.02
CA PHE A 79 -16.99 -7.19 -26.86
C PHE A 79 -17.39 -5.91 -27.58
N LEU A 80 -17.35 -4.78 -26.87
CA LEU A 80 -17.75 -3.51 -27.48
C LEU A 80 -16.70 -3.03 -28.48
N LEU A 81 -15.46 -3.50 -28.37
CA LEU A 81 -14.46 -3.22 -29.40
C LEU A 81 -14.68 -4.07 -30.63
N TRP A 82 -15.12 -5.32 -30.45
CA TRP A 82 -15.48 -6.16 -31.59
C TRP A 82 -16.68 -5.61 -32.34
N ILE A 83 -17.66 -5.07 -31.59
CA ILE A 83 -18.90 -4.64 -32.22
C ILE A 83 -18.67 -3.44 -33.13
N VAL A 84 -17.70 -2.56 -32.82
CA VAL A 84 -17.47 -1.41 -33.70
C VAL A 84 -16.83 -1.86 -35.01
N CYS A 85 -15.96 -2.87 -34.96
CA CYS A 85 -15.39 -3.41 -36.19
C CYS A 85 -16.47 -4.08 -37.04
N TRP A 86 -17.37 -4.83 -36.40
CA TRP A 86 -18.47 -5.40 -37.17
C TRP A 86 -19.40 -4.31 -37.71
N ALA A 87 -19.53 -3.20 -37.00
CA ALA A 87 -20.30 -2.07 -37.50
C ALA A 87 -19.65 -1.48 -38.75
N ASP A 88 -18.32 -1.37 -38.75
CA ASP A 88 -17.61 -0.91 -39.94
C ASP A 88 -17.85 -1.86 -41.12
N LEU A 89 -17.79 -3.16 -40.86
CA LEU A 89 -18.05 -4.14 -41.91
C LEU A 89 -19.47 -3.98 -42.47
N PHE A 90 -20.45 -3.83 -41.57
CA PHE A 90 -21.84 -3.70 -42.01
C PHE A 90 -22.05 -2.40 -42.79
N TYR A 91 -21.41 -1.32 -42.37
CA TYR A 91 -21.52 -0.06 -43.10
C TYR A 91 -20.92 -0.18 -44.49
N SER A 92 -19.77 -0.84 -44.61
CA SER A 92 -19.18 -1.06 -45.93
C SER A 92 -20.11 -1.89 -46.80
N PHE A 93 -20.71 -2.94 -46.23
CA PHE A 93 -21.66 -3.76 -46.99
C PHE A 93 -22.84 -2.94 -47.46
N TRP A 94 -23.42 -2.13 -46.57
CA TRP A 94 -24.58 -1.34 -46.94
C TRP A 94 -24.23 -0.29 -47.99
N GLU A 95 -23.05 0.32 -47.88
CA GLU A 95 -22.64 1.31 -48.87
C GLU A 95 -22.42 0.67 -50.24
N ARG A 96 -21.79 -0.51 -50.28
CA ARG A 96 -21.57 -1.17 -51.56
C ARG A 96 -22.84 -1.79 -52.13
N SER A 97 -23.85 -2.02 -51.28
CA SER A 97 -25.08 -2.65 -51.76
C SER A 97 -25.84 -1.76 -52.73
N ARG A 98 -25.92 -0.46 -52.46
CA ARG A 98 -26.87 0.37 -53.20
C ARG A 98 -26.33 0.79 -54.57
N GLY A 99 -25.30 1.64 -54.58
CA GLY A 99 -24.75 2.10 -55.85
C GLY A 99 -23.27 2.41 -55.85
N ILE A 100 -22.57 2.11 -54.77
CA ILE A 100 -21.22 2.62 -54.53
C ILE A 100 -20.22 1.48 -54.62
N PHE A 101 -19.12 1.72 -55.32
CA PHE A 101 -17.95 0.85 -55.30
C PHE A 101 -16.89 1.50 -54.42
N LEU A 102 -16.38 0.73 -53.45
CA LEU A 102 -15.55 1.30 -52.38
C LEU A 102 -14.24 0.56 -52.18
N ALA A 103 -13.83 -0.32 -53.10
CA ALA A 103 -12.59 -1.09 -53.04
C ALA A 103 -12.64 -2.11 -51.91
N PRO A 104 -11.89 -3.21 -52.01
CA PRO A 104 -11.98 -4.26 -50.98
C PRO A 104 -11.13 -4.04 -49.75
N VAL A 105 -10.37 -2.94 -49.66
CA VAL A 105 -9.55 -2.70 -48.48
C VAL A 105 -10.43 -2.43 -47.27
N PHE A 106 -11.60 -1.84 -47.47
CA PHE A 106 -12.53 -1.57 -46.38
C PHE A 106 -13.34 -2.79 -45.98
N LEU A 107 -13.22 -3.90 -46.70
CA LEU A 107 -13.93 -5.13 -46.39
C LEU A 107 -13.04 -6.21 -45.79
N VAL A 108 -11.74 -5.93 -45.61
CA VAL A 108 -10.78 -6.89 -45.07
C VAL A 108 -10.13 -6.34 -43.81
N SER A 109 -9.66 -5.10 -43.85
CA SER A 109 -9.06 -4.50 -42.66
C SER A 109 -10.02 -4.44 -41.48
N PRO A 110 -11.28 -4.02 -41.61
CA PRO A 110 -12.21 -4.14 -40.47
C PRO A 110 -12.72 -5.54 -40.25
N THR A 111 -12.60 -6.44 -41.23
CA THR A 111 -13.04 -7.82 -41.06
C THR A 111 -12.22 -8.53 -39.99
N LEU A 112 -10.90 -8.45 -40.10
CA LEU A 112 -10.00 -9.19 -39.22
C LEU A 112 -9.85 -8.56 -37.84
N LEU A 113 -10.18 -7.27 -37.71
CA LEU A 113 -10.07 -6.62 -36.41
C LEU A 113 -11.11 -7.16 -35.42
N GLY A 114 -12.31 -7.48 -35.90
CA GLY A 114 -13.28 -8.11 -35.03
C GLY A 114 -12.80 -9.46 -34.54
N ILE A 115 -12.18 -10.24 -35.42
CA ILE A 115 -11.63 -11.53 -35.01
C ILE A 115 -10.54 -11.35 -33.98
N THR A 116 -9.67 -10.36 -34.19
CA THR A 116 -8.59 -10.11 -33.23
C THR A 116 -9.15 -9.71 -31.87
N MET A 117 -10.17 -8.85 -31.86
CA MET A 117 -10.75 -8.43 -30.59
C MET A 117 -11.47 -9.57 -29.88
N LEU A 118 -12.14 -10.43 -30.64
CA LEU A 118 -12.76 -11.61 -30.04
C LEU A 118 -11.71 -12.54 -29.45
N LEU A 119 -10.58 -12.71 -30.15
CA LEU A 119 -9.50 -13.51 -29.60
C LEU A 119 -8.94 -12.88 -28.34
N ALA A 120 -8.84 -11.56 -28.31
CA ALA A 120 -8.36 -10.88 -27.10
C ALA A 120 -9.31 -11.13 -25.92
N THR A 121 -10.62 -11.06 -26.17
CA THR A 121 -11.59 -11.33 -25.11
C THR A 121 -11.47 -12.77 -24.62
N PHE A 122 -11.36 -13.72 -25.55
CA PHE A 122 -11.22 -15.12 -25.16
C PHE A 122 -9.93 -15.35 -24.37
N LEU A 123 -8.86 -14.65 -24.76
CA LEU A 123 -7.59 -14.80 -24.04
C LEU A 123 -7.68 -14.21 -22.64
N ILE A 124 -8.41 -13.09 -22.49
CA ILE A 124 -8.62 -12.56 -21.14
C ILE A 124 -9.39 -13.56 -20.29
N GLN A 125 -10.43 -14.17 -20.86
CA GLN A 125 -11.20 -15.16 -20.12
C GLN A 125 -10.32 -16.35 -19.72
N LEU A 126 -9.51 -16.85 -20.65
CA LEU A 126 -8.64 -17.97 -20.36
C LEU A 126 -7.60 -17.63 -19.30
N GLU A 127 -7.04 -16.42 -19.38
CA GLU A 127 -6.08 -15.97 -18.39
C GLU A 127 -6.71 -15.89 -17.01
N ARG A 128 -7.96 -15.41 -16.94
CA ARG A 128 -8.68 -15.41 -15.68
C ARG A 128 -8.87 -16.83 -15.15
N ARG A 129 -9.23 -17.76 -16.04
CA ARG A 129 -9.47 -19.13 -15.61
C ARG A 129 -8.19 -19.88 -15.22
N LYS A 130 -7.02 -19.34 -15.54
CA LYS A 130 -5.75 -20.01 -15.27
C LYS A 130 -4.93 -19.30 -14.20
N GLY A 131 -5.51 -18.35 -13.48
CA GLY A 131 -4.86 -17.78 -12.32
C GLY A 131 -3.59 -16.99 -12.57
N VAL A 132 -3.63 -16.05 -13.50
CA VAL A 132 -2.52 -15.13 -13.76
C VAL A 132 -2.95 -13.74 -13.32
N GLN A 133 -2.11 -13.06 -12.54
CA GLN A 133 -2.47 -11.77 -11.99
C GLN A 133 -2.38 -10.67 -13.04
N SER A 134 -1.18 -10.43 -13.56
CA SER A 134 -0.96 -9.41 -14.58
C SER A 134 -0.41 -10.07 -15.83
N SER A 135 -1.06 -9.81 -16.96
CA SER A 135 -0.66 -10.43 -18.21
C SER A 135 0.63 -9.83 -18.74
N GLY A 136 1.49 -10.69 -19.29
CA GLY A 136 2.68 -10.24 -19.96
C GLY A 136 2.52 -10.02 -21.45
N ILE A 137 1.42 -10.50 -22.02
CA ILE A 137 1.16 -10.37 -23.45
C ILE A 137 0.12 -9.31 -23.74
N MET A 138 -0.92 -9.22 -22.89
CA MET A 138 -1.99 -8.26 -23.12
C MET A 138 -1.49 -6.82 -23.07
N LEU A 139 -0.63 -6.51 -22.11
CA LEU A 139 -0.12 -5.15 -21.98
C LEU A 139 0.66 -4.74 -23.23
N THR A 140 1.54 -5.63 -23.71
CA THR A 140 2.31 -5.32 -24.91
C THR A 140 1.41 -5.22 -26.13
N PHE A 141 0.41 -6.09 -26.26
CA PHE A 141 -0.50 -6.02 -27.39
C PHE A 141 -1.28 -4.71 -27.39
N TRP A 142 -1.79 -4.30 -26.21
CA TRP A 142 -2.50 -3.04 -26.13
C TRP A 142 -1.58 -1.86 -26.43
N LEU A 143 -0.33 -1.94 -25.99
CA LEU A 143 0.62 -0.86 -26.27
C LEU A 143 0.89 -0.73 -27.76
N VAL A 144 1.11 -1.86 -28.45
CA VAL A 144 1.38 -1.82 -29.89
C VAL A 144 0.15 -1.30 -30.64
N ALA A 145 -1.04 -1.81 -30.29
CA ALA A 145 -2.26 -1.35 -30.93
C ALA A 145 -2.49 0.13 -30.67
N LEU A 146 -2.16 0.60 -29.47
CA LEU A 146 -2.32 2.01 -29.16
C LEU A 146 -1.36 2.87 -29.94
N VAL A 147 -0.13 2.40 -30.16
CA VAL A 147 0.83 3.17 -30.96
C VAL A 147 0.31 3.29 -32.40
N CYS A 148 -0.17 2.18 -32.96
CA CYS A 148 -0.68 2.23 -34.33
C CYS A 148 -1.91 3.13 -34.42
N ALA A 149 -2.83 3.01 -33.46
CA ALA A 149 -4.02 3.87 -33.46
C ALA A 149 -3.64 5.33 -33.23
N LEU A 150 -2.58 5.59 -32.47
CA LEU A 150 -2.12 6.96 -32.27
C LEU A 150 -1.62 7.56 -33.58
N ALA A 151 -0.83 6.79 -34.34
CA ALA A 151 -0.39 7.29 -35.64
C ALA A 151 -1.57 7.56 -36.56
N ILE A 152 -2.53 6.63 -36.61
CA ILE A 152 -3.69 6.81 -37.47
C ILE A 152 -4.51 8.01 -37.03
N LEU A 153 -4.66 8.20 -35.71
CA LEU A 153 -5.43 9.31 -35.19
C LEU A 153 -4.77 10.65 -35.50
N ARG A 154 -3.45 10.74 -35.37
CA ARG A 154 -2.75 11.97 -35.72
C ARG A 154 -2.95 12.29 -37.20
N SER A 155 -2.82 11.26 -38.05
CA SER A 155 -3.06 11.50 -39.48
C SER A 155 -4.48 11.99 -39.73
N LYS A 156 -5.46 11.37 -39.07
CA LYS A 156 -6.85 11.75 -39.30
C LYS A 156 -7.14 13.17 -38.82
N ILE A 157 -6.65 13.55 -37.65
CA ILE A 157 -6.94 14.89 -37.15
C ILE A 157 -6.25 15.94 -38.00
N MET A 158 -5.03 15.65 -38.46
CA MET A 158 -4.36 16.59 -39.35
C MET A 158 -5.09 16.73 -40.67
N THR A 159 -5.59 15.61 -41.22
CA THR A 159 -6.26 15.66 -42.51
C THR A 159 -7.62 16.36 -42.41
N ALA A 160 -8.36 16.13 -41.33
CA ALA A 160 -9.74 16.59 -41.26
C ALA A 160 -9.84 18.11 -41.33
N LEU A 161 -9.03 18.81 -40.55
CA LEU A 161 -9.09 20.27 -40.47
C LEU A 161 -8.11 20.95 -41.41
N LYS A 162 -8.10 20.56 -42.69
CA LYS A 162 -7.17 21.18 -43.65
C LYS A 162 -7.84 22.33 -44.38
N GLU A 163 -8.85 22.03 -45.20
CA GLU A 163 -9.67 23.05 -45.84
C GLU A 163 -10.93 22.43 -46.42
N ASP A 164 -12.09 22.74 -45.84
CA ASP A 164 -13.39 22.24 -46.29
C ASP A 164 -13.31 20.78 -46.73
N ALA A 165 -12.77 19.95 -45.83
CA ALA A 165 -12.55 18.53 -46.13
C ALA A 165 -13.87 17.78 -45.99
N GLN A 166 -14.34 17.22 -47.10
CA GLN A 166 -15.58 16.44 -47.12
C GLN A 166 -15.26 15.03 -46.66
N VAL A 167 -15.31 14.82 -45.35
CA VAL A 167 -14.98 13.55 -44.72
C VAL A 167 -16.27 12.89 -44.26
N ASP A 168 -16.42 11.61 -44.59
CA ASP A 168 -17.58 10.85 -44.14
C ASP A 168 -17.55 10.72 -42.63
N LEU A 169 -18.43 11.43 -41.93
CA LEU A 169 -18.39 11.49 -40.48
C LEU A 169 -19.04 10.26 -39.87
N PHE A 170 -18.67 9.09 -40.35
CA PHE A 170 -19.09 7.82 -39.76
C PHE A 170 -17.91 6.94 -39.40
N ARG A 171 -16.88 6.88 -40.25
CA ARG A 171 -15.67 6.14 -39.89
C ARG A 171 -14.82 6.92 -38.89
N ASP A 172 -14.90 8.25 -38.89
CA ASP A 172 -14.13 9.04 -37.96
C ASP A 172 -14.57 8.79 -36.52
N ILE A 173 -15.87 8.85 -36.26
CA ILE A 173 -16.36 8.64 -34.90
C ILE A 173 -16.14 7.20 -34.46
N THR A 174 -16.27 6.24 -35.39
CA THR A 174 -16.01 4.85 -35.05
C THR A 174 -14.55 4.64 -34.67
N PHE A 175 -13.63 5.23 -35.43
CA PHE A 175 -12.22 5.09 -35.10
C PHE A 175 -11.89 5.81 -33.80
N TYR A 176 -12.54 6.95 -33.53
CA TYR A 176 -12.33 7.63 -32.27
C TYR A 176 -12.76 6.75 -31.10
N VAL A 177 -13.92 6.10 -31.22
CA VAL A 177 -14.38 5.20 -30.18
C VAL A 177 -13.40 4.04 -30.02
N TYR A 178 -12.91 3.51 -31.14
CA TYR A 178 -11.95 2.41 -31.09
C TYR A 178 -10.67 2.81 -30.35
N PHE A 179 -10.16 4.01 -30.68
CA PHE A 179 -8.93 4.51 -30.03
C PHE A 179 -9.20 4.70 -28.53
N SER A 180 -10.32 5.36 -28.20
CA SER A 180 -10.68 5.58 -26.78
C SER A 180 -10.66 4.23 -26.04
N LEU A 181 -11.39 3.25 -26.55
CA LEU A 181 -11.46 1.92 -25.89
C LEU A 181 -10.05 1.36 -25.74
N LEU A 182 -9.23 1.42 -26.80
CA LEU A 182 -7.85 0.94 -26.70
C LEU A 182 -7.14 1.58 -25.52
N LEU A 183 -7.29 2.89 -25.36
CA LEU A 183 -6.65 3.58 -24.24
C LEU A 183 -7.18 3.08 -22.90
N ILE A 184 -8.50 2.91 -22.79
CA ILE A 184 -9.09 2.46 -21.54
C ILE A 184 -8.58 1.06 -21.20
N GLN A 185 -8.52 0.17 -22.19
CA GLN A 185 -8.05 -1.18 -21.93
C GLN A 185 -6.58 -1.21 -21.57
N LEU A 186 -5.77 -0.35 -22.20
CA LEU A 186 -4.35 -0.29 -21.86
C LEU A 186 -4.16 0.17 -20.43
N VAL A 187 -4.88 1.22 -20.02
CA VAL A 187 -4.70 1.71 -18.65
C VAL A 187 -5.30 0.74 -17.64
N LEU A 188 -6.30 -0.04 -18.04
CA LEU A 188 -6.88 -1.04 -17.14
C LEU A 188 -6.00 -2.27 -17.01
N SER A 189 -5.25 -2.63 -18.04
CA SER A 189 -4.39 -3.81 -18.02
C SER A 189 -3.17 -3.65 -17.15
N CYS A 190 -3.01 -2.50 -16.49
CA CYS A 190 -1.91 -2.28 -15.56
C CYS A 190 -2.32 -2.52 -14.12
N PHE A 191 -3.53 -3.02 -13.89
CA PHE A 191 -4.05 -3.26 -12.55
C PHE A 191 -3.93 -4.74 -12.20
N SER A 192 -3.30 -5.02 -11.07
CA SER A 192 -3.25 -6.39 -10.57
C SER A 192 -4.64 -6.85 -10.15
N ASP A 193 -4.95 -8.11 -10.42
CA ASP A 193 -6.27 -8.66 -10.13
C ASP A 193 -6.24 -9.35 -8.76
N ARG A 194 -7.35 -9.98 -8.40
CA ARG A 194 -7.45 -10.68 -7.12
C ARG A 194 -6.59 -11.93 -7.14
N SER A 195 -6.18 -12.35 -5.94
CA SER A 195 -5.35 -13.53 -5.79
C SER A 195 -6.15 -14.79 -6.13
N PRO A 196 -5.47 -15.86 -6.54
CA PRO A 196 -6.17 -17.12 -6.82
C PRO A 196 -6.84 -17.67 -5.57
N LEU A 197 -7.94 -18.40 -5.79
CA LEU A 197 -8.76 -18.85 -4.68
C LEU A 197 -7.97 -19.75 -3.73
N PHE A 198 -7.32 -20.78 -4.25
CA PHE A 198 -6.56 -21.71 -3.44
C PHE A 198 -5.13 -21.78 -3.95
N SER A 199 -4.17 -21.71 -3.03
CA SER A 199 -2.76 -21.74 -3.37
C SER A 199 -2.00 -22.35 -2.20
N GLU A 200 -0.68 -22.18 -2.20
CA GLU A 200 0.17 -22.73 -1.15
C GLU A 200 0.06 -21.97 0.16
N THR A 201 -0.62 -20.83 0.18
CA THR A 201 -0.67 -19.98 1.37
C THR A 201 -1.58 -20.58 2.43
N ILE A 202 -1.06 -21.53 3.20
CA ILE A 202 -1.79 -22.10 4.33
C ILE A 202 -1.06 -21.94 5.65
N HIS A 203 0.28 -21.83 5.65
CA HIS A 203 1.03 -21.59 6.88
C HIS A 203 2.09 -20.50 6.75
N ASP A 204 2.48 -20.11 5.54
CA ASP A 204 3.56 -19.15 5.37
C ASP A 204 3.05 -17.73 5.61
N PRO A 205 3.62 -16.99 6.55
CA PRO A 205 3.13 -15.63 6.81
C PRO A 205 3.93 -14.55 6.09
N ASN A 206 5.06 -14.90 5.50
CA ASN A 206 5.96 -13.94 4.84
C ASN A 206 6.36 -14.49 3.47
N PRO A 207 5.49 -14.35 2.47
CA PRO A 207 5.80 -14.88 1.14
C PRO A 207 6.52 -13.88 0.26
N CYS A 208 7.30 -14.42 -0.68
CA CYS A 208 7.99 -13.59 -1.64
C CYS A 208 6.98 -12.91 -2.57
N PRO A 209 7.12 -11.61 -2.84
CA PRO A 209 6.15 -10.91 -3.68
C PRO A 209 6.30 -11.18 -5.18
N GLU A 210 7.29 -11.99 -5.59
CA GLU A 210 7.48 -12.25 -7.02
C GLU A 210 6.29 -12.98 -7.60
N SER A 211 5.74 -13.96 -6.88
CA SER A 211 4.63 -14.74 -7.39
C SER A 211 3.37 -13.90 -7.60
N SER A 212 3.22 -12.80 -6.87
CA SER A 212 2.07 -11.91 -7.00
C SER A 212 2.59 -10.49 -7.20
N ALA A 213 2.84 -10.12 -8.44
CA ALA A 213 3.34 -8.78 -8.76
C ALA A 213 2.95 -8.45 -10.20
N SER A 214 2.72 -7.17 -10.45
CA SER A 214 2.32 -6.72 -11.78
C SER A 214 3.47 -6.90 -12.77
N PHE A 215 3.11 -6.93 -14.05
CA PHE A 215 4.11 -7.12 -15.11
C PHE A 215 5.10 -5.97 -15.12
N LEU A 216 4.63 -4.74 -14.94
CA LEU A 216 5.52 -3.60 -14.89
C LEU A 216 6.31 -3.52 -13.60
N SER A 217 6.22 -4.53 -12.73
CA SER A 217 7.01 -4.62 -11.51
C SER A 217 8.13 -5.63 -11.62
N ARG A 218 7.83 -6.82 -12.15
CA ARG A 218 8.87 -7.83 -12.33
C ARG A 218 9.88 -7.40 -13.39
N ILE A 219 9.47 -6.56 -14.34
CA ILE A 219 10.40 -6.07 -15.36
C ILE A 219 11.43 -5.14 -14.73
N THR A 220 10.99 -4.24 -13.84
CA THR A 220 11.86 -3.25 -13.25
C THR A 220 12.35 -3.62 -11.85
N PHE A 221 11.95 -4.79 -11.34
CA PHE A 221 12.40 -5.28 -10.02
C PHE A 221 12.06 -4.27 -8.92
N TRP A 222 10.75 -4.13 -8.68
CA TRP A 222 10.28 -3.09 -7.77
C TRP A 222 10.02 -3.57 -6.34
N TRP A 223 9.82 -4.87 -6.13
CA TRP A 223 9.58 -5.36 -4.77
C TRP A 223 10.86 -5.33 -3.94
N ILE A 224 11.99 -5.68 -4.56
CA ILE A 224 13.18 -5.70 -3.71
C ILE A 224 13.23 -4.32 -3.03
N THR A 225 12.50 -3.35 -3.58
CA THR A 225 12.55 -1.96 -3.03
C THR A 225 12.05 -1.96 -1.58
N GLY A 226 11.02 -2.73 -1.28
CA GLY A 226 10.53 -2.82 0.11
C GLY A 226 11.63 -3.29 1.04
N LEU A 227 12.27 -4.43 0.74
CA LEU A 227 13.31 -5.00 1.64
C LEU A 227 14.50 -4.04 1.68
N ILE A 228 14.69 -3.25 0.63
CA ILE A 228 15.87 -2.36 0.56
C ILE A 228 15.61 -1.12 1.42
N VAL A 229 14.39 -0.59 1.42
CA VAL A 229 14.23 0.62 2.23
C VAL A 229 14.30 0.28 3.71
N ARG A 230 13.70 -0.85 4.11
CA ARG A 230 13.75 -1.26 5.50
C ARG A 230 15.17 -1.50 5.97
N GLY A 231 16.07 -1.91 5.06
CA GLY A 231 17.44 -2.19 5.44
C GLY A 231 18.30 -0.98 5.70
N TYR A 232 17.81 0.22 5.38
CA TYR A 232 18.60 1.42 5.62
C TYR A 232 18.66 1.75 7.11
N ARG A 233 17.52 1.68 7.80
CA ARG A 233 17.46 2.00 9.22
C ARG A 233 17.71 0.77 10.09
N GLN A 234 16.88 -0.25 9.95
CA GLN A 234 17.16 -1.40 10.79
C GLN A 234 18.01 -2.42 10.02
N PRO A 235 18.87 -3.17 10.71
CA PRO A 235 19.66 -4.20 10.03
C PRO A 235 18.78 -5.37 9.59
N LEU A 236 19.26 -6.08 8.58
CA LEU A 236 18.58 -7.26 8.05
C LEU A 236 19.25 -8.51 8.61
N GLU A 237 18.45 -9.38 9.22
CA GLU A 237 18.99 -10.60 9.80
C GLU A 237 17.88 -11.63 9.94
N GLY A 238 18.28 -12.90 9.98
CA GLY A 238 17.40 -14.00 10.33
C GLY A 238 16.08 -14.08 9.59
N SER A 239 14.99 -13.88 10.34
CA SER A 239 13.64 -14.05 9.81
C SER A 239 13.19 -12.88 8.95
N ASP A 240 13.97 -11.80 8.87
CA ASP A 240 13.58 -10.66 8.05
C ASP A 240 13.50 -11.03 6.57
N LEU A 241 14.31 -11.99 6.13
CA LEU A 241 14.33 -12.37 4.73
C LEU A 241 13.09 -13.16 4.35
N TRP A 242 12.74 -13.08 3.07
CA TRP A 242 11.57 -13.75 2.53
C TRP A 242 11.84 -15.24 2.35
N SER A 243 10.80 -16.04 2.53
CA SER A 243 10.88 -17.47 2.28
C SER A 243 10.80 -17.73 0.77
N LEU A 244 11.28 -18.90 0.37
CA LEU A 244 11.28 -19.26 -1.04
C LEU A 244 9.85 -19.49 -1.54
N ASN A 245 9.73 -19.76 -2.83
CA ASN A 245 8.44 -19.76 -3.52
C ASN A 245 8.23 -21.06 -4.30
N LYS A 246 8.47 -22.20 -3.65
CA LYS A 246 8.00 -23.50 -4.12
C LYS A 246 8.76 -23.94 -5.36
N GLU A 247 9.62 -23.08 -5.89
CA GLU A 247 10.40 -23.40 -7.08
C GLU A 247 11.88 -23.57 -6.82
N ASP A 248 12.43 -22.87 -5.82
CA ASP A 248 13.84 -23.00 -5.46
C ASP A 248 14.05 -23.87 -4.23
N THR A 249 12.97 -24.36 -3.61
CA THR A 249 13.10 -25.20 -2.44
C THR A 249 13.73 -26.54 -2.80
N SER A 250 14.63 -27.01 -1.94
CA SER A 250 15.35 -28.25 -2.20
C SER A 250 14.45 -29.47 -2.17
N GLU A 251 13.29 -29.39 -1.51
CA GLU A 251 12.45 -30.58 -1.35
C GLU A 251 11.85 -31.07 -2.66
N GLN A 252 11.70 -30.20 -3.65
CA GLN A 252 11.01 -30.54 -4.88
C GLN A 252 11.92 -30.52 -6.12
N VAL A 253 13.13 -29.98 -6.00
CA VAL A 253 14.05 -29.90 -7.14
C VAL A 253 14.96 -31.10 -7.20
N VAL A 254 15.48 -31.55 -6.06
CA VAL A 254 16.34 -32.73 -6.04
C VAL A 254 15.63 -33.98 -6.57
N PRO A 255 14.36 -34.26 -6.23
CA PRO A 255 13.75 -35.51 -6.74
C PRO A 255 13.80 -35.66 -8.24
N VAL A 256 13.59 -34.58 -8.99
CA VAL A 256 13.63 -34.67 -10.45
C VAL A 256 15.01 -35.10 -10.93
N LEU A 257 16.05 -34.45 -10.40
CA LEU A 257 17.40 -34.77 -10.83
C LEU A 257 17.77 -36.20 -10.45
N VAL A 258 17.43 -36.63 -9.23
CA VAL A 258 17.83 -37.97 -8.81
C VAL A 258 17.08 -39.03 -9.60
N LYS A 259 15.79 -38.82 -9.87
CA LYS A 259 15.03 -39.77 -10.66
C LYS A 259 15.58 -39.86 -12.09
N ASN A 260 15.88 -38.71 -12.69
CA ASN A 260 16.40 -38.72 -14.06
C ASN A 260 17.77 -39.36 -14.13
N TRP A 261 18.63 -39.11 -13.14
CA TRP A 261 19.93 -39.76 -13.13
C TRP A 261 19.81 -41.27 -12.91
N LYS A 262 18.86 -41.69 -12.07
CA LYS A 262 18.63 -43.11 -11.89
C LYS A 262 18.18 -43.76 -13.20
N LYS A 263 17.29 -43.08 -13.93
CA LYS A 263 16.88 -43.61 -15.23
C LYS A 263 18.05 -43.69 -16.20
N GLU A 264 18.89 -42.65 -16.22
CA GLU A 264 20.03 -42.65 -17.13
C GLU A 264 21.01 -43.77 -16.79
N CYS A 265 21.25 -43.99 -15.50
CA CYS A 265 22.12 -45.09 -15.09
C CYS A 265 21.52 -46.44 -15.45
N ALA A 266 20.20 -46.59 -15.25
CA ALA A 266 19.54 -47.82 -15.63
C ALA A 266 19.56 -48.06 -17.13
N LYS A 267 19.70 -47.01 -17.94
CA LYS A 267 19.82 -47.19 -19.38
C LYS A 267 21.07 -47.99 -19.72
N THR A 268 22.19 -47.70 -19.06
CA THR A 268 23.44 -48.40 -19.33
C THR A 268 23.63 -49.56 -18.36
N ASN A 310 29.60 -45.43 -19.82
CA ASN A 310 28.63 -44.75 -18.97
C ASN A 310 28.64 -43.24 -19.23
N PRO A 311 27.59 -42.74 -19.86
CA PRO A 311 27.52 -41.29 -20.13
C PRO A 311 27.48 -40.48 -18.85
N SER A 312 28.05 -39.28 -18.92
CA SER A 312 28.13 -38.41 -17.77
C SER A 312 26.77 -37.80 -17.45
N LEU A 313 26.67 -37.22 -16.24
CA LEU A 313 25.46 -36.53 -15.83
C LEU A 313 25.26 -35.21 -16.56
N PHE A 314 26.25 -34.78 -17.35
CA PHE A 314 26.08 -33.63 -18.22
C PHE A 314 24.87 -33.82 -19.14
N LYS A 315 24.72 -35.03 -19.70
CA LYS A 315 23.61 -35.32 -20.59
C LYS A 315 22.27 -35.15 -19.88
N VAL A 316 22.15 -35.71 -18.68
CA VAL A 316 20.90 -35.56 -17.95
C VAL A 316 20.75 -34.15 -17.39
N LEU A 317 21.87 -33.48 -17.10
CA LEU A 317 21.80 -32.09 -16.67
C LEU A 317 21.15 -31.21 -17.73
N TYR A 318 21.51 -31.43 -18.99
CA TYR A 318 20.88 -30.68 -20.08
C TYR A 318 19.36 -30.87 -20.10
N LYS A 319 18.91 -32.12 -20.07
CA LYS A 319 17.47 -32.36 -20.18
C LYS A 319 16.71 -32.04 -18.91
N THR A 320 17.41 -31.88 -17.78
CA THR A 320 16.72 -31.49 -16.55
C THR A 320 16.62 -29.99 -16.40
N PHE A 321 17.73 -29.26 -16.57
CA PHE A 321 17.77 -27.81 -16.37
C PHE A 321 18.00 -27.06 -17.67
N GLY A 322 17.41 -27.56 -18.76
CA GLY A 322 17.53 -26.93 -20.05
C GLY A 322 16.37 -26.01 -20.42
N PRO A 323 15.13 -26.50 -20.28
CA PRO A 323 13.97 -25.68 -20.70
C PRO A 323 13.93 -24.30 -20.09
N TYR A 324 14.37 -24.12 -18.84
CA TYR A 324 14.38 -22.79 -18.26
C TYR A 324 15.52 -21.93 -18.79
N PHE A 325 16.57 -22.54 -19.33
CA PHE A 325 17.71 -21.79 -19.82
C PHE A 325 17.51 -21.23 -21.23
N LEU A 326 16.49 -21.70 -21.95
CA LEU A 326 16.28 -21.22 -23.31
C LEU A 326 15.82 -19.77 -23.33
N MET A 327 15.11 -19.32 -22.30
CA MET A 327 14.75 -17.91 -22.22
C MET A 327 15.96 -17.01 -22.04
N SER A 328 17.10 -17.57 -21.64
CA SER A 328 18.35 -16.82 -21.58
C SER A 328 19.07 -16.79 -22.92
N PHE A 329 18.51 -17.44 -23.95
CA PHE A 329 19.04 -17.42 -25.30
C PHE A 329 18.31 -16.42 -26.20
N PHE A 330 16.99 -16.40 -26.14
CA PHE A 330 16.21 -15.44 -26.92
C PHE A 330 16.34 -14.02 -26.41
N PHE A 331 16.95 -13.81 -25.24
CA PHE A 331 17.14 -12.48 -24.68
C PHE A 331 18.53 -11.92 -24.96
N LYS A 332 19.56 -12.74 -24.98
CA LYS A 332 20.90 -12.24 -25.26
C LYS A 332 21.00 -11.70 -26.68
N ALA A 333 20.38 -12.38 -27.64
CA ALA A 333 20.44 -11.94 -29.03
C ALA A 333 19.81 -10.57 -29.21
N ILE A 334 18.67 -10.33 -28.57
CA ILE A 334 17.99 -9.04 -28.72
C ILE A 334 18.86 -7.91 -28.19
N HIS A 335 19.47 -8.11 -27.01
CA HIS A 335 20.36 -7.11 -26.47
C HIS A 335 21.57 -6.89 -27.37
N ASP A 336 22.12 -7.98 -27.91
CA ASP A 336 23.27 -7.85 -28.81
C ASP A 336 22.90 -7.08 -30.07
N LEU A 337 21.66 -7.22 -30.53
CA LEU A 337 21.24 -6.48 -31.72
C LEU A 337 20.99 -5.00 -31.40
N MET A 338 20.38 -4.71 -30.26
CA MET A 338 20.12 -3.31 -29.90
C MET A 338 21.41 -2.56 -29.62
N MET A 339 22.39 -3.24 -29.00
CA MET A 339 23.65 -2.59 -28.67
C MET A 339 24.35 -2.08 -29.93
N PHE A 340 24.08 -2.70 -31.08
CA PHE A 340 24.64 -2.25 -32.34
C PHE A 340 23.69 -1.37 -33.14
N SER A 341 22.37 -1.51 -32.93
CA SER A 341 21.43 -0.58 -33.52
C SER A 341 21.58 0.82 -32.96
N GLY A 342 22.13 0.95 -31.76
CA GLY A 342 22.39 2.25 -31.17
C GLY A 342 23.34 3.13 -31.97
N PRO A 343 24.56 2.65 -32.22
CA PRO A 343 25.55 3.49 -32.94
C PRO A 343 25.09 3.96 -34.31
N GLN A 344 24.31 3.16 -35.04
CA GLN A 344 23.80 3.62 -36.32
C GLN A 344 22.86 4.80 -36.14
N ILE A 345 22.02 4.75 -35.11
CA ILE A 345 21.14 5.88 -34.82
C ILE A 345 21.96 7.11 -34.46
N LEU A 346 23.03 6.92 -33.67
CA LEU A 346 23.90 8.04 -33.34
C LEU A 346 24.53 8.65 -34.59
N LYS A 347 24.98 7.79 -35.51
CA LYS A 347 25.59 8.27 -36.75
C LYS A 347 24.58 9.05 -37.59
N LEU A 348 23.36 8.54 -37.69
CA LEU A 348 22.32 9.25 -38.43
C LEU A 348 22.01 10.60 -37.80
N LEU A 349 21.98 10.65 -36.47
CA LEU A 349 21.74 11.92 -35.78
C LEU A 349 22.87 12.91 -36.06
N ILE A 350 24.12 12.45 -36.04
CA ILE A 350 25.24 13.33 -36.32
C ILE A 350 25.17 13.85 -37.75
N LYS A 351 24.85 12.97 -38.70
CA LYS A 351 24.72 13.40 -40.09
C LYS A 351 23.61 14.42 -40.24
N PHE A 352 22.48 14.21 -39.58
CA PHE A 352 21.39 15.18 -39.65
C PHE A 352 21.79 16.52 -39.06
N VAL A 353 22.52 16.50 -37.95
CA VAL A 353 22.97 17.74 -37.33
C VAL A 353 23.92 18.49 -38.27
N ASN A 354 24.79 17.75 -38.96
CA ASN A 354 25.69 18.40 -39.91
C ASN A 354 24.92 19.05 -41.05
N ASP A 355 23.91 18.36 -41.58
CA ASP A 355 23.12 18.91 -42.67
C ASP A 355 22.21 20.02 -42.16
N THR A 356 22.02 21.04 -43.00
CA THR A 356 21.21 22.20 -42.63
C THR A 356 19.89 22.31 -43.38
N LYS A 357 19.78 21.71 -44.57
CA LYS A 357 18.57 21.81 -45.37
C LYS A 357 17.51 20.80 -44.98
N ALA A 358 17.85 19.81 -44.17
CA ALA A 358 16.87 18.81 -43.75
C ALA A 358 15.85 19.45 -42.80
N PRO A 359 14.65 18.90 -42.75
CA PRO A 359 13.63 19.46 -41.85
C PRO A 359 14.02 19.32 -40.39
N ASP A 360 13.31 20.04 -39.53
CA ASP A 360 13.66 20.14 -38.12
C ASP A 360 13.01 19.07 -37.26
N TRP A 361 12.24 18.15 -37.84
CA TRP A 361 11.58 17.11 -37.06
C TRP A 361 12.30 15.77 -37.11
N GLN A 362 13.21 15.56 -38.06
CA GLN A 362 13.92 14.29 -38.15
C GLN A 362 14.80 14.06 -36.93
N GLY A 363 15.44 15.11 -36.43
CA GLY A 363 16.29 14.96 -35.27
C GLY A 363 15.54 14.49 -34.04
N TYR A 364 14.31 15.00 -33.85
CA TYR A 364 13.49 14.54 -32.75
C TYR A 364 13.14 13.07 -32.89
N PHE A 365 12.84 12.64 -34.12
CA PHE A 365 12.57 11.23 -34.37
C PHE A 365 13.77 10.36 -34.01
N TYR A 366 14.96 10.78 -34.44
CA TYR A 366 16.17 10.01 -34.11
C TYR A 366 16.42 9.98 -32.61
N THR A 367 16.25 11.12 -31.93
CA THR A 367 16.53 11.19 -30.50
C THR A 367 15.48 10.51 -29.65
N VAL A 368 14.29 10.24 -30.21
CA VAL A 368 13.31 9.42 -29.49
C VAL A 368 13.56 7.95 -29.73
N LEU A 369 13.92 7.59 -30.98
CA LEU A 369 14.25 6.19 -31.27
C LEU A 369 15.45 5.74 -30.46
N LEU A 370 16.43 6.62 -30.27
CA LEU A 370 17.62 6.26 -29.50
C LEU A 370 17.25 5.93 -28.06
N PHE A 371 16.40 6.77 -27.45
CA PHE A 371 15.99 6.53 -26.07
C PHE A 371 15.19 5.23 -25.94
N VAL A 372 14.26 5.00 -26.87
CA VAL A 372 13.45 3.79 -26.80
C VAL A 372 14.34 2.55 -26.95
N THR A 373 15.28 2.59 -27.89
CA THR A 373 16.18 1.45 -28.09
C THR A 373 17.03 1.20 -26.85
N ALA A 374 17.57 2.26 -26.24
CA ALA A 374 18.39 2.07 -25.05
C ALA A 374 17.58 1.48 -23.90
N CYS A 375 16.36 1.98 -23.69
CA CYS A 375 15.53 1.45 -22.60
C CYS A 375 15.20 -0.02 -22.83
N LEU A 376 14.82 -0.38 -24.05
CA LEU A 376 14.51 -1.78 -24.33
C LEU A 376 15.74 -2.66 -24.15
N GLN A 377 16.91 -2.18 -24.57
CA GLN A 377 18.13 -2.94 -24.38
C GLN A 377 18.41 -3.19 -22.91
N THR A 378 18.26 -2.16 -22.08
CA THR A 378 18.48 -2.32 -20.64
C THR A 378 17.53 -3.36 -20.06
N LEU A 379 16.23 -3.24 -20.37
CA LEU A 379 15.26 -4.18 -19.82
C LEU A 379 15.57 -5.61 -20.24
N VAL A 380 15.91 -5.81 -21.51
CA VAL A 380 16.18 -7.15 -22.01
C VAL A 380 17.41 -7.74 -21.34
N LEU A 381 18.49 -6.96 -21.27
CA LEU A 381 19.72 -7.48 -20.67
C LEU A 381 19.53 -7.84 -19.21
N HIS A 382 18.86 -6.99 -18.45
CA HIS A 382 18.73 -7.24 -17.02
C HIS A 382 17.55 -8.15 -16.68
N GLN A 383 16.76 -8.55 -17.67
CA GLN A 383 15.89 -9.70 -17.49
C GLN A 383 16.56 -11.01 -17.90
N TYR A 384 17.59 -10.95 -18.76
CA TYR A 384 18.36 -12.14 -19.07
C TYR A 384 19.29 -12.52 -17.91
N PHE A 385 19.92 -11.53 -17.29
CA PHE A 385 20.86 -11.84 -16.20
C PHE A 385 20.15 -12.53 -15.04
N HIS A 386 18.93 -12.09 -14.72
CA HIS A 386 18.18 -12.72 -13.63
C HIS A 386 17.89 -14.17 -13.92
N ILE A 387 17.47 -14.49 -15.16
CA ILE A 387 17.21 -15.86 -15.54
C ILE A 387 18.48 -16.69 -15.40
N CYS A 388 19.60 -16.16 -15.87
CA CYS A 388 20.86 -16.89 -15.79
C CYS A 388 21.23 -17.20 -14.34
N PHE A 389 21.13 -16.21 -13.45
CA PHE A 389 21.54 -16.42 -12.07
C PHE A 389 20.58 -17.35 -11.34
N VAL A 390 19.27 -17.27 -11.65
CA VAL A 390 18.32 -18.20 -11.06
C VAL A 390 18.62 -19.62 -11.48
N SER A 391 18.95 -19.83 -12.76
CA SER A 391 19.31 -21.17 -13.22
C SER A 391 20.56 -21.67 -12.50
N GLY A 392 21.55 -20.79 -12.30
CA GLY A 392 22.72 -21.19 -11.55
C GLY A 392 22.40 -21.62 -10.13
N MET A 393 21.54 -20.87 -9.45
CA MET A 393 21.12 -21.23 -8.09
C MET A 393 20.43 -22.60 -8.09
N ARG A 394 19.55 -22.83 -9.07
CA ARG A 394 18.87 -24.11 -9.16
C ARG A 394 19.87 -25.25 -9.35
N ILE A 395 20.87 -25.03 -10.21
CA ILE A 395 21.90 -26.05 -10.43
C ILE A 395 22.60 -26.38 -9.12
N LYS A 396 22.97 -25.33 -8.37
CA LYS A 396 23.71 -25.57 -7.13
C LYS A 396 22.87 -26.38 -6.14
N THR A 397 21.63 -25.97 -5.91
CA THR A 397 20.83 -26.68 -4.91
C THR A 397 20.54 -28.11 -5.34
N ALA A 398 20.26 -28.33 -6.63
CA ALA A 398 19.99 -29.68 -7.11
C ALA A 398 21.22 -30.57 -6.95
N VAL A 399 22.40 -30.06 -7.30
CA VAL A 399 23.61 -30.86 -7.16
C VAL A 399 23.88 -31.17 -5.70
N ILE A 400 23.70 -30.18 -4.82
CA ILE A 400 23.93 -30.40 -3.39
C ILE A 400 23.02 -31.51 -2.87
N GLY A 401 21.72 -31.42 -3.18
CA GLY A 401 20.79 -32.42 -2.70
C GLY A 401 21.10 -33.81 -3.26
N ALA A 402 21.42 -33.88 -4.55
CA ALA A 402 21.72 -35.17 -5.15
C ALA A 402 22.95 -35.81 -4.52
N VAL A 403 24.00 -35.01 -4.31
CA VAL A 403 25.21 -35.55 -3.69
C VAL A 403 24.93 -36.03 -2.28
N TYR A 404 24.18 -35.25 -1.51
CA TYR A 404 23.87 -35.67 -0.13
C TYR A 404 23.07 -36.96 -0.12
N ARG A 405 22.06 -37.07 -0.98
CA ARG A 405 21.24 -38.28 -1.00
C ARG A 405 22.04 -39.49 -1.49
N LYS A 406 22.96 -39.28 -2.43
CA LYS A 406 23.76 -40.40 -2.94
C LYS A 406 24.83 -40.83 -1.96
N ALA A 407 25.30 -39.93 -1.10
CA ALA A 407 26.47 -40.21 -0.28
C ALA A 407 26.18 -41.18 0.86
N LEU A 408 25.05 -41.03 1.54
CA LEU A 408 24.91 -41.62 2.87
C LEU A 408 24.35 -43.04 2.87
N VAL A 409 23.96 -43.60 1.72
CA VAL A 409 23.43 -44.97 1.72
C VAL A 409 24.06 -45.84 0.64
N ILE A 410 25.05 -45.32 -0.08
CA ILE A 410 25.80 -46.10 -1.07
C ILE A 410 27.24 -46.25 -0.59
N THR A 411 28.07 -46.90 -1.39
CA THR A 411 29.50 -47.17 -1.15
C THR A 411 29.78 -47.64 0.27
N ASN A 412 29.21 -48.80 0.60
CA ASN A 412 29.52 -49.50 1.84
C ASN A 412 30.83 -50.26 1.66
N SER A 413 31.84 -49.89 2.46
CA SER A 413 33.17 -50.50 2.45
C SER A 413 33.86 -50.41 1.08
N ALA A 414 33.38 -49.55 0.19
CA ALA A 414 33.96 -49.36 -1.13
C ALA A 414 34.49 -47.93 -1.28
N ARG A 415 35.11 -47.41 -0.23
CA ARG A 415 35.66 -46.06 -0.22
C ARG A 415 37.15 -46.16 0.10
N LYS A 416 37.99 -45.86 -0.89
CA LYS A 416 39.43 -45.89 -0.71
C LYS A 416 40.02 -44.51 -0.45
N SER A 417 39.30 -43.44 -0.76
CA SER A 417 39.76 -42.09 -0.46
C SER A 417 39.42 -41.72 0.98
N SER A 418 40.09 -40.68 1.47
CA SER A 418 39.83 -40.20 2.81
C SER A 418 38.47 -39.53 2.89
N THR A 419 37.94 -39.46 4.12
CA THR A 419 36.63 -38.85 4.34
C THR A 419 36.65 -37.33 4.25
N VAL A 420 37.82 -36.72 4.16
CA VAL A 420 37.95 -35.26 4.15
C VAL A 420 38.84 -34.86 2.98
N GLY A 421 38.46 -33.79 2.29
CA GLY A 421 39.24 -33.24 1.21
C GLY A 421 38.90 -33.74 -0.17
N GLU A 422 38.01 -34.72 -0.29
CA GLU A 422 37.59 -35.23 -1.59
C GLU A 422 36.09 -35.42 -1.74
N ILE A 423 35.31 -35.32 -0.66
CA ILE A 423 33.86 -35.45 -0.75
C ILE A 423 33.23 -34.13 -0.31
N VAL A 424 33.53 -33.70 0.92
CA VAL A 424 33.08 -32.40 1.38
C VAL A 424 33.70 -31.29 0.54
N ASN A 425 35.00 -31.42 0.24
CA ASN A 425 35.64 -30.49 -0.67
C ASN A 425 34.99 -30.55 -2.05
N LEU A 426 34.69 -31.74 -2.54
CA LEU A 426 33.95 -31.88 -3.79
C LEU A 426 32.62 -31.14 -3.70
N MET A 427 31.85 -31.41 -2.64
CA MET A 427 30.58 -30.73 -2.43
C MET A 427 30.73 -29.22 -2.57
N SER A 428 31.55 -28.63 -1.70
CA SER A 428 31.68 -27.18 -1.65
C SER A 428 32.16 -26.62 -2.98
N VAL A 429 33.35 -27.05 -3.42
CA VAL A 429 33.98 -26.44 -4.58
C VAL A 429 33.14 -26.66 -5.83
N ASP A 430 32.65 -27.89 -6.03
CA ASP A 430 31.87 -28.19 -7.22
C ASP A 430 30.56 -27.42 -7.25
N ALA A 431 29.81 -27.43 -6.16
CA ALA A 431 28.53 -26.72 -6.16
C ALA A 431 28.72 -25.22 -6.30
N GLN A 432 29.82 -24.68 -5.76
CA GLN A 432 30.07 -23.25 -5.90
C GLN A 432 30.68 -22.89 -7.26
N ARG A 433 31.19 -23.88 -7.99
CA ARG A 433 31.74 -23.64 -9.31
C ARG A 433 30.73 -23.81 -10.43
N PHE A 434 29.53 -24.30 -10.11
CA PHE A 434 28.49 -24.49 -11.11
C PHE A 434 27.52 -23.32 -11.20
N MET A 435 27.77 -22.25 -10.45
CA MET A 435 27.00 -21.02 -10.56
C MET A 435 27.67 -20.00 -11.48
N ASP A 436 29.00 -19.92 -11.45
CA ASP A 436 29.71 -19.01 -12.35
C ASP A 436 29.62 -19.50 -13.79
N LEU A 437 29.60 -20.81 -14.00
CA LEU A 437 29.42 -21.34 -15.35
C LEU A 437 28.09 -20.91 -15.94
N ALA A 438 27.08 -20.71 -15.11
CA ALA A 438 25.80 -20.23 -15.62
C ALA A 438 25.97 -18.88 -16.32
N THR A 439 26.77 -17.99 -15.72
CA THR A 439 27.02 -16.69 -16.35
C THR A 439 28.00 -16.77 -17.50
N TYR A 440 29.00 -17.66 -17.42
CA TYR A 440 30.05 -17.70 -18.42
C TYR A 440 29.73 -18.58 -19.63
N ILE A 441 28.64 -19.34 -19.58
CA ILE A 441 28.34 -20.24 -20.69
C ILE A 441 27.86 -19.47 -21.93
N ASN A 442 27.10 -18.40 -21.75
CA ASN A 442 26.60 -17.66 -22.90
C ASN A 442 27.66 -16.81 -23.58
N MET A 443 28.77 -16.53 -22.89
CA MET A 443 29.81 -15.71 -23.50
C MET A 443 30.48 -16.42 -24.66
N ILE A 444 30.52 -17.76 -24.62
CA ILE A 444 31.18 -18.51 -25.69
C ILE A 444 30.42 -18.39 -27.00
N TRP A 445 29.08 -18.23 -26.93
CA TRP A 445 28.33 -18.02 -28.16
C TRP A 445 28.20 -16.54 -28.47
N SER A 446 28.30 -15.68 -27.46
CA SER A 446 28.14 -14.24 -27.68
C SER A 446 29.35 -13.64 -28.37
N ALA A 447 30.53 -13.89 -27.81
CA ALA A 447 31.76 -13.25 -28.33
C ALA A 447 31.77 -13.21 -29.87
N PRO A 448 31.70 -14.33 -30.61
CA PRO A 448 31.78 -14.27 -32.07
C PRO A 448 30.81 -13.22 -32.62
N LEU A 449 29.52 -13.38 -32.36
CA LEU A 449 28.51 -12.44 -32.93
C LEU A 449 29.02 -11.00 -32.77
N GLN A 450 29.55 -10.66 -31.60
CA GLN A 450 29.96 -9.28 -31.35
C GLN A 450 31.22 -8.93 -32.12
N VAL A 451 32.23 -9.80 -32.08
CA VAL A 451 33.51 -9.44 -32.67
C VAL A 451 33.41 -9.37 -34.19
N ILE A 452 32.73 -10.34 -34.81
CA ILE A 452 32.61 -10.32 -36.27
C ILE A 452 31.71 -9.18 -36.74
N LEU A 453 30.65 -8.86 -35.98
CA LEU A 453 29.80 -7.76 -36.39
C LEU A 453 30.50 -6.42 -36.24
N ALA A 454 31.28 -6.26 -35.17
CA ALA A 454 32.07 -5.04 -35.00
C ALA A 454 33.11 -4.92 -36.11
N LEU A 455 33.76 -6.03 -36.47
CA LEU A 455 34.72 -6.00 -37.57
C LEU A 455 34.05 -5.63 -38.88
N TYR A 456 32.86 -6.20 -39.13
CA TYR A 456 32.11 -5.85 -40.35
C TYR A 456 31.82 -4.36 -40.38
N LEU A 457 31.29 -3.81 -39.29
CA LEU A 457 30.92 -2.40 -39.27
C LEU A 457 32.14 -1.51 -39.44
N LEU A 458 33.24 -1.82 -38.75
CA LEU A 458 34.44 -1.00 -38.88
C LEU A 458 35.03 -1.09 -40.29
N TRP A 459 35.03 -2.27 -40.88
CA TRP A 459 35.57 -2.42 -42.23
C TRP A 459 34.70 -1.68 -43.25
N LEU A 460 33.38 -1.76 -43.10
CA LEU A 460 32.48 -0.97 -43.95
C LEU A 460 32.72 0.52 -43.74
N ASN A 461 33.14 0.92 -42.54
CA ASN A 461 33.45 2.32 -42.30
C ASN A 461 34.79 2.71 -42.94
N LEU A 462 35.87 2.07 -42.52
CA LEU A 462 37.22 2.49 -42.90
C LEU A 462 37.78 1.73 -44.10
N GLY A 463 37.94 0.42 -43.98
CA GLY A 463 38.52 -0.37 -45.05
C GLY A 463 40.00 -0.64 -44.85
N PRO A 464 40.84 -0.14 -45.75
CA PRO A 464 42.29 -0.20 -45.49
C PRO A 464 42.68 0.54 -44.24
N SER A 465 41.98 1.62 -43.91
CA SER A 465 42.23 2.32 -42.66
C SER A 465 41.98 1.41 -41.46
N VAL A 466 40.90 0.61 -41.51
CA VAL A 466 40.69 -0.35 -40.43
C VAL A 466 41.57 -1.59 -40.59
N LEU A 467 42.19 -1.78 -41.75
CA LEU A 467 43.26 -2.77 -41.84
C LEU A 467 44.45 -2.34 -40.99
N ALA A 468 44.86 -1.08 -41.13
CA ALA A 468 45.83 -0.53 -40.18
C ALA A 468 45.27 -0.53 -38.76
N GLY A 469 43.95 -0.39 -38.63
CA GLY A 469 43.34 -0.48 -37.32
C GLY A 469 43.57 -1.84 -36.67
N VAL A 470 43.31 -2.91 -37.42
CA VAL A 470 43.54 -4.23 -36.83
C VAL A 470 45.03 -4.45 -36.61
N ALA A 471 45.87 -3.85 -37.46
CA ALA A 471 47.31 -3.89 -37.22
C ALA A 471 47.67 -3.20 -35.90
N VAL A 472 46.84 -2.26 -35.44
CA VAL A 472 47.13 -1.60 -34.16
C VAL A 472 46.48 -2.34 -33.00
N MET A 473 45.26 -2.84 -33.18
CA MET A 473 44.64 -3.71 -32.18
C MET A 473 45.45 -4.97 -31.90
N VAL A 474 46.25 -5.45 -32.84
CA VAL A 474 47.08 -6.63 -32.56
C VAL A 474 48.27 -6.22 -31.70
N LEU A 475 48.35 -4.94 -31.33
CA LEU A 475 49.31 -4.51 -30.32
C LEU A 475 48.75 -4.64 -28.91
N MET A 476 47.47 -4.33 -28.71
CA MET A 476 46.83 -4.56 -27.43
C MET A 476 46.31 -5.98 -27.27
N VAL A 477 46.30 -6.76 -28.36
CA VAL A 477 45.96 -8.19 -28.24
C VAL A 477 46.88 -8.90 -27.26
N PRO A 478 48.21 -8.70 -27.28
CA PRO A 478 49.02 -9.23 -26.17
C PRO A 478 48.63 -8.67 -24.82
N VAL A 479 48.18 -7.42 -24.77
CA VAL A 479 47.77 -6.80 -23.51
C VAL A 479 46.47 -7.41 -23.02
N SER A 546 52.89 -1.60 -11.23
CA SER A 546 51.73 -1.97 -12.03
C SER A 546 50.76 -0.80 -12.14
N ALA A 547 51.01 0.25 -11.35
CA ALA A 547 50.16 1.43 -11.43
C ALA A 547 50.24 2.09 -12.79
N VAL A 548 51.44 2.14 -13.37
CA VAL A 548 51.59 2.65 -14.73
C VAL A 548 50.81 1.78 -15.71
N GLY A 549 50.78 0.48 -15.47
CA GLY A 549 49.97 -0.41 -16.28
C GLY A 549 48.49 -0.09 -16.20
N THR A 550 47.99 0.18 -14.98
CA THR A 550 46.58 0.55 -14.82
C THR A 550 46.27 1.88 -15.51
N PHE A 551 47.19 2.85 -15.42
CA PHE A 551 46.95 4.14 -16.05
C PHE A 551 46.97 4.01 -17.57
N THR A 552 47.87 3.19 -18.11
CA THR A 552 47.85 2.92 -19.54
C THR A 552 46.57 2.20 -19.95
N TRP A 553 46.08 1.30 -19.11
CA TRP A 553 44.80 0.64 -19.38
C TRP A 553 43.67 1.66 -19.44
N VAL A 554 43.67 2.62 -18.50
CA VAL A 554 42.65 3.67 -18.49
C VAL A 554 42.75 4.53 -19.75
N CYS A 555 43.97 4.88 -20.15
CA CYS A 555 44.18 5.76 -21.30
C CYS A 555 44.16 5.01 -22.63
N THR A 556 43.98 3.70 -22.61
CA THR A 556 43.97 2.91 -23.84
C THR A 556 43.03 3.42 -24.92
N PRO A 557 41.77 3.80 -24.63
CA PRO A 557 40.94 4.36 -25.71
C PRO A 557 41.55 5.60 -26.35
N PHE A 558 42.16 6.48 -25.56
CA PHE A 558 42.79 7.67 -26.12
C PHE A 558 43.98 7.30 -27.01
N LEU A 559 44.82 6.38 -26.54
CA LEU A 559 45.97 5.96 -27.32
C LEU A 559 45.53 5.30 -28.63
N VAL A 560 44.51 4.46 -28.57
CA VAL A 560 44.05 3.76 -29.77
C VAL A 560 43.43 4.75 -30.76
N ALA A 561 42.67 5.73 -30.26
CA ALA A 561 42.11 6.74 -31.14
C ALA A 561 43.21 7.57 -31.79
N LEU A 562 44.22 7.97 -31.00
CA LEU A 562 45.32 8.75 -31.54
C LEU A 562 46.07 7.98 -32.61
N CYS A 563 46.39 6.71 -32.34
CA CYS A 563 47.11 5.90 -33.32
C CYS A 563 46.29 5.71 -34.59
N THR A 564 45.01 5.39 -34.44
CA THR A 564 44.16 5.16 -35.61
C THR A 564 44.05 6.42 -36.47
N PHE A 565 43.81 7.57 -35.82
CA PHE A 565 43.66 8.80 -36.59
C PHE A 565 44.98 9.23 -37.23
N ALA A 566 46.10 9.06 -36.51
CA ALA A 566 47.40 9.42 -37.08
C ALA A 566 47.70 8.58 -38.31
N VAL A 567 47.49 7.26 -38.22
CA VAL A 567 47.75 6.40 -39.37
C VAL A 567 46.79 6.71 -40.51
N TYR A 568 45.51 6.98 -40.18
CA TYR A 568 44.52 7.28 -41.20
C TYR A 568 44.89 8.54 -41.96
N VAL A 569 45.35 9.58 -41.25
CA VAL A 569 45.70 10.83 -41.92
C VAL A 569 47.09 10.80 -42.53
N THR A 570 47.93 9.84 -42.15
CA THR A 570 49.29 9.78 -42.68
C THR A 570 49.40 8.90 -43.92
N ILE A 571 48.78 7.72 -43.90
CA ILE A 571 48.95 6.78 -45.01
C ILE A 571 48.03 7.09 -46.18
N ASP A 572 46.92 7.80 -45.95
CA ASP A 572 45.98 8.12 -47.02
C ASP A 572 46.22 9.50 -47.62
N GLU A 573 46.14 10.55 -46.81
CA GLU A 573 46.28 11.94 -47.22
C GLU A 573 45.26 12.36 -48.28
N ASN A 574 44.26 11.53 -48.54
CA ASN A 574 43.19 11.89 -49.47
C ASN A 574 41.79 11.74 -48.85
N ASN A 575 41.71 11.26 -47.61
CA ASN A 575 40.44 11.14 -46.90
C ASN A 575 40.47 12.05 -45.68
N ILE A 576 39.36 12.74 -45.44
CA ILE A 576 39.27 13.76 -44.40
C ILE A 576 38.70 13.14 -43.14
N LEU A 577 39.15 13.64 -41.99
CA LEU A 577 38.60 13.24 -40.70
C LEU A 577 37.23 13.86 -40.50
N ASP A 578 36.18 13.13 -40.88
CA ASP A 578 34.83 13.63 -40.78
C ASP A 578 34.34 13.56 -39.32
N ALA A 579 33.10 14.00 -39.11
CA ALA A 579 32.48 13.90 -37.79
C ALA A 579 31.75 12.56 -37.61
N GLN A 580 31.24 11.99 -38.70
CA GLN A 580 30.52 10.72 -38.59
C GLN A 580 31.47 9.57 -38.27
N THR A 581 32.42 9.32 -39.18
CA THR A 581 33.26 8.12 -39.06
C THR A 581 34.07 8.13 -37.77
N ALA A 582 34.48 9.31 -37.32
CA ALA A 582 35.28 9.40 -36.09
C ALA A 582 34.48 8.90 -34.90
N PHE A 583 33.37 9.56 -34.58
CA PHE A 583 32.60 9.19 -33.40
C PHE A 583 32.01 7.80 -33.54
N VAL A 584 31.73 7.35 -34.77
CA VAL A 584 31.34 5.97 -34.98
C VAL A 584 32.47 5.04 -34.54
N SER A 585 33.72 5.37 -34.89
CA SER A 585 34.85 4.55 -34.50
C SER A 585 35.03 4.52 -33.00
N LEU A 586 34.87 5.68 -32.36
CA LEU A 586 35.01 5.76 -30.88
C LEU A 586 33.94 4.85 -30.26
N ALA A 587 32.68 4.98 -30.70
CA ALA A 587 31.59 4.19 -30.11
C ALA A 587 31.82 2.70 -30.34
N LEU A 588 32.23 2.31 -31.54
CA LEU A 588 32.44 0.90 -31.84
C LEU A 588 33.60 0.33 -31.04
N PHE A 589 34.67 1.11 -30.86
CA PHE A 589 35.79 0.64 -30.06
C PHE A 589 35.41 0.50 -28.60
N ASN A 590 34.61 1.44 -28.07
CA ASN A 590 34.13 1.31 -26.70
C ASN A 590 33.27 0.06 -26.54
N ILE A 591 32.44 -0.24 -27.55
CA ILE A 591 31.64 -1.45 -27.49
C ILE A 591 32.53 -2.69 -27.53
N LEU A 592 33.53 -2.70 -28.41
CA LEU A 592 34.36 -3.88 -28.64
C LEU A 592 35.38 -4.13 -27.55
N ARG A 593 35.69 -3.12 -26.74
CA ARG A 593 36.73 -3.29 -25.71
C ARG A 593 36.37 -4.40 -24.72
N PHE A 594 35.12 -4.43 -24.26
CA PHE A 594 34.74 -5.39 -23.22
C PHE A 594 34.84 -6.85 -23.68
N PRO A 595 34.28 -7.26 -24.82
CA PRO A 595 34.40 -8.69 -25.20
C PRO A 595 35.83 -9.14 -25.38
N LEU A 596 36.73 -8.26 -25.83
CA LEU A 596 38.13 -8.65 -25.97
C LEU A 596 38.72 -9.05 -24.62
N ASN A 597 38.42 -8.29 -23.57
CA ASN A 597 38.92 -8.62 -22.25
C ASN A 597 38.17 -9.79 -21.62
N ILE A 598 36.91 -9.99 -22.00
CA ILE A 598 36.10 -11.03 -21.37
C ILE A 598 36.30 -12.40 -21.98
N LEU A 599 36.70 -12.48 -23.26
CA LEU A 599 36.96 -13.79 -23.86
C LEU A 599 38.00 -14.61 -23.10
N PRO A 600 39.12 -14.06 -22.64
CA PRO A 600 39.97 -14.84 -21.72
C PRO A 600 39.28 -15.07 -20.39
N MET A 601 39.77 -16.08 -19.68
CA MET A 601 39.25 -16.53 -18.38
C MET A 601 37.94 -17.28 -18.57
N VAL A 602 37.39 -17.27 -19.79
CA VAL A 602 36.20 -18.05 -20.08
C VAL A 602 36.57 -19.49 -20.40
N ILE A 603 37.59 -19.69 -21.24
CA ILE A 603 38.03 -21.04 -21.55
C ILE A 603 38.62 -21.71 -20.32
N SER A 604 39.31 -20.95 -19.46
CA SER A 604 39.80 -21.50 -18.20
C SER A 604 38.65 -21.93 -17.30
N SER A 605 37.59 -21.11 -17.24
CA SER A 605 36.41 -21.47 -16.47
C SER A 605 35.78 -22.74 -17.02
N ILE A 606 35.71 -22.87 -18.35
CA ILE A 606 35.12 -24.06 -18.96
C ILE A 606 35.96 -25.29 -18.63
N VAL A 607 37.28 -25.17 -18.70
CA VAL A 607 38.15 -26.31 -18.40
C VAL A 607 37.98 -26.73 -16.94
N GLN A 608 37.98 -25.76 -16.03
CA GLN A 608 37.82 -26.06 -14.61
C GLN A 608 36.46 -26.70 -14.34
N ALA A 609 35.41 -26.19 -14.98
CA ALA A 609 34.09 -26.77 -14.79
C ALA A 609 34.01 -28.18 -15.37
N SER A 610 34.70 -28.44 -16.48
CA SER A 610 34.76 -29.79 -17.00
C SER A 610 35.44 -30.73 -16.02
N VAL A 611 36.54 -30.28 -15.41
CA VAL A 611 37.24 -31.10 -14.42
C VAL A 611 36.31 -31.39 -13.24
N SER A 612 35.62 -30.36 -12.76
CA SER A 612 34.70 -30.53 -11.63
C SER A 612 33.57 -31.47 -11.98
N LEU A 613 32.99 -31.32 -13.18
CA LEU A 613 31.92 -32.21 -13.60
C LEU A 613 32.40 -33.65 -13.68
N LYS A 614 33.61 -33.86 -14.19
CA LYS A 614 34.14 -35.23 -14.27
C LYS A 614 34.33 -35.82 -12.88
N ARG A 615 34.89 -35.04 -11.95
CA ARG A 615 35.09 -35.59 -10.61
C ARG A 615 33.77 -35.86 -9.91
N LEU A 616 32.76 -35.00 -10.12
CA LEU A 616 31.45 -35.25 -9.56
C LEU A 616 30.82 -36.50 -10.17
N ARG A 617 31.01 -36.70 -11.47
CA ARG A 617 30.50 -37.90 -12.12
C ARG A 617 31.15 -39.16 -11.57
N ILE A 618 32.47 -39.13 -11.37
CA ILE A 618 33.12 -40.32 -10.82
C ILE A 618 32.68 -40.57 -9.38
N PHE A 619 32.44 -39.52 -8.60
CA PHE A 619 31.93 -39.74 -7.25
C PHE A 619 30.52 -40.34 -7.28
N LEU A 620 29.65 -39.79 -8.12
CA LEU A 620 28.28 -40.28 -8.18
C LEU A 620 28.21 -41.69 -8.74
N SER A 621 29.14 -42.07 -9.61
CA SER A 621 29.16 -43.40 -10.20
C SER A 621 29.82 -44.44 -9.30
N HIS A 622 30.33 -44.04 -8.13
CA HIS A 622 30.83 -44.98 -7.14
C HIS A 622 29.67 -45.65 -6.41
N GLU A 623 28.85 -46.34 -7.19
CA GLU A 623 27.63 -46.99 -6.69
C GLU A 623 27.97 -48.43 -6.33
N GLU A 624 28.07 -48.70 -5.03
CA GLU A 624 28.29 -50.06 -4.51
C GLU A 624 27.26 -50.29 -3.41
N LEU A 625 26.07 -50.74 -3.80
CA LEU A 625 25.02 -51.08 -2.85
C LEU A 625 25.22 -52.53 -2.40
N GLU A 626 26.27 -52.72 -1.60
CA GLU A 626 26.59 -54.05 -1.08
C GLU A 626 25.48 -54.66 -0.25
N PRO A 627 24.85 -53.95 0.75
CA PRO A 627 23.82 -54.59 1.59
C PRO A 627 22.44 -54.65 0.96
N ASP A 628 22.37 -55.14 -0.27
CA ASP A 628 21.08 -55.40 -0.91
C ASP A 628 20.32 -56.45 -0.14
N SER A 629 20.84 -57.68 -0.14
CA SER A 629 20.32 -58.77 0.67
C SER A 629 21.29 -59.95 0.65
N ILE A 630 21.69 -60.42 1.83
CA ILE A 630 22.60 -61.57 1.92
C ILE A 630 22.01 -62.61 2.85
N GLU A 631 21.70 -62.21 4.09
CA GLU A 631 21.16 -63.11 5.08
C GLU A 631 19.64 -62.99 5.15
N ARG A 632 19.03 -63.78 6.02
CA ARG A 632 17.59 -63.72 6.20
C ARG A 632 17.21 -62.46 6.99
N ARG A 633 15.96 -62.05 6.82
CA ARG A 633 15.50 -60.82 7.46
C ARG A 633 15.48 -60.99 8.97
N PRO A 634 16.13 -60.11 9.73
CA PRO A 634 16.20 -60.30 11.20
C PRO A 634 14.86 -60.14 11.90
N VAL A 635 14.16 -59.03 11.63
CA VAL A 635 12.97 -58.69 12.40
C VAL A 635 11.74 -58.69 11.52
N LYS A 636 11.73 -59.56 10.51
CA LYS A 636 10.55 -59.68 9.65
C LYS A 636 9.34 -60.16 10.44
N ASP A 637 9.51 -61.20 11.25
CA ASP A 637 8.46 -61.74 12.09
C ASP A 637 8.74 -61.41 13.55
N GLY A 638 7.90 -61.93 14.45
CA GLY A 638 8.07 -61.69 15.87
C GLY A 638 8.03 -62.97 16.69
N GLY A 639 8.54 -64.06 16.13
CA GLY A 639 8.54 -65.33 16.82
C GLY A 639 9.75 -66.16 16.46
N GLY A 640 10.02 -67.14 17.30
CA GLY A 640 11.15 -68.03 17.11
C GLY A 640 11.87 -68.26 18.43
N THR A 641 12.57 -69.40 18.52
CA THR A 641 13.34 -69.76 19.70
C THR A 641 14.86 -69.72 19.48
N ASN A 642 15.32 -70.13 18.30
CA ASN A 642 16.75 -70.10 18.00
C ASN A 642 17.16 -68.68 17.66
N SER A 643 18.08 -68.12 18.45
CA SER A 643 18.51 -66.74 18.25
C SER A 643 19.26 -66.59 16.93
N ILE A 644 20.39 -67.29 16.79
CA ILE A 644 21.21 -67.22 15.61
C ILE A 644 21.42 -68.63 15.07
N THR A 645 21.13 -68.84 13.79
CA THR A 645 21.36 -70.10 13.11
C THR A 645 22.25 -69.84 11.92
N VAL A 646 23.51 -70.27 12.00
CA VAL A 646 24.51 -69.99 10.97
C VAL A 646 25.12 -71.31 10.54
N ARG A 647 25.23 -71.51 9.22
CA ARG A 647 25.84 -72.72 8.67
C ARG A 647 26.62 -72.35 7.42
N ASN A 648 27.87 -72.82 7.35
CA ASN A 648 28.73 -72.67 6.18
C ASN A 648 28.86 -71.21 5.75
N ALA A 649 29.00 -70.32 6.72
CA ALA A 649 29.10 -68.90 6.44
C ALA A 649 30.54 -68.53 6.08
N THR A 650 30.69 -67.82 4.96
CA THR A 650 31.98 -67.33 4.51
C THR A 650 31.87 -65.85 4.20
N PHE A 651 32.75 -65.05 4.80
CA PHE A 651 32.76 -63.61 4.60
C PHE A 651 34.17 -63.16 4.27
N THR A 652 34.28 -62.20 3.34
CA THR A 652 35.57 -61.71 2.88
C THR A 652 35.56 -60.19 2.81
N TRP A 653 36.68 -59.58 3.20
CA TRP A 653 36.78 -58.13 3.17
C TRP A 653 36.75 -57.59 1.74
N ALA A 654 37.46 -58.24 0.83
CA ALA A 654 37.62 -57.75 -0.54
C ALA A 654 37.31 -58.86 -1.53
N ARG A 655 37.08 -58.46 -2.78
CA ARG A 655 36.75 -59.42 -3.83
C ARG A 655 37.91 -60.38 -4.09
N SER A 656 39.13 -59.85 -4.20
CA SER A 656 40.30 -60.67 -4.50
C SER A 656 40.98 -61.25 -3.27
N ASP A 657 40.58 -60.82 -2.08
CA ASP A 657 41.19 -61.34 -0.87
C ASP A 657 40.72 -62.79 -0.63
N PRO A 658 41.62 -63.67 -0.20
CA PRO A 658 41.19 -65.04 0.10
C PRO A 658 40.19 -65.05 1.24
N PRO A 659 39.24 -65.98 1.23
CA PRO A 659 38.25 -66.04 2.31
C PRO A 659 38.91 -66.29 3.66
N THR A 660 38.40 -65.62 4.69
CA THR A 660 38.92 -65.75 6.04
C THR A 660 38.00 -66.51 6.99
N LEU A 661 36.72 -66.63 6.65
CA LEU A 661 35.76 -67.37 7.47
C LEU A 661 35.27 -68.59 6.68
N ASN A 662 35.33 -69.76 7.31
CA ASN A 662 34.91 -70.99 6.67
C ASN A 662 34.47 -71.99 7.72
N GLY A 663 33.47 -72.79 7.39
CA GLY A 663 32.98 -73.79 8.31
C GLY A 663 32.38 -73.23 9.58
N ILE A 664 31.67 -72.10 9.47
CA ILE A 664 31.04 -71.47 10.62
C ILE A 664 29.64 -72.07 10.74
N THR A 665 29.49 -73.01 11.67
CA THR A 665 28.22 -73.73 11.85
C THR A 665 27.97 -73.90 13.34
N PHE A 666 27.08 -73.08 13.89
CA PHE A 666 26.68 -73.20 15.29
C PHE A 666 25.31 -72.55 15.45
N SER A 667 24.67 -72.84 16.58
CA SER A 667 23.35 -72.31 16.88
C SER A 667 23.18 -72.22 18.39
N ILE A 668 22.21 -71.42 18.81
CA ILE A 668 21.91 -71.24 20.23
C ILE A 668 20.45 -70.81 20.38
N PRO A 669 19.77 -71.23 21.43
CA PRO A 669 18.40 -70.78 21.67
C PRO A 669 18.40 -69.40 22.35
N GLU A 670 17.19 -68.88 22.56
CA GLU A 670 17.03 -67.59 23.19
C GLU A 670 17.38 -67.67 24.67
N GLY A 671 17.94 -66.57 25.19
CA GLY A 671 18.29 -66.50 26.60
C GLY A 671 19.39 -67.46 27.00
N ALA A 672 20.40 -67.64 26.15
CA ALA A 672 21.52 -68.51 26.43
C ALA A 672 22.82 -67.72 26.34
N LEU A 673 23.69 -67.90 27.35
CA LEU A 673 24.92 -67.13 27.42
C LEU A 673 26.01 -67.82 26.62
N VAL A 674 26.61 -67.08 25.68
CA VAL A 674 27.69 -67.57 24.85
C VAL A 674 28.83 -66.56 24.88
N ALA A 675 30.05 -67.04 25.05
CA ALA A 675 31.24 -66.21 25.05
C ALA A 675 32.20 -66.72 23.97
N VAL A 676 32.65 -65.82 23.11
CA VAL A 676 33.58 -66.16 22.03
C VAL A 676 34.98 -65.79 22.49
N VAL A 677 35.86 -66.78 22.56
CA VAL A 677 37.22 -66.62 23.06
C VAL A 677 38.19 -66.94 21.93
N GLY A 678 39.11 -66.00 21.67
CA GLY A 678 40.10 -66.20 20.63
C GLY A 678 41.35 -65.39 20.92
N GLN A 679 42.46 -65.86 20.37
CA GLN A 679 43.74 -65.19 20.54
C GLN A 679 43.79 -63.91 19.70
N VAL A 680 44.85 -63.13 19.91
CA VAL A 680 45.04 -61.91 19.15
C VAL A 680 45.33 -62.27 17.70
N GLY A 681 44.58 -61.66 16.78
CA GLY A 681 44.70 -61.98 15.37
C GLY A 681 43.91 -63.18 14.92
N CYS A 682 43.14 -63.81 15.81
CA CYS A 682 42.33 -64.95 15.41
C CYS A 682 41.20 -64.54 14.46
N GLY A 683 40.72 -63.30 14.58
CA GLY A 683 39.67 -62.82 13.71
C GLY A 683 38.43 -62.37 14.44
N LYS A 684 38.59 -61.96 15.70
CA LYS A 684 37.44 -61.50 16.48
C LYS A 684 36.84 -60.23 15.88
N SER A 685 37.68 -59.29 15.44
CA SER A 685 37.16 -58.08 14.80
C SER A 685 36.45 -58.42 13.49
N SER A 686 37.05 -59.31 12.70
CA SER A 686 36.40 -59.72 11.46
C SER A 686 35.10 -60.49 11.74
N LEU A 687 35.10 -61.31 12.80
CA LEU A 687 33.87 -62.01 13.18
C LEU A 687 32.78 -61.02 13.57
N LEU A 688 33.14 -59.96 14.32
CA LEU A 688 32.17 -58.93 14.65
C LEU A 688 31.66 -58.22 13.40
N SER A 689 32.57 -57.90 12.47
CA SER A 689 32.16 -57.23 11.24
C SER A 689 31.21 -58.10 10.42
N ALA A 690 31.48 -59.40 10.35
CA ALA A 690 30.58 -60.30 9.65
C ALA A 690 29.25 -60.47 10.38
N LEU A 691 29.27 -60.44 11.71
CA LEU A 691 28.07 -60.69 12.48
C LEU A 691 27.08 -59.53 12.43
N LEU A 692 27.53 -58.33 12.04
CA LEU A 692 26.63 -57.21 11.86
C LEU A 692 26.08 -57.12 10.45
N ALA A 693 26.37 -58.10 9.61
CA ALA A 693 25.78 -58.25 8.28
C ALA A 693 26.10 -57.05 7.39
N GLU A 694 27.40 -56.86 7.14
CA GLU A 694 27.83 -55.80 6.21
C GLU A 694 28.93 -56.28 5.28
N MET A 695 29.21 -57.58 5.24
CA MET A 695 30.25 -58.13 4.39
C MET A 695 29.63 -59.13 3.42
N ASP A 696 30.27 -59.29 2.27
CA ASP A 696 29.75 -60.18 1.24
C ASP A 696 29.91 -61.63 1.64
N LYS A 697 28.94 -62.46 1.25
CA LYS A 697 28.96 -63.89 1.55
C LYS A 697 28.86 -64.68 0.25
N VAL A 698 29.67 -65.73 0.16
CA VAL A 698 29.67 -66.59 -1.03
C VAL A 698 28.63 -67.70 -0.91
N GLU A 699 28.57 -68.34 0.24
CA GLU A 699 27.64 -69.45 0.45
C GLU A 699 27.31 -69.56 1.94
N GLY A 700 26.26 -70.31 2.24
CA GLY A 700 25.84 -70.55 3.60
C GLY A 700 24.45 -70.01 3.87
N HIS A 701 23.93 -70.39 5.04
CA HIS A 701 22.60 -69.98 5.47
C HIS A 701 22.72 -69.39 6.88
N VAL A 702 22.37 -68.12 7.02
CA VAL A 702 22.43 -67.43 8.30
C VAL A 702 21.08 -66.76 8.55
N ALA A 703 20.52 -66.99 9.73
CA ALA A 703 19.23 -66.42 10.11
C ALA A 703 19.29 -65.97 11.56
N ILE A 704 18.53 -64.91 11.86
CA ILE A 704 18.51 -64.31 13.19
C ILE A 704 17.14 -63.69 13.42
N LYS A 705 16.74 -63.61 14.68
CA LYS A 705 15.40 -63.14 15.04
C LYS A 705 15.47 -62.14 16.19
N GLY A 706 14.90 -60.96 15.97
CA GLY A 706 14.84 -59.94 17.00
C GLY A 706 15.84 -58.82 16.78
N SER A 707 15.59 -57.70 17.46
CA SER A 707 16.40 -56.51 17.33
C SER A 707 17.71 -56.66 18.12
N VAL A 708 18.81 -56.27 17.49
CA VAL A 708 20.15 -56.52 18.00
C VAL A 708 20.73 -55.25 18.59
N ALA A 709 21.39 -55.38 19.75
CA ALA A 709 22.08 -54.26 20.37
C ALA A 709 23.43 -54.07 19.69
N TYR A 710 23.65 -52.87 19.14
CA TYR A 710 24.89 -52.55 18.45
C TYR A 710 25.87 -51.91 19.43
N VAL A 711 27.05 -52.50 19.56
CA VAL A 711 28.06 -52.01 20.50
C VAL A 711 29.33 -51.66 19.72
N PRO A 712 29.43 -50.43 19.20
CA PRO A 712 30.67 -50.05 18.49
C PRO A 712 31.74 -49.54 19.43
N GLN A 713 32.92 -50.16 19.39
CA GLN A 713 34.03 -49.68 20.21
C GLN A 713 34.54 -48.33 19.73
N GLN A 714 34.23 -47.93 18.50
CA GLN A 714 34.53 -46.60 18.01
C GLN A 714 33.37 -45.68 18.36
N ALA A 715 33.70 -44.44 18.72
CA ALA A 715 32.72 -43.48 19.24
C ALA A 715 32.43 -42.41 18.20
N TRP A 716 31.14 -42.11 18.00
CA TRP A 716 30.70 -41.02 17.15
C TRP A 716 29.78 -40.13 17.96
N ILE A 717 30.12 -38.84 18.05
CA ILE A 717 29.34 -37.86 18.78
C ILE A 717 29.19 -36.62 17.90
N GLN A 718 27.96 -36.15 17.76
CA GLN A 718 27.68 -34.95 16.98
C GLN A 718 27.56 -33.75 17.89
N ASN A 719 28.13 -32.62 17.46
CA ASN A 719 28.15 -31.41 18.27
C ASN A 719 26.74 -30.90 18.48
N ASP A 720 26.21 -31.09 19.68
CA ASP A 720 24.87 -30.69 20.06
C ASP A 720 24.77 -30.78 21.58
N SER A 721 23.57 -30.56 22.11
CA SER A 721 23.36 -30.71 23.54
C SER A 721 23.50 -32.16 23.95
N LEU A 722 23.91 -32.37 25.21
CA LEU A 722 24.10 -33.72 25.73
C LEU A 722 22.82 -34.52 25.63
N ARG A 723 21.70 -33.93 26.08
CA ARG A 723 20.43 -34.64 26.05
C ARG A 723 19.98 -34.95 24.62
N GLU A 724 20.30 -34.07 23.67
CA GLU A 724 19.96 -34.35 22.28
C GLU A 724 20.68 -35.60 21.79
N ASN A 725 21.95 -35.76 22.16
CA ASN A 725 22.66 -36.99 21.85
C ASN A 725 22.03 -38.18 22.59
N ILE A 726 21.59 -37.97 23.82
CA ILE A 726 21.00 -39.06 24.61
C ILE A 726 19.76 -39.59 23.92
N LEU A 727 18.87 -38.70 23.49
CA LEU A 727 17.61 -39.14 22.91
C LEU A 727 17.78 -39.67 21.49
N PHE A 728 18.70 -39.10 20.73
CA PHE A 728 18.89 -39.42 19.31
C PHE A 728 17.63 -39.14 18.48
N GLY A 729 16.71 -38.34 19.02
CA GLY A 729 15.46 -38.03 18.37
C GLY A 729 14.22 -38.45 19.15
N CYS A 730 14.37 -39.16 20.27
CA CYS A 730 13.25 -39.64 21.04
C CYS A 730 12.95 -38.67 22.19
N GLN A 731 12.08 -39.08 23.11
CA GLN A 731 11.69 -38.26 24.25
C GLN A 731 12.24 -38.87 25.54
N LEU A 732 11.93 -38.20 26.65
CA LEU A 732 12.39 -38.59 27.98
C LEU A 732 11.23 -38.84 28.93
N GLU A 733 10.10 -39.32 28.41
CA GLU A 733 8.94 -39.58 29.25
C GLU A 733 9.19 -40.71 30.23
N GLU A 734 9.71 -41.84 29.74
CA GLU A 734 9.92 -43.00 30.59
C GLU A 734 11.00 -42.72 31.64
N PRO A 735 10.85 -43.28 32.84
CA PRO A 735 11.91 -43.16 33.86
C PRO A 735 13.07 -44.12 33.65
N TYR A 736 13.09 -44.85 32.54
CA TYR A 736 14.15 -45.82 32.30
C TYR A 736 15.52 -45.17 32.17
N TYR A 737 15.58 -43.88 31.82
CA TYR A 737 16.86 -43.19 31.75
C TYR A 737 17.50 -43.12 33.12
N ARG A 738 16.72 -42.85 34.17
CA ARG A 738 17.26 -42.86 35.53
C ARG A 738 17.72 -44.25 35.92
N SER A 739 16.97 -45.29 35.52
CA SER A 739 17.34 -46.65 35.85
C SER A 739 18.67 -47.03 35.22
N VAL A 740 18.88 -46.63 33.96
CA VAL A 740 20.15 -46.96 33.30
C VAL A 740 21.28 -46.04 33.76
N ILE A 741 20.96 -44.83 34.24
CA ILE A 741 21.98 -44.00 34.87
C ILE A 741 22.48 -44.66 36.16
N GLN A 742 21.55 -45.16 36.98
CA GLN A 742 21.95 -45.81 38.23
C GLN A 742 22.65 -47.14 37.97
N ALA A 743 22.12 -47.96 37.08
CA ALA A 743 22.72 -49.28 36.83
C ALA A 743 24.12 -49.15 36.25
N CYS A 744 24.31 -48.24 35.30
CA CYS A 744 25.62 -48.06 34.68
C CYS A 744 26.53 -47.18 35.51
N ALA A 745 26.10 -46.74 36.68
CA ALA A 745 26.90 -45.90 37.58
C ALA A 745 27.35 -44.61 36.90
N LEU A 746 26.41 -43.98 36.19
CA LEU A 746 26.68 -42.74 35.48
C LEU A 746 26.39 -41.51 36.33
N LEU A 747 25.88 -41.69 37.56
CA LEU A 747 25.62 -40.54 38.43
C LEU A 747 26.88 -39.74 38.76
N PRO A 748 28.01 -40.35 39.15
CA PRO A 748 29.23 -39.56 39.33
C PRO A 748 29.67 -38.84 38.06
N ASP A 749 29.45 -39.45 36.90
CA ASP A 749 29.77 -38.77 35.64
C ASP A 749 28.90 -37.54 35.44
N LEU A 750 27.60 -37.66 35.74
CA LEU A 750 26.69 -36.53 35.55
C LEU A 750 26.96 -35.41 36.55
N GLU A 751 27.32 -35.78 37.79
CA GLU A 751 27.49 -34.76 38.82
C GLU A 751 28.64 -33.80 38.50
N ILE A 752 29.75 -34.34 37.96
CA ILE A 752 30.91 -33.50 37.67
C ILE A 752 30.76 -32.66 36.41
N LEU A 753 29.67 -32.84 35.67
CA LEU A 753 29.49 -32.07 34.45
C LEU A 753 29.26 -30.59 34.75
N PRO A 754 29.74 -29.70 33.89
CA PRO A 754 29.58 -28.26 34.16
C PRO A 754 28.14 -27.81 34.27
N SER A 755 27.22 -28.40 33.50
CA SER A 755 25.82 -28.02 33.54
C SER A 755 24.90 -29.23 33.56
N GLY A 756 25.35 -30.32 34.16
CA GLY A 756 24.56 -31.55 34.15
C GLY A 756 24.38 -32.06 32.73
N ASP A 757 23.15 -32.44 32.40
CA ASP A 757 22.82 -32.95 31.07
C ASP A 757 22.64 -31.84 30.04
N ARG A 758 23.08 -30.61 30.34
CA ARG A 758 22.96 -29.49 29.42
C ARG A 758 24.29 -29.03 28.86
N THR A 759 25.40 -29.43 29.46
CA THR A 759 26.72 -29.01 28.97
C THR A 759 26.94 -29.53 27.55
N GLU A 760 27.68 -28.74 26.76
CA GLU A 760 27.89 -29.06 25.36
C GLU A 760 28.87 -30.22 25.20
N ILE A 761 28.34 -31.43 25.12
CA ILE A 761 29.17 -32.63 24.94
C ILE A 761 29.60 -32.72 23.49
N GLY A 762 30.61 -33.54 23.21
CA GLY A 762 31.09 -33.70 21.86
C GLY A 762 31.96 -32.54 21.41
N GLU A 763 32.08 -32.42 20.10
CA GLU A 763 32.89 -31.36 19.52
C GLU A 763 32.21 -30.00 19.72
N LYS A 764 32.97 -28.93 19.49
CA LYS A 764 32.55 -27.57 19.84
C LYS A 764 32.14 -27.50 21.31
N GLY A 765 32.90 -28.16 22.16
CA GLY A 765 32.55 -28.20 23.56
C GLY A 765 33.62 -28.87 24.40
N VAL A 766 33.22 -29.32 25.58
CA VAL A 766 34.14 -29.96 26.50
C VAL A 766 34.60 -31.30 25.94
N ASN A 767 35.68 -31.81 26.52
CA ASN A 767 36.26 -33.09 26.13
C ASN A 767 36.08 -34.11 27.26
N LEU A 768 35.89 -35.37 26.87
CA LEU A 768 35.66 -36.45 27.81
C LEU A 768 36.59 -37.62 27.49
N SER A 769 36.92 -38.39 28.52
CA SER A 769 37.81 -39.52 28.38
C SER A 769 37.12 -40.65 27.61
N GLY A 770 37.92 -41.64 27.22
CA GLY A 770 37.37 -42.78 26.49
C GLY A 770 36.38 -43.58 27.30
N GLY A 771 36.63 -43.72 28.61
CA GLY A 771 35.70 -44.45 29.45
C GLY A 771 34.35 -43.80 29.56
N GLN A 772 34.32 -42.47 29.69
CA GLN A 772 33.05 -41.76 29.75
C GLN A 772 32.27 -41.92 28.45
N LYS A 773 32.96 -41.84 27.31
CA LYS A 773 32.28 -42.03 26.03
C LYS A 773 31.78 -43.45 25.87
N GLN A 774 32.56 -44.42 26.36
CA GLN A 774 32.11 -45.81 26.33
C GLN A 774 30.85 -46.00 27.17
N ARG A 775 30.82 -45.38 28.35
CA ARG A 775 29.62 -45.47 29.19
C ARG A 775 28.43 -44.79 28.52
N VAL A 776 28.66 -43.66 27.86
CA VAL A 776 27.59 -42.99 27.13
C VAL A 776 27.06 -43.89 26.02
N SER A 777 27.97 -44.54 25.29
CA SER A 777 27.55 -45.44 24.21
C SER A 777 26.78 -46.64 24.76
N LEU A 778 27.19 -47.16 25.92
CA LEU A 778 26.43 -48.24 26.54
C LEU A 778 25.03 -47.75 26.94
N ALA A 779 24.93 -46.50 27.40
CA ALA A 779 23.62 -45.93 27.70
C ALA A 779 22.76 -45.85 26.44
N ARG A 780 23.36 -45.46 25.31
CA ARG A 780 22.62 -45.47 24.05
C ARG A 780 22.17 -46.89 23.70
N ALA A 781 23.05 -47.87 23.91
CA ALA A 781 22.73 -49.25 23.58
C ALA A 781 21.55 -49.75 24.40
N VAL A 782 21.54 -49.45 25.70
CA VAL A 782 20.40 -49.86 26.53
C VAL A 782 19.17 -49.01 26.27
N TYR A 783 19.34 -47.81 25.71
CA TYR A 783 18.19 -47.02 25.28
C TYR A 783 17.59 -47.57 23.99
N SER A 784 18.40 -48.28 23.19
CA SER A 784 17.94 -48.75 21.88
C SER A 784 16.83 -49.79 21.98
N ASN A 785 16.63 -50.40 23.15
CA ASN A 785 15.57 -51.39 23.36
C ASN A 785 15.74 -52.58 22.41
N ALA A 786 16.83 -53.31 22.59
CA ALA A 786 17.16 -54.45 21.76
C ALA A 786 16.76 -55.76 22.45
N ASP A 787 16.87 -56.86 21.70
CA ASP A 787 16.55 -58.18 22.20
C ASP A 787 17.78 -59.10 22.22
N ILE A 788 18.50 -59.19 21.12
CA ILE A 788 19.76 -59.93 21.07
C ILE A 788 20.88 -59.00 21.47
N TYR A 789 21.68 -59.40 22.46
CA TYR A 789 22.73 -58.56 23.00
C TYR A 789 24.08 -59.16 22.63
N LEU A 790 24.91 -58.37 21.95
CA LEU A 790 26.26 -58.75 21.58
C LEU A 790 27.23 -57.79 22.25
N PHE A 791 28.39 -58.30 22.66
CA PHE A 791 29.38 -57.51 23.39
C PHE A 791 30.76 -57.79 22.82
N ASP A 792 31.49 -56.71 22.51
CA ASP A 792 32.87 -56.80 22.03
C ASP A 792 33.73 -55.86 22.88
N ASP A 793 34.14 -56.35 24.05
CA ASP A 793 34.97 -55.67 25.04
C ASP A 793 34.76 -54.15 25.08
N PRO A 794 33.53 -53.68 25.29
CA PRO A 794 33.33 -52.22 25.33
C PRO A 794 33.94 -51.56 26.55
N LEU A 795 34.28 -52.32 27.58
CA LEU A 795 34.87 -51.79 28.81
C LEU A 795 36.38 -51.99 28.86
N SER A 796 37.06 -51.90 27.71
CA SER A 796 38.50 -52.12 27.67
C SER A 796 39.26 -51.06 28.46
N ALA A 797 38.81 -49.81 28.42
CA ALA A 797 39.50 -48.71 29.06
C ALA A 797 38.90 -48.34 30.41
N VAL A 798 37.97 -49.13 30.92
CA VAL A 798 37.32 -48.87 32.20
C VAL A 798 38.11 -49.56 33.32
N ASP A 799 38.02 -49.01 34.52
CA ASP A 799 38.76 -49.54 35.66
C ASP A 799 38.26 -50.94 36.01
N ALA A 800 39.15 -51.73 36.60
CA ALA A 800 38.82 -53.11 36.94
C ALA A 800 37.65 -53.18 37.91
N HIS A 801 37.68 -52.37 38.97
CA HIS A 801 36.57 -52.35 39.92
C HIS A 801 35.31 -51.80 39.26
N VAL A 802 35.43 -50.69 38.54
CA VAL A 802 34.28 -50.10 37.86
C VAL A 802 33.74 -51.05 36.79
N GLY A 803 34.65 -51.66 36.03
CA GLY A 803 34.22 -52.63 35.03
C GLY A 803 33.51 -53.82 35.62
N LYS A 804 34.03 -54.34 36.73
CA LYS A 804 33.38 -55.47 37.40
C LYS A 804 32.00 -55.08 37.94
N HIS A 805 31.89 -53.87 38.51
CA HIS A 805 30.61 -53.42 39.01
C HIS A 805 29.59 -53.27 37.89
N ILE A 806 30.01 -52.71 36.76
CA ILE A 806 29.10 -52.57 35.61
C ILE A 806 28.73 -53.93 35.06
N PHE A 807 29.68 -54.87 35.04
CA PHE A 807 29.40 -56.23 34.60
C PHE A 807 28.33 -56.88 35.48
N GLU A 808 28.48 -56.73 36.80
CA GLU A 808 27.47 -57.25 37.72
C GLU A 808 26.17 -56.47 37.64
N ASN A 809 26.20 -55.26 37.09
CA ASN A 809 25.00 -54.42 37.05
C ASN A 809 24.07 -54.81 35.91
N VAL A 810 24.58 -54.81 34.68
CA VAL A 810 23.77 -55.01 33.49
C VAL A 810 24.23 -56.22 32.68
N ILE A 811 25.55 -56.36 32.49
CA ILE A 811 26.06 -57.39 31.60
C ILE A 811 25.86 -58.78 32.20
N GLY A 812 26.10 -58.92 33.50
CA GLY A 812 26.03 -60.21 34.15
C GLY A 812 24.63 -60.77 34.23
N PRO A 813 24.52 -62.05 34.60
CA PRO A 813 23.19 -62.67 34.72
C PRO A 813 22.31 -62.04 35.78
N LYS A 814 22.88 -61.29 36.73
CA LYS A 814 22.09 -60.61 37.74
C LYS A 814 21.45 -59.33 37.23
N GLY A 815 21.77 -58.90 36.01
CA GLY A 815 21.19 -57.69 35.48
C GLY A 815 19.72 -57.81 35.17
N MET A 816 19.06 -56.65 35.06
CA MET A 816 17.63 -56.62 34.75
C MET A 816 17.34 -57.12 33.34
N LEU A 817 18.33 -57.10 32.44
CA LEU A 817 18.18 -57.59 31.08
C LEU A 817 18.55 -59.06 30.95
N LYS A 818 18.46 -59.83 32.04
CA LYS A 818 18.86 -61.23 32.00
C LYS A 818 17.90 -62.11 31.20
N ASN A 819 16.69 -61.64 30.93
CA ASN A 819 15.70 -62.42 30.20
C ASN A 819 15.92 -62.41 28.69
N LYS A 820 17.10 -61.96 28.23
CA LYS A 820 17.37 -61.82 26.81
C LYS A 820 18.68 -62.53 26.47
N THR A 821 18.81 -62.93 25.21
CA THR A 821 20.00 -63.63 24.76
C THR A 821 21.23 -62.74 24.83
N ARG A 822 22.35 -63.32 25.23
CA ARG A 822 23.62 -62.60 25.33
C ARG A 822 24.71 -63.44 24.71
N ILE A 823 25.46 -62.85 23.77
CA ILE A 823 26.61 -63.48 23.15
C ILE A 823 27.80 -62.55 23.28
N LEU A 824 28.91 -63.06 23.81
CA LEU A 824 30.05 -62.24 24.19
C LEU A 824 31.28 -62.59 23.36
N VAL A 825 32.15 -61.60 23.20
CA VAL A 825 33.49 -61.79 22.65
C VAL A 825 34.43 -60.76 23.27
N THR A 826 35.54 -61.23 23.81
CA THR A 826 36.51 -60.39 24.49
C THR A 826 37.74 -61.24 24.79
N HIS A 827 38.73 -60.62 25.44
CA HIS A 827 39.94 -61.31 25.88
C HIS A 827 40.05 -61.40 27.40
N SER A 828 39.02 -60.96 28.13
CA SER A 828 39.07 -60.97 29.58
C SER A 828 39.03 -62.40 30.10
N MET A 829 39.75 -62.61 31.22
CA MET A 829 39.84 -63.93 31.84
C MET A 829 38.90 -64.10 33.02
N SER A 830 38.47 -63.00 33.65
CA SER A 830 37.67 -63.11 34.87
C SER A 830 36.27 -63.63 34.58
N TYR A 831 35.69 -63.22 33.45
CA TYR A 831 34.30 -63.54 33.15
C TYR A 831 34.13 -64.86 32.41
N LEU A 832 35.21 -65.59 32.15
CA LEU A 832 35.14 -66.86 31.43
C LEU A 832 34.48 -67.97 32.24
N PRO A 833 34.81 -68.16 33.52
CA PRO A 833 34.15 -69.23 34.28
C PRO A 833 32.65 -69.07 34.42
N GLN A 834 32.11 -67.86 34.27
CA GLN A 834 30.70 -67.59 34.53
C GLN A 834 29.86 -67.51 33.26
N VAL A 835 30.38 -67.97 32.12
CA VAL A 835 29.61 -68.01 30.87
C VAL A 835 29.08 -69.42 30.67
N ASP A 836 27.85 -69.53 30.18
CA ASP A 836 27.23 -70.84 30.04
C ASP A 836 27.90 -71.66 28.95
N VAL A 837 28.11 -71.08 27.77
CA VAL A 837 28.66 -71.77 26.62
C VAL A 837 29.82 -70.96 26.07
N ILE A 838 30.83 -71.64 25.53
CA ILE A 838 31.99 -70.97 24.94
C ILE A 838 32.15 -71.41 23.49
N ILE A 839 32.31 -70.44 22.61
CA ILE A 839 32.75 -70.65 21.23
C ILE A 839 34.23 -70.31 21.18
N VAL A 840 35.02 -71.18 20.56
CA VAL A 840 36.44 -70.95 20.37
C VAL A 840 36.68 -70.71 18.88
N MET A 841 37.07 -69.49 18.54
CA MET A 841 37.22 -69.06 17.16
C MET A 841 38.71 -68.86 16.88
N SER A 842 39.25 -69.63 15.93
CA SER A 842 40.66 -69.54 15.59
C SER A 842 40.88 -70.17 14.23
N GLY A 843 41.73 -69.54 13.42
CA GLY A 843 42.05 -70.06 12.10
C GLY A 843 40.88 -70.11 11.15
N GLY A 844 39.92 -69.21 11.29
CA GLY A 844 38.78 -69.16 10.41
C GLY A 844 37.67 -70.13 10.74
N LYS A 845 37.84 -70.99 11.74
CA LYS A 845 36.87 -72.02 12.08
C LYS A 845 36.61 -72.03 13.58
N ILE A 846 35.48 -72.60 13.96
CA ILE A 846 35.14 -72.76 15.37
C ILE A 846 35.84 -74.01 15.89
N SER A 847 36.70 -73.83 16.89
CA SER A 847 37.51 -74.94 17.38
C SER A 847 36.65 -75.99 18.08
N GLU A 848 35.79 -75.55 19.00
CA GLU A 848 34.97 -76.48 19.75
C GLU A 848 33.69 -75.79 20.21
N MET A 849 32.69 -76.61 20.52
CA MET A 849 31.38 -76.14 20.95
C MET A 849 31.01 -76.85 22.24
N GLY A 850 30.66 -76.09 23.27
CA GLY A 850 30.23 -76.70 24.51
C GLY A 850 30.21 -75.71 25.66
N SER A 851 29.69 -76.21 26.78
CA SER A 851 29.57 -75.43 28.00
C SER A 851 30.89 -75.42 28.76
N TYR A 852 30.97 -74.53 29.75
CA TYR A 852 32.21 -74.37 30.51
C TYR A 852 32.57 -75.63 31.27
N GLN A 853 31.59 -76.25 31.92
CA GLN A 853 31.85 -77.49 32.64
C GLN A 853 32.28 -78.60 31.69
N GLU A 854 31.60 -78.73 30.56
CA GLU A 854 31.94 -79.80 29.62
C GLU A 854 33.26 -79.51 28.90
N LEU A 855 33.55 -78.24 28.62
CA LEU A 855 34.83 -77.90 28.00
C LEU A 855 35.99 -78.17 28.96
N LEU A 856 35.80 -77.85 30.25
CA LEU A 856 36.82 -78.16 31.24
C LEU A 856 36.98 -79.67 31.40
N ALA A 857 35.87 -80.42 31.35
CA ALA A 857 35.93 -81.87 31.44
C ALA A 857 36.69 -82.47 30.27
N ARG A 858 36.47 -81.92 29.06
CA ARG A 858 37.22 -82.39 27.90
C ARG A 858 38.72 -82.21 28.06
N ASP A 859 39.16 -81.14 28.72
CA ASP A 859 40.57 -80.85 28.93
C ASP A 859 41.31 -80.80 27.60
N GLY A 860 40.71 -80.18 26.60
CA GLY A 860 41.33 -80.08 25.29
C GLY A 860 41.82 -78.69 24.97
N ALA A 861 41.14 -78.01 24.04
CA ALA A 861 41.56 -76.66 23.66
C ALA A 861 41.46 -75.69 24.83
N PHE A 862 40.39 -75.79 25.62
CA PHE A 862 40.21 -74.89 26.75
C PHE A 862 41.31 -75.09 27.80
N ALA A 863 41.68 -76.35 28.07
CA ALA A 863 42.73 -76.62 29.03
C ALA A 863 44.08 -76.06 28.57
N GLU A 864 44.40 -76.25 27.29
CA GLU A 864 45.64 -75.69 26.76
C GLU A 864 45.62 -74.16 26.82
N PHE A 865 44.48 -73.55 26.49
CA PHE A 865 44.37 -72.10 26.55
C PHE A 865 44.58 -71.60 27.98
N LEU A 866 43.97 -72.28 28.96
CA LEU A 866 44.14 -71.88 30.35
C LEU A 866 45.59 -72.07 30.82
N ARG A 867 46.23 -73.17 30.40
CA ARG A 867 47.59 -73.45 30.84
C ARG A 867 48.59 -72.48 30.22
N THR A 868 48.35 -72.06 28.98
CA THR A 868 49.31 -71.22 28.27
C THR A 868 48.94 -69.75 28.24
N TYR A 869 47.65 -69.42 28.18
CA TYR A 869 47.21 -68.02 28.05
C TYR A 869 46.16 -67.74 29.12
N ALA A 870 46.61 -67.32 30.30
CA ALA A 870 45.71 -66.96 31.39
C ALA A 870 46.43 -66.00 32.32
N SER A 871 45.68 -65.02 32.84
CA SER A 871 46.25 -64.05 33.76
C SER A 871 45.13 -63.46 34.61
N THR A 872 45.48 -63.04 35.82
CA THR A 872 44.52 -62.45 36.74
C THR A 872 45.23 -61.61 37.79
N PHE A 973 51.98 17.21 2.20
CA PHE A 973 52.75 17.44 0.98
C PHE A 973 52.39 16.42 -0.10
N ILE A 974 52.28 15.16 0.30
CA ILE A 974 51.92 14.11 -0.64
C ILE A 974 50.49 14.31 -1.14
N SER A 975 49.58 14.69 -0.24
CA SER A 975 48.17 14.86 -0.63
C SER A 975 48.02 15.98 -1.65
N PHE A 976 48.61 17.15 -1.37
CA PHE A 976 48.48 18.27 -2.30
C PHE A 976 49.17 17.99 -3.62
N LEU A 977 50.35 17.38 -3.60
CA LEU A 977 51.04 17.03 -4.84
C LEU A 977 50.22 16.06 -5.67
N SER A 978 49.65 15.03 -5.02
CA SER A 978 48.82 14.07 -5.74
C SER A 978 47.59 14.74 -6.32
N ILE A 979 46.94 15.62 -5.56
CA ILE A 979 45.76 16.32 -6.06
C ILE A 979 46.11 17.18 -7.26
N PHE A 980 47.23 17.92 -7.18
CA PHE A 980 47.63 18.78 -8.28
C PHE A 980 47.98 17.97 -9.52
N LEU A 981 48.68 16.84 -9.35
CA LEU A 981 49.01 16.00 -10.50
C LEU A 981 47.76 15.39 -11.11
N PHE A 982 46.81 14.96 -10.28
CA PHE A 982 45.55 14.42 -10.79
C PHE A 982 44.79 15.46 -11.58
N MET A 983 44.71 16.68 -11.05
CA MET A 983 44.04 17.76 -11.77
C MET A 983 44.75 18.07 -13.08
N CYS A 984 46.08 18.06 -13.07
CA CYS A 984 46.83 18.29 -14.30
C CYS A 984 46.54 17.23 -15.35
N ASN A 985 46.50 15.96 -14.94
CA ASN A 985 46.19 14.88 -15.87
C ASN A 985 44.78 15.04 -16.43
N HIS A 986 43.82 15.36 -15.57
CA HIS A 986 42.44 15.47 -16.04
C HIS A 986 42.24 16.67 -16.96
N VAL A 987 42.87 17.81 -16.64
CA VAL A 987 42.76 18.95 -17.54
C VAL A 987 43.52 18.70 -18.83
N SER A 988 44.59 17.89 -18.79
CA SER A 988 45.24 17.49 -20.03
C SER A 988 44.31 16.65 -20.91
N ALA A 989 43.59 15.71 -20.29
CA ALA A 989 42.61 14.93 -21.04
C ALA A 989 41.51 15.82 -21.62
N LEU A 990 41.04 16.79 -20.83
CA LEU A 990 40.01 17.70 -21.31
C LEU A 990 40.53 18.57 -22.46
N ALA A 991 41.79 19.00 -22.38
CA ALA A 991 42.38 19.78 -23.46
C ALA A 991 42.52 18.93 -24.71
N SER A 992 42.89 17.66 -24.56
CA SER A 992 42.93 16.76 -25.71
C SER A 992 41.55 16.60 -26.34
N ASN A 993 40.52 16.48 -25.52
CA ASN A 993 39.16 16.35 -26.04
C ASN A 993 38.73 17.62 -26.78
N TYR A 994 39.04 18.79 -26.21
CA TYR A 994 38.70 20.04 -26.89
C TYR A 994 39.47 20.17 -28.19
N TRP A 995 40.73 19.73 -28.21
CA TRP A 995 41.53 19.81 -29.42
C TRP A 995 41.00 18.88 -30.50
N LEU A 996 40.55 17.67 -30.13
CA LEU A 996 39.97 16.79 -31.15
C LEU A 996 38.64 17.35 -31.65
N SER A 997 37.87 17.98 -30.76
CA SER A 997 36.62 18.61 -31.19
C SER A 997 36.89 19.74 -32.19
N LEU A 998 37.93 20.53 -31.94
CA LEU A 998 38.31 21.56 -32.89
C LEU A 998 38.84 20.96 -34.19
N TRP A 999 39.62 19.87 -34.08
CA TRP A 999 40.25 19.26 -35.25
C TRP A 999 39.22 18.65 -36.18
N THR A 1000 38.18 18.03 -35.64
CA THR A 1000 37.15 17.43 -36.50
C THR A 1000 36.28 18.46 -37.18
N ASP A 1001 36.45 19.75 -36.87
CA ASP A 1001 35.69 20.84 -37.48
C ASP A 1001 36.60 21.76 -38.29
N ASP A 1002 37.52 21.18 -39.04
CA ASP A 1002 38.40 22.01 -39.86
C ASP A 1002 37.93 22.02 -41.32
N PRO A 1003 38.05 23.15 -42.00
CA PRO A 1003 37.58 23.23 -43.39
C PRO A 1003 38.46 22.42 -44.33
N ILE A 1004 37.86 22.04 -45.45
CA ILE A 1004 38.53 21.25 -46.49
C ILE A 1004 38.82 22.17 -47.67
N VAL A 1005 40.10 22.31 -47.99
CA VAL A 1005 40.53 23.15 -49.11
C VAL A 1005 41.64 22.42 -49.86
N ASN A 1006 41.51 22.37 -51.19
CA ASN A 1006 42.51 21.77 -52.07
C ASN A 1006 42.74 20.29 -51.73
N GLY A 1007 41.64 19.55 -51.62
CA GLY A 1007 41.72 18.12 -51.37
C GLY A 1007 41.81 17.77 -49.90
N THR A 1008 42.88 18.22 -49.24
CA THR A 1008 43.08 17.94 -47.84
C THR A 1008 42.35 18.98 -46.97
N GLN A 1009 42.45 18.82 -45.66
CA GLN A 1009 41.83 19.74 -44.72
C GLN A 1009 42.83 20.83 -44.35
N GLU A 1010 42.53 21.60 -43.31
CA GLU A 1010 43.41 22.65 -42.84
C GLU A 1010 44.70 22.06 -42.28
N HIS A 1011 45.58 22.93 -41.80
CA HIS A 1011 46.85 22.51 -41.20
C HIS A 1011 46.59 21.45 -40.14
N THR A 1012 47.17 20.27 -40.35
CA THR A 1012 46.93 19.10 -39.50
C THR A 1012 48.20 18.60 -38.82
N LYS A 1013 49.35 18.71 -39.48
CA LYS A 1013 50.59 18.20 -38.91
C LYS A 1013 50.91 18.87 -37.58
N VAL A 1014 50.64 20.17 -37.46
CA VAL A 1014 50.85 20.85 -36.19
C VAL A 1014 49.85 20.36 -35.15
N ARG A 1015 48.60 20.10 -35.57
CA ARG A 1015 47.60 19.58 -34.64
C ARG A 1015 48.01 18.19 -34.14
N LEU A 1016 48.47 17.32 -35.04
CA LEU A 1016 48.92 16.00 -34.62
C LEU A 1016 50.15 16.09 -33.72
N SER A 1017 51.06 17.03 -34.03
CA SER A 1017 52.26 17.19 -33.21
C SER A 1017 51.90 17.66 -31.80
N VAL A 1018 50.99 18.63 -31.67
CA VAL A 1018 50.61 19.09 -30.34
C VAL A 1018 49.79 18.03 -29.63
N TYR A 1019 49.02 17.22 -30.37
CA TYR A 1019 48.33 16.09 -29.75
C TYR A 1019 49.32 15.09 -29.17
N GLY A 1020 50.37 14.78 -29.92
CA GLY A 1020 51.40 13.87 -29.41
C GLY A 1020 52.15 14.46 -28.23
N ALA A 1021 52.42 15.76 -28.27
CA ALA A 1021 53.06 16.42 -27.14
C ALA A 1021 52.17 16.37 -25.90
N LEU A 1022 50.87 16.58 -26.07
CA LEU A 1022 49.94 16.49 -24.96
C LEU A 1022 49.89 15.06 -24.42
N GLY A 1023 49.93 14.07 -25.31
CA GLY A 1023 49.96 12.68 -24.85
C GLY A 1023 51.23 12.37 -24.06
N ILE A 1024 52.37 12.88 -24.52
CA ILE A 1024 53.63 12.71 -23.80
C ILE A 1024 53.56 13.38 -22.44
N SER A 1025 53.00 14.59 -22.38
CA SER A 1025 52.85 15.28 -21.11
C SER A 1025 51.93 14.53 -20.16
N GLN A 1026 50.85 13.96 -20.70
CA GLN A 1026 49.95 13.16 -19.87
C GLN A 1026 50.65 11.92 -19.34
N GLY A 1027 51.46 11.26 -20.18
CA GLY A 1027 52.24 10.13 -19.71
C GLY A 1027 53.22 10.53 -18.62
N ILE A 1028 53.85 11.69 -18.78
CA ILE A 1028 54.77 12.18 -17.75
C ILE A 1028 54.02 12.43 -16.45
N ALA A 1029 52.83 13.03 -16.54
CA ALA A 1029 52.04 13.31 -15.34
C ALA A 1029 51.61 12.03 -14.65
N VAL A 1030 51.16 11.04 -15.41
CA VAL A 1030 50.72 9.79 -14.79
C VAL A 1030 51.91 9.06 -14.17
N PHE A 1031 53.07 9.11 -14.82
CA PHE A 1031 54.28 8.54 -14.22
C PHE A 1031 54.63 9.24 -12.91
N GLY A 1032 54.55 10.58 -12.91
CA GLY A 1032 54.89 11.33 -11.72
C GLY A 1032 53.96 11.02 -10.55
N TYR A 1033 52.64 11.02 -10.81
CA TYR A 1033 51.75 10.78 -9.69
C TYR A 1033 51.67 9.30 -9.31
N SER A 1034 52.00 8.37 -10.21
CA SER A 1034 52.19 6.99 -9.79
C SER A 1034 53.39 6.86 -8.86
N MET A 1035 54.48 7.55 -9.17
CA MET A 1035 55.62 7.56 -8.26
C MET A 1035 55.23 8.18 -6.92
N ALA A 1036 54.46 9.26 -6.94
CA ALA A 1036 54.04 9.91 -5.71
C ALA A 1036 53.16 8.99 -4.86
N VAL A 1037 52.20 8.31 -5.49
CA VAL A 1037 51.33 7.41 -4.75
C VAL A 1037 52.10 6.20 -4.24
N SER A 1038 53.09 5.72 -5.00
CA SER A 1038 53.93 4.62 -4.51
C SER A 1038 54.74 5.05 -3.29
N ILE A 1039 55.30 6.26 -3.33
CA ILE A 1039 56.05 6.76 -2.18
C ILE A 1039 55.13 6.92 -0.98
N GLY A 1040 53.93 7.46 -1.19
CA GLY A 1040 52.99 7.59 -0.08
C GLY A 1040 52.60 6.25 0.51
N GLY A 1041 52.35 5.25 -0.33
CA GLY A 1041 52.00 3.93 0.17
C GLY A 1041 53.13 3.26 0.93
N ILE A 1042 54.34 3.33 0.38
CA ILE A 1042 55.47 2.67 1.06
C ILE A 1042 55.83 3.40 2.34
N LEU A 1043 55.60 4.72 2.41
CA LEU A 1043 55.91 5.46 3.62
C LEU A 1043 55.00 5.04 4.77
N ALA A 1044 53.72 4.85 4.51
CA ALA A 1044 52.77 4.46 5.55
C ALA A 1044 52.08 3.15 5.19
N ILE A 1087 43.40 -1.18 -0.77
CA ILE A 1087 42.81 0.07 -0.32
C ILE A 1087 43.32 1.29 -1.12
N PRO A 1088 44.65 1.45 -1.26
CA PRO A 1088 45.13 2.60 -2.07
C PRO A 1088 44.62 2.59 -3.50
N GLU A 1089 44.52 1.42 -4.12
CA GLU A 1089 43.97 1.34 -5.48
C GLU A 1089 42.50 1.74 -5.50
N VAL A 1090 41.75 1.37 -4.45
CA VAL A 1090 40.34 1.72 -4.37
C VAL A 1090 40.18 3.23 -4.34
N ILE A 1091 40.96 3.92 -3.51
CA ILE A 1091 40.89 5.36 -3.42
C ILE A 1091 41.36 6.01 -4.73
N LYS A 1092 42.40 5.42 -5.35
CA LYS A 1092 42.90 5.95 -6.62
C LYS A 1092 41.81 5.94 -7.69
N MET A 1093 41.16 4.80 -7.88
CA MET A 1093 40.16 4.72 -8.94
C MET A 1093 38.84 5.38 -8.53
N PHE A 1094 38.57 5.53 -7.23
CA PHE A 1094 37.50 6.43 -6.81
C PHE A 1094 37.77 7.85 -7.28
N MET A 1095 38.98 8.35 -7.03
CA MET A 1095 39.37 9.66 -7.54
C MET A 1095 39.17 9.71 -9.04
N GLY A 1096 39.66 8.69 -9.74
CA GLY A 1096 39.57 8.70 -11.20
C GLY A 1096 38.14 8.77 -11.70
N SER A 1097 37.27 7.91 -11.16
CA SER A 1097 35.89 7.90 -11.60
C SER A 1097 35.17 9.19 -11.26
N LEU A 1098 35.37 9.71 -10.05
CA LEU A 1098 34.70 10.94 -9.65
C LEU A 1098 35.17 12.12 -10.51
N PHE A 1099 36.48 12.23 -10.72
CA PHE A 1099 37.00 13.33 -11.53
C PHE A 1099 36.55 13.22 -12.97
N ASN A 1100 36.51 11.99 -13.52
CA ASN A 1100 36.06 11.82 -14.90
C ASN A 1100 34.59 12.16 -15.06
N VAL A 1101 33.75 11.74 -14.10
CA VAL A 1101 32.33 12.07 -14.20
C VAL A 1101 32.12 13.56 -14.04
N ILE A 1102 32.91 14.23 -13.18
CA ILE A 1102 32.82 15.67 -13.05
C ILE A 1102 33.23 16.35 -14.36
N GLY A 1103 34.32 15.88 -14.96
CA GLY A 1103 34.76 16.45 -16.23
C GLY A 1103 33.74 16.27 -17.34
N ALA A 1104 33.12 15.09 -17.41
CA ALA A 1104 32.09 14.87 -18.41
C ALA A 1104 30.86 15.73 -18.14
N CYS A 1105 30.54 15.95 -16.86
CA CYS A 1105 29.42 16.82 -16.53
C CYS A 1105 29.69 18.26 -16.96
N ILE A 1106 30.91 18.76 -16.77
CA ILE A 1106 31.17 20.11 -17.25
C ILE A 1106 31.25 20.14 -18.77
N VAL A 1107 31.69 19.03 -19.38
CA VAL A 1107 31.74 18.97 -20.84
C VAL A 1107 30.36 19.10 -21.44
N ILE A 1108 29.40 18.34 -20.91
CA ILE A 1108 28.02 18.50 -21.36
C ILE A 1108 27.47 19.86 -20.94
N LEU A 1109 27.99 20.42 -19.85
CA LEU A 1109 27.59 21.77 -19.45
C LEU A 1109 28.02 22.80 -20.49
N LEU A 1110 29.28 22.76 -20.92
CA LEU A 1110 29.75 23.72 -21.90
C LEU A 1110 29.57 23.22 -23.33
N ALA A 1111 28.40 22.69 -23.61
CA ALA A 1111 27.91 22.46 -24.96
C ALA A 1111 26.50 22.98 -25.15
N THR A 1112 25.65 22.83 -24.13
CA THR A 1112 24.31 23.39 -24.05
C THR A 1112 24.08 23.82 -22.61
N PRO A 1113 24.13 25.12 -22.31
CA PRO A 1113 23.94 25.56 -20.92
C PRO A 1113 22.62 25.13 -20.32
N ILE A 1114 21.56 25.08 -21.14
CA ILE A 1114 20.24 24.69 -20.66
C ILE A 1114 20.27 23.33 -20.00
N ALA A 1115 21.17 22.44 -20.45
CA ALA A 1115 21.24 21.10 -19.89
C ALA A 1115 21.54 21.11 -18.39
N ALA A 1116 21.98 22.24 -17.84
CA ALA A 1116 22.18 22.32 -16.40
C ALA A 1116 20.90 22.10 -15.62
N ILE A 1117 19.74 22.20 -16.27
CA ILE A 1117 18.48 21.91 -15.59
C ILE A 1117 18.39 20.44 -15.19
N ILE A 1118 19.13 19.55 -15.86
CA ILE A 1118 18.93 18.11 -15.69
C ILE A 1118 19.91 17.47 -14.74
N ILE A 1119 20.93 18.18 -14.27
CA ILE A 1119 21.96 17.60 -13.42
C ILE A 1119 21.45 17.33 -12.00
N PRO A 1120 20.77 18.26 -11.32
CA PRO A 1120 20.30 17.99 -9.95
C PRO A 1120 19.40 16.76 -9.86
N PRO A 1121 18.29 16.69 -10.63
CA PRO A 1121 17.34 15.60 -10.39
C PRO A 1121 17.81 14.25 -10.87
N LEU A 1122 18.99 14.16 -11.47
CA LEU A 1122 19.65 12.89 -11.75
C LEU A 1122 20.73 12.57 -10.75
N GLY A 1123 21.52 13.56 -10.34
CA GLY A 1123 22.53 13.33 -9.32
C GLY A 1123 21.92 12.91 -8.00
N LEU A 1124 20.83 13.56 -7.59
CA LEU A 1124 20.18 13.19 -6.34
C LEU A 1124 19.65 11.76 -6.39
N ILE A 1125 18.98 11.41 -7.48
CA ILE A 1125 18.42 10.07 -7.62
C ILE A 1125 19.52 9.02 -7.61
N TYR A 1126 20.60 9.27 -8.35
CA TYR A 1126 21.71 8.33 -8.38
C TYR A 1126 22.35 8.16 -7.01
N PHE A 1127 22.55 9.27 -6.29
CA PHE A 1127 23.18 9.18 -4.97
C PHE A 1127 22.29 8.39 -4.00
N PHE A 1128 20.98 8.66 -4.03
CA PHE A 1128 20.08 7.93 -3.15
C PHE A 1128 20.05 6.45 -3.49
N VAL A 1129 20.03 6.11 -4.78
CA VAL A 1129 20.01 4.70 -5.18
C VAL A 1129 21.28 4.00 -4.72
N GLN A 1130 22.43 4.64 -4.92
CA GLN A 1130 23.69 4.02 -4.51
C GLN A 1130 23.74 3.81 -3.00
N ARG A 1131 23.31 4.83 -2.24
CA ARG A 1131 23.33 4.70 -0.78
C ARG A 1131 22.43 3.55 -0.32
N PHE A 1132 21.19 3.52 -0.82
CA PHE A 1132 20.26 2.46 -0.43
C PHE A 1132 20.81 1.10 -0.79
N TYR A 1133 21.34 0.94 -2.01
CA TYR A 1133 21.83 -0.35 -2.45
C TYR A 1133 22.96 -0.83 -1.57
N VAL A 1134 23.96 0.02 -1.32
CA VAL A 1134 25.12 -0.40 -0.54
C VAL A 1134 24.70 -0.78 0.87
N ALA A 1135 23.88 0.08 1.49
CA ALA A 1135 23.49 -0.17 2.87
C ALA A 1135 22.69 -1.46 3.00
N SER A 1136 21.79 -1.72 2.05
CA SER A 1136 20.95 -2.90 2.15
C SER A 1136 21.57 -4.14 1.53
N SER A 1137 22.73 -4.02 0.89
CA SER A 1137 23.38 -5.19 0.29
C SER A 1137 24.56 -5.70 1.11
N ARG A 1138 25.29 -4.83 1.81
CA ARG A 1138 26.42 -5.32 2.60
C ARG A 1138 25.94 -6.28 3.69
N GLN A 1139 24.83 -5.96 4.34
CA GLN A 1139 24.30 -6.79 5.42
C GLN A 1139 24.00 -8.20 4.94
N LEU A 1140 23.27 -8.32 3.84
CA LEU A 1140 22.86 -9.64 3.38
C LEU A 1140 23.91 -10.30 2.50
N LYS A 1141 25.03 -9.64 2.21
CA LYS A 1141 26.21 -10.38 1.78
C LYS A 1141 26.92 -11.00 2.98
N ARG A 1142 26.99 -10.26 4.09
CA ARG A 1142 27.51 -10.85 5.32
C ARG A 1142 26.68 -12.02 5.78
N LEU A 1143 25.36 -11.96 5.53
CA LEU A 1143 24.50 -13.10 5.85
C LEU A 1143 24.91 -14.35 5.09
N GLU A 1144 25.21 -14.21 3.79
CA GLU A 1144 25.67 -15.35 3.01
C GLU A 1144 27.03 -15.84 3.49
N SER A 1145 27.91 -14.91 3.86
CA SER A 1145 29.20 -15.32 4.42
C SER A 1145 29.00 -16.13 5.70
N VAL A 1146 28.01 -15.77 6.51
CA VAL A 1146 27.73 -16.49 7.74
C VAL A 1146 27.15 -17.88 7.45
N SER A 1147 26.19 -17.95 6.51
CA SER A 1147 25.40 -19.16 6.32
C SER A 1147 25.98 -20.11 5.28
N ARG A 1148 27.30 -20.15 5.13
CA ARG A 1148 27.94 -21.04 4.18
C ARG A 1148 28.53 -22.28 4.85
N SER A 1149 29.22 -22.10 5.97
CA SER A 1149 29.83 -23.24 6.67
C SER A 1149 28.83 -24.30 7.16
N PRO A 1150 27.66 -23.96 7.71
CA PRO A 1150 26.83 -25.00 8.35
C PRO A 1150 26.48 -26.19 7.47
N VAL A 1151 26.24 -25.99 6.17
CA VAL A 1151 25.91 -27.12 5.31
C VAL A 1151 27.09 -28.09 5.22
N TYR A 1152 28.30 -27.56 5.06
CA TYR A 1152 29.47 -28.42 4.99
C TYR A 1152 29.75 -29.09 6.32
N SER A 1153 29.54 -28.37 7.43
CA SER A 1153 29.72 -28.97 8.74
C SER A 1153 28.75 -30.12 8.96
N HIS A 1154 27.49 -29.93 8.58
CA HIS A 1154 26.50 -30.99 8.71
C HIS A 1154 26.84 -32.18 7.82
N PHE A 1155 27.31 -31.91 6.60
CA PHE A 1155 27.70 -33.00 5.71
C PHE A 1155 28.86 -33.81 6.29
N ASN A 1156 29.86 -33.13 6.84
CA ASN A 1156 30.96 -33.85 7.48
C ASN A 1156 30.47 -34.64 8.68
N GLU A 1157 29.56 -34.07 9.46
CA GLU A 1157 29.01 -34.76 10.62
C GLU A 1157 28.28 -36.03 10.20
N THR A 1158 27.50 -35.97 9.12
CA THR A 1158 26.80 -37.16 8.63
C THR A 1158 27.77 -38.18 8.06
N LEU A 1159 28.78 -37.71 7.32
CA LEU A 1159 29.73 -38.63 6.68
C LEU A 1159 30.55 -39.38 7.71
N LEU A 1160 30.95 -38.71 8.79
CA LEU A 1160 31.76 -39.38 9.80
C LEU A 1160 30.98 -40.38 10.63
N GLY A 1161 29.65 -40.36 10.58
CA GLY A 1161 28.85 -41.28 11.35
C GLY A 1161 27.81 -42.02 10.54
N VAL A 1162 28.06 -42.13 9.23
CA VAL A 1162 27.21 -42.94 8.36
C VAL A 1162 27.01 -44.34 8.93
N SER A 1163 28.06 -44.91 9.51
CA SER A 1163 27.96 -46.29 10.03
C SER A 1163 26.88 -46.37 11.11
N VAL A 1164 26.92 -45.46 12.08
CA VAL A 1164 25.92 -45.49 13.15
C VAL A 1164 24.55 -45.11 12.62
N ILE A 1165 24.49 -44.10 11.75
CA ILE A 1165 23.19 -43.59 11.29
C ILE A 1165 22.48 -44.63 10.45
N ARG A 1166 23.22 -45.56 9.84
CA ARG A 1166 22.62 -46.66 9.08
C ARG A 1166 22.41 -47.90 9.93
N ALA A 1167 23.24 -48.11 10.95
CA ALA A 1167 23.12 -49.32 11.77
C ALA A 1167 21.78 -49.36 12.51
N PHE A 1168 21.33 -48.23 13.04
CA PHE A 1168 20.09 -48.16 13.79
C PHE A 1168 18.90 -47.73 12.95
N GLU A 1169 19.02 -47.80 11.62
CA GLU A 1169 17.89 -47.66 10.69
C GLU A 1169 17.19 -46.31 10.87
N GLU A 1170 17.91 -45.24 10.57
CA GLU A 1170 17.35 -43.89 10.62
C GLU A 1170 18.16 -43.02 9.66
N GLN A 1171 17.60 -42.76 8.47
CA GLN A 1171 18.31 -41.98 7.46
C GLN A 1171 17.39 -41.00 6.74
N GLU A 1172 16.41 -40.44 7.45
CA GLU A 1172 15.45 -39.53 6.84
C GLU A 1172 15.42 -38.15 7.47
N ARG A 1173 15.62 -38.05 8.79
CA ARG A 1173 15.64 -36.74 9.44
C ARG A 1173 16.83 -35.90 8.97
N PHE A 1174 17.99 -36.54 8.79
CA PHE A 1174 19.18 -35.79 8.38
C PHE A 1174 19.05 -35.25 6.97
N ILE A 1175 18.35 -35.95 6.09
CA ILE A 1175 18.07 -35.41 4.76
C ILE A 1175 17.27 -34.11 4.88
N HIS A 1176 16.25 -34.12 5.74
CA HIS A 1176 15.46 -32.92 5.95
C HIS A 1176 16.30 -31.81 6.57
N GLN A 1177 17.22 -32.15 7.47
CA GLN A 1177 18.08 -31.15 8.07
C GLN A 1177 18.96 -30.48 7.02
N SER A 1178 19.58 -31.29 6.15
CA SER A 1178 20.41 -30.73 5.09
C SER A 1178 19.59 -29.88 4.13
N ASP A 1179 18.38 -30.34 3.79
CA ASP A 1179 17.51 -29.57 2.91
C ASP A 1179 17.15 -28.23 3.54
N LEU A 1180 16.84 -28.24 4.84
CA LEU A 1180 16.51 -26.99 5.52
C LEU A 1180 17.69 -26.04 5.55
N LYS A 1181 18.90 -26.56 5.81
CA LYS A 1181 20.08 -25.69 5.83
C LYS A 1181 20.33 -25.06 4.47
N VAL A 1182 20.25 -25.87 3.39
CA VAL A 1182 20.46 -25.35 2.05
C VAL A 1182 19.37 -24.35 1.70
N ASP A 1183 18.13 -24.64 2.11
CA ASP A 1183 17.03 -23.73 1.84
C ASP A 1183 17.25 -22.39 2.52
N GLU A 1184 17.72 -22.40 3.77
CA GLU A 1184 17.99 -21.15 4.46
C GLU A 1184 19.10 -20.37 3.75
N ASN A 1185 20.17 -21.05 3.36
CA ASN A 1185 21.28 -20.36 2.70
C ASN A 1185 20.83 -19.71 1.40
N GLN A 1186 20.09 -20.45 0.57
CA GLN A 1186 19.66 -19.88 -0.70
C GLN A 1186 18.57 -18.83 -0.51
N LYS A 1187 17.74 -18.98 0.51
CA LYS A 1187 16.75 -17.96 0.85
C LYS A 1187 17.42 -16.66 1.23
N ALA A 1188 18.56 -16.73 1.91
CA ALA A 1188 19.30 -15.51 2.21
C ALA A 1188 20.09 -15.00 1.01
N TYR A 1189 20.45 -15.89 0.08
CA TYR A 1189 21.32 -15.48 -1.03
C TYR A 1189 20.56 -14.87 -2.20
N TYR A 1190 19.32 -15.30 -2.44
CA TYR A 1190 18.51 -14.78 -3.56
C TYR A 1190 18.39 -13.26 -3.59
N PRO A 1191 18.09 -12.58 -2.48
CA PRO A 1191 17.97 -11.10 -2.55
C PRO A 1191 19.26 -10.42 -2.96
N SER A 1192 20.42 -11.07 -2.82
CA SER A 1192 21.66 -10.44 -3.27
C SER A 1192 21.62 -10.19 -4.78
N ILE A 1193 21.33 -11.23 -5.55
CA ILE A 1193 21.26 -11.05 -7.00
C ILE A 1193 20.05 -10.18 -7.36
N VAL A 1194 18.94 -10.30 -6.63
CA VAL A 1194 17.78 -9.47 -6.97
C VAL A 1194 18.11 -8.00 -6.80
N ALA A 1195 18.79 -7.64 -5.70
CA ALA A 1195 19.14 -6.25 -5.46
C ALA A 1195 20.24 -5.77 -6.41
N ASN A 1196 21.14 -6.66 -6.82
CA ASN A 1196 22.13 -6.29 -7.83
C ASN A 1196 21.43 -5.89 -9.13
N ARG A 1197 20.44 -6.69 -9.55
CA ARG A 1197 19.69 -6.33 -10.76
C ARG A 1197 18.92 -5.04 -10.55
N TRP A 1198 18.36 -4.84 -9.36
CA TRP A 1198 17.66 -3.59 -9.05
C TRP A 1198 18.57 -2.38 -9.25
N LEU A 1199 19.76 -2.41 -8.63
CA LEU A 1199 20.69 -1.31 -8.77
C LEU A 1199 21.05 -1.08 -10.23
N ALA A 1200 21.35 -2.16 -10.95
CA ALA A 1200 21.79 -2.02 -12.32
C ALA A 1200 20.70 -1.39 -13.19
N VAL A 1201 19.45 -1.80 -12.99
CA VAL A 1201 18.36 -1.23 -13.78
C VAL A 1201 18.19 0.25 -13.45
N ARG A 1202 18.21 0.60 -12.15
CA ARG A 1202 18.00 1.99 -11.78
C ARG A 1202 19.13 2.88 -12.29
N LEU A 1203 20.33 2.32 -12.46
CA LEU A 1203 21.43 3.13 -12.96
C LEU A 1203 21.41 3.24 -14.49
N GLU A 1204 21.09 2.14 -15.18
CA GLU A 1204 21.02 2.18 -16.63
C GLU A 1204 19.88 3.07 -17.12
N CYS A 1205 18.75 3.10 -16.39
CA CYS A 1205 17.67 4.00 -16.80
C CYS A 1205 18.09 5.46 -16.68
N VAL A 1206 18.81 5.81 -15.61
CA VAL A 1206 19.31 7.17 -15.45
C VAL A 1206 20.30 7.51 -16.57
N GLY A 1207 21.18 6.56 -16.90
CA GLY A 1207 22.09 6.77 -18.01
C GLY A 1207 21.37 6.99 -19.34
N ASN A 1208 20.32 6.22 -19.58
CA ASN A 1208 19.53 6.41 -20.79
C ASN A 1208 18.86 7.79 -20.81
N CYS A 1209 18.35 8.22 -19.66
CA CYS A 1209 17.71 9.54 -19.60
C CYS A 1209 18.70 10.65 -19.87
N ILE A 1210 19.91 10.56 -19.31
CA ILE A 1210 20.90 11.60 -19.57
C ILE A 1210 21.36 11.54 -21.02
N VAL A 1211 21.42 10.35 -21.61
CA VAL A 1211 21.75 10.23 -23.04
C VAL A 1211 20.70 10.95 -23.87
N LEU A 1212 19.42 10.73 -23.54
CA LEU A 1212 18.34 11.37 -24.29
C LEU A 1212 18.40 12.89 -24.14
N PHE A 1213 18.61 13.38 -22.92
CA PHE A 1213 18.65 14.83 -22.73
C PHE A 1213 19.91 15.46 -23.32
N ALA A 1214 20.98 14.68 -23.49
CA ALA A 1214 22.15 15.19 -24.21
C ALA A 1214 21.90 15.23 -25.71
N ALA A 1215 21.18 14.24 -26.24
CA ALA A 1215 20.88 14.19 -27.66
C ALA A 1215 19.65 15.00 -28.04
N LEU A 1216 18.98 15.63 -27.07
CA LEU A 1216 17.84 16.50 -27.35
C LEU A 1216 18.21 17.98 -27.29
N PHE A 1217 18.86 18.41 -26.21
CA PHE A 1217 19.26 19.81 -26.09
C PHE A 1217 20.35 20.20 -27.09
N ALA A 1218 21.01 19.23 -27.72
CA ALA A 1218 21.98 19.50 -28.76
C ALA A 1218 21.36 19.51 -30.15
N VAL A 1219 20.04 19.30 -30.24
CA VAL A 1219 19.33 19.39 -31.50
C VAL A 1219 18.42 20.60 -31.58
N ILE A 1220 17.81 21.02 -30.45
CA ILE A 1220 16.96 22.20 -30.44
C ILE A 1220 17.73 23.42 -30.93
N SER A 1221 19.01 23.49 -30.62
CA SER A 1221 19.88 24.60 -31.02
C SER A 1221 20.95 24.14 -32.01
N ARG A 1222 20.54 23.32 -32.99
CA ARG A 1222 21.48 22.76 -33.96
C ARG A 1222 22.17 23.85 -34.77
N HIS A 1223 21.53 25.01 -34.94
CA HIS A 1223 22.07 26.03 -35.82
C HIS A 1223 23.38 26.61 -35.27
N SER A 1224 23.47 26.78 -33.96
CA SER A 1224 24.59 27.48 -33.35
C SER A 1224 25.66 26.53 -32.80
N LEU A 1225 25.55 25.23 -33.07
CA LEU A 1225 26.53 24.26 -32.61
C LEU A 1225 27.19 23.59 -33.81
N SER A 1226 28.48 23.29 -33.68
CA SER A 1226 29.19 22.55 -34.69
C SER A 1226 28.90 21.05 -34.56
N ALA A 1227 29.21 20.31 -35.63
CA ALA A 1227 29.00 18.86 -35.60
C ALA A 1227 29.91 18.19 -34.58
N GLY A 1228 31.13 18.70 -34.41
CA GLY A 1228 32.06 18.08 -33.48
C GLY A 1228 31.59 18.17 -32.04
N LEU A 1229 31.11 19.35 -31.64
CA LEU A 1229 30.63 19.53 -30.27
C LEU A 1229 29.44 18.63 -29.98
N VAL A 1230 28.48 18.58 -30.91
CA VAL A 1230 27.29 17.75 -30.71
C VAL A 1230 27.68 16.28 -30.65
N GLY A 1231 28.55 15.84 -31.56
CA GLY A 1231 29.00 14.46 -31.53
C GLY A 1231 29.69 14.09 -30.24
N LEU A 1232 30.56 14.98 -29.75
CA LEU A 1232 31.24 14.75 -28.49
C LEU A 1232 30.25 14.65 -27.34
N SER A 1233 29.28 15.57 -27.29
CA SER A 1233 28.32 15.57 -26.20
C SER A 1233 27.48 14.30 -26.21
N VAL A 1234 27.03 13.88 -27.39
CA VAL A 1234 26.21 12.67 -27.47
C VAL A 1234 27.04 11.43 -27.15
N SER A 1235 28.29 11.40 -27.59
CA SER A 1235 29.12 10.21 -27.39
C SER A 1235 29.57 10.06 -25.94
N TYR A 1236 29.71 11.17 -25.22
CA TYR A 1236 30.22 11.09 -23.86
C TYR A 1236 29.21 10.57 -22.85
N SER A 1237 27.91 10.54 -23.20
CA SER A 1237 26.90 10.19 -22.21
C SER A 1237 26.88 8.68 -21.94
N LEU A 1238 27.12 7.86 -22.96
CA LEU A 1238 27.22 6.42 -22.73
C LEU A 1238 28.41 6.10 -21.83
N GLN A 1239 29.54 6.78 -22.06
CA GLN A 1239 30.68 6.62 -21.15
C GLN A 1239 30.36 7.14 -19.76
N VAL A 1240 29.52 8.16 -19.67
CA VAL A 1240 29.06 8.63 -18.36
C VAL A 1240 28.31 7.52 -17.63
N THR A 1241 27.42 6.84 -18.35
CA THR A 1241 26.66 5.74 -17.75
C THR A 1241 27.58 4.61 -17.29
N THR A 1242 28.53 4.24 -18.15
CA THR A 1242 29.47 3.17 -17.80
C THR A 1242 30.31 3.56 -16.59
N TYR A 1243 30.78 4.80 -16.55
CA TYR A 1243 31.56 5.28 -15.42
C TYR A 1243 30.73 5.30 -14.15
N LEU A 1244 29.44 5.65 -14.27
CA LEU A 1244 28.56 5.64 -13.11
C LEU A 1244 28.41 4.23 -12.55
N ASN A 1245 28.21 3.25 -13.44
CA ASN A 1245 28.09 1.87 -12.97
C ASN A 1245 29.37 1.38 -12.31
N TRP A 1246 30.51 1.68 -12.94
CA TRP A 1246 31.80 1.27 -12.37
C TRP A 1246 32.00 1.93 -10.99
N LEU A 1247 31.73 3.23 -10.89
CA LEU A 1247 31.87 3.92 -9.62
C LEU A 1247 31.01 3.28 -8.56
N VAL A 1248 29.70 3.17 -8.82
CA VAL A 1248 28.79 2.61 -7.83
C VAL A 1248 29.30 1.25 -7.38
N ARG A 1249 29.38 0.30 -8.30
CA ARG A 1249 29.76 -1.06 -7.91
C ARG A 1249 31.09 -1.10 -7.19
N MET A 1250 32.21 -0.81 -7.88
CA MET A 1250 33.50 -1.08 -7.27
C MET A 1250 33.76 -0.11 -6.12
N SER A 1251 33.64 1.20 -6.38
CA SER A 1251 33.96 2.21 -5.39
C SER A 1251 32.79 2.51 -4.45
N SER A 1252 31.85 1.57 -4.32
CA SER A 1252 30.91 1.61 -3.22
C SER A 1252 30.80 0.29 -2.47
N GLU A 1253 31.27 -0.83 -3.05
CA GLU A 1253 31.35 -2.07 -2.29
C GLU A 1253 32.42 -2.01 -1.20
N MET A 1254 33.21 -0.95 -1.14
CA MET A 1254 34.27 -0.79 -0.13
C MET A 1254 33.78 -1.06 1.29
N MET B 1 6.11 57.10 -10.13
CA MET B 1 6.76 57.05 -11.43
C MET B 1 8.26 56.81 -11.27
N ALA B 2 8.62 55.71 -10.60
CA ALA B 2 10.00 55.36 -10.38
C ALA B 2 10.43 54.06 -11.06
N LEU B 3 9.48 53.24 -11.51
CA LEU B 3 9.82 51.96 -12.12
C LEU B 3 10.63 52.15 -13.41
N ARG B 4 10.37 53.23 -14.14
CA ARG B 4 11.09 53.46 -15.39
C ARG B 4 12.58 53.66 -15.13
N GLY B 5 12.93 54.44 -14.12
CA GLY B 5 14.30 54.66 -13.74
C GLY B 5 14.84 53.70 -12.70
N PHE B 6 14.05 52.73 -12.27
CA PHE B 6 14.47 51.71 -11.31
C PHE B 6 15.09 50.50 -11.99
N CYS B 7 14.50 50.05 -13.09
CA CYS B 7 14.87 48.77 -13.66
C CYS B 7 15.99 48.92 -14.67
N SER B 8 15.97 50.00 -15.45
CA SER B 8 17.06 50.36 -16.35
C SER B 8 17.29 51.86 -16.23
N ALA B 9 18.53 52.28 -16.48
CA ALA B 9 18.89 53.69 -16.29
C ALA B 9 18.09 54.60 -17.21
N ASP B 10 18.12 54.32 -18.51
CA ASP B 10 17.38 55.15 -19.46
C ASP B 10 15.88 54.93 -19.32
N GLY B 11 15.44 53.67 -19.30
CA GLY B 11 14.04 53.34 -19.19
C GLY B 11 13.43 52.97 -20.52
N SER B 12 13.34 51.67 -20.80
CA SER B 12 12.72 51.17 -22.02
C SER B 12 11.92 49.90 -21.75
N ASP B 13 11.41 49.75 -20.54
CA ASP B 13 10.72 48.53 -20.10
C ASP B 13 9.38 48.90 -19.49
N PRO B 14 8.40 49.28 -20.32
CA PRO B 14 7.07 49.57 -19.78
C PRO B 14 6.38 48.32 -19.28
N LEU B 15 6.14 48.24 -17.97
CA LEU B 15 5.49 47.07 -17.39
C LEU B 15 4.12 46.86 -18.01
N TRP B 16 3.82 45.61 -18.35
CA TRP B 16 2.57 45.23 -18.99
C TRP B 16 2.32 46.03 -20.27
N ASP B 17 3.36 46.15 -21.10
CA ASP B 17 3.21 46.75 -22.41
C ASP B 17 2.45 45.78 -23.30
N TRP B 18 1.24 46.16 -23.72
CA TRP B 18 0.38 45.25 -24.46
C TRP B 18 0.94 44.90 -25.84
N ASN B 19 1.95 45.64 -26.30
CA ASN B 19 2.54 45.39 -27.61
C ASN B 19 3.55 44.25 -27.62
N VAL B 20 3.86 43.68 -26.45
CA VAL B 20 4.78 42.55 -26.36
C VAL B 20 4.14 41.32 -25.74
N THR B 21 3.32 41.51 -24.70
CA THR B 21 2.75 40.39 -23.95
C THR B 21 1.43 39.87 -24.49
N TRP B 22 0.65 40.71 -25.17
CA TRP B 22 -0.69 40.31 -25.58
C TRP B 22 -0.89 40.28 -27.09
N ASN B 23 -0.57 41.35 -27.80
CA ASN B 23 -0.96 41.48 -29.19
C ASN B 23 -0.11 40.64 -30.14
N THR B 24 1.09 40.24 -29.73
CA THR B 24 1.99 39.54 -30.64
C THR B 24 1.60 38.08 -30.78
N SER B 25 2.31 37.37 -31.66
CA SER B 25 2.17 35.93 -31.81
C SER B 25 3.14 35.16 -30.92
N ASN B 26 4.05 35.87 -30.24
CA ASN B 26 5.00 35.26 -29.30
C ASN B 26 4.91 36.02 -27.99
N PRO B 27 3.87 35.80 -27.20
CA PRO B 27 3.69 36.55 -25.96
C PRO B 27 4.82 36.28 -24.98
N ASP B 28 5.22 37.32 -24.27
CA ASP B 28 6.26 37.23 -23.26
C ASP B 28 6.22 38.48 -22.39
N PHE B 29 6.28 38.28 -21.08
CA PHE B 29 6.35 39.41 -20.17
C PHE B 29 7.64 40.18 -20.39
N THR B 30 7.57 41.49 -20.16
CA THR B 30 8.76 42.31 -20.31
C THR B 30 9.81 41.90 -19.29
N LYS B 31 11.07 42.21 -19.61
CA LYS B 31 12.19 41.78 -18.77
C LYS B 31 11.99 42.20 -17.33
N CYS B 32 11.54 43.44 -17.11
CA CYS B 32 11.39 43.92 -15.74
C CYS B 32 10.24 43.23 -15.02
N PHE B 33 9.18 42.87 -15.75
CA PHE B 33 8.10 42.10 -15.14
C PHE B 33 8.65 40.78 -14.61
N GLN B 34 9.45 40.09 -15.43
CA GLN B 34 10.06 38.83 -15.01
C GLN B 34 10.96 39.05 -13.80
N ASN B 35 11.73 40.14 -13.80
CA ASN B 35 12.68 40.35 -12.71
C ASN B 35 11.99 40.73 -11.40
N THR B 36 10.87 41.45 -11.46
CA THR B 36 10.24 41.94 -10.24
C THR B 36 9.02 41.12 -9.81
N VAL B 37 8.00 41.04 -10.65
CA VAL B 37 6.72 40.49 -10.19
C VAL B 37 6.79 38.97 -10.08
N LEU B 38 7.36 38.32 -11.09
CA LEU B 38 7.45 36.87 -11.09
C LEU B 38 8.36 36.33 -10.00
N VAL B 39 9.15 37.18 -9.36
CA VAL B 39 9.93 36.79 -8.20
C VAL B 39 9.21 37.16 -6.90
N TRP B 40 8.60 38.35 -6.84
CA TRP B 40 8.00 38.82 -5.60
C TRP B 40 6.67 38.15 -5.27
N VAL B 41 5.95 37.62 -6.27
CA VAL B 41 4.65 37.01 -5.98
C VAL B 41 4.75 35.82 -5.03
N PRO B 42 5.58 34.80 -5.28
CA PRO B 42 5.63 33.69 -4.33
C PRO B 42 6.23 34.09 -2.99
N CYS B 43 7.23 34.97 -2.99
CA CYS B 43 7.84 35.41 -1.74
C CYS B 43 6.82 36.15 -0.87
N PHE B 44 6.05 37.06 -1.48
CA PHE B 44 5.01 37.75 -0.72
C PHE B 44 3.93 36.78 -0.26
N TYR B 45 3.56 35.81 -1.12
CA TYR B 45 2.57 34.83 -0.71
C TYR B 45 3.00 34.08 0.54
N LEU B 46 4.26 33.64 0.57
CA LEU B 46 4.73 32.88 1.73
C LEU B 46 4.85 33.78 2.95
N TRP B 47 5.36 35.00 2.77
CA TRP B 47 5.54 35.92 3.89
C TRP B 47 4.20 36.30 4.50
N ALA B 48 3.14 36.30 3.70
CA ALA B 48 1.81 36.64 4.21
C ALA B 48 1.32 35.61 5.22
N CYS B 49 1.57 34.33 4.96
CA CYS B 49 1.02 33.28 5.79
C CYS B 49 1.92 32.92 6.97
N PHE B 50 3.16 33.43 7.00
CA PHE B 50 4.10 33.06 8.04
C PHE B 50 3.61 33.51 9.41
N PRO B 51 3.18 34.78 9.58
CA PRO B 51 2.42 35.13 10.79
C PRO B 51 1.37 34.11 11.21
N PHE B 52 0.47 33.77 10.29
CA PHE B 52 -0.68 32.93 10.63
C PHE B 52 -0.24 31.54 11.05
N TYR B 53 0.73 30.96 10.34
CA TYR B 53 1.17 29.60 10.69
C TYR B 53 1.99 29.60 11.97
N PHE B 54 2.79 30.64 12.20
CA PHE B 54 3.50 30.69 13.48
C PHE B 54 2.51 30.84 14.63
N LEU B 55 1.40 31.54 14.40
CA LEU B 55 0.37 31.67 15.43
C LEU B 55 -0.41 30.37 15.63
N TYR B 56 -0.65 29.59 14.58
CA TYR B 56 -1.49 28.40 14.68
C TYR B 56 -0.71 27.16 15.10
N LEU B 57 0.50 26.96 14.56
CA LEU B 57 1.24 25.73 14.81
C LEU B 57 1.81 25.66 16.22
N SER B 58 2.05 26.81 16.84
CA SER B 58 2.60 26.81 18.20
C SER B 58 1.58 26.38 19.24
N ARG B 59 0.34 26.12 18.85
CA ARG B 59 -0.70 25.68 19.77
C ARG B 59 -1.15 24.25 19.50
N HIS B 60 -0.54 23.56 18.54
CA HIS B 60 -0.98 22.24 18.11
C HIS B 60 0.19 21.28 17.99
N ASP B 61 1.04 21.23 19.02
CA ASP B 61 2.12 20.25 19.04
C ASP B 61 1.54 18.85 19.07
N ARG B 62 2.07 17.98 18.21
CA ARG B 62 1.50 16.64 18.08
C ARG B 62 2.57 15.55 18.23
N GLY B 63 3.78 15.81 17.74
CA GLY B 63 4.81 14.78 17.77
C GLY B 63 6.18 15.36 17.51
N TYR B 64 7.15 14.45 17.46
CA TYR B 64 8.57 14.82 17.33
C TYR B 64 9.26 13.92 16.31
N ILE B 65 8.70 13.83 15.11
CA ILE B 65 9.34 13.09 14.02
C ILE B 65 10.77 13.60 13.88
N GLN B 66 11.75 12.73 14.13
CA GLN B 66 13.07 13.22 14.51
C GLN B 66 13.96 13.59 13.32
N MET B 67 14.40 12.60 12.55
CA MET B 67 15.44 12.80 11.54
C MET B 67 15.17 11.96 10.28
N THR B 68 13.93 11.97 9.82
CA THR B 68 13.61 11.26 8.58
C THR B 68 14.49 11.79 7.45
N PRO B 69 15.01 10.92 6.59
CA PRO B 69 15.88 11.39 5.49
C PRO B 69 15.21 12.42 4.60
N LEU B 70 13.88 12.39 4.49
CA LEU B 70 13.19 13.45 3.76
C LEU B 70 13.47 14.82 4.37
N ASN B 71 13.45 14.91 5.71
CA ASN B 71 13.74 16.18 6.36
C ASN B 71 15.17 16.63 6.07
N LYS B 72 16.12 15.70 6.14
CA LYS B 72 17.52 16.05 5.89
C LYS B 72 17.70 16.56 4.46
N THR B 73 17.14 15.85 3.48
CA THR B 73 17.33 16.27 2.10
C THR B 73 16.58 17.57 1.81
N LYS B 74 15.41 17.79 2.42
CA LYS B 74 14.70 19.04 2.21
C LYS B 74 15.48 20.21 2.79
N THR B 75 16.06 20.04 3.98
CA THR B 75 16.89 21.10 4.56
C THR B 75 18.12 21.37 3.69
N ALA B 76 18.78 20.32 3.21
CA ALA B 76 19.95 20.51 2.37
C ALA B 76 19.60 21.23 1.09
N LEU B 77 18.48 20.88 0.46
CA LEU B 77 18.10 21.55 -0.78
C LEU B 77 17.65 22.99 -0.54
N GLY B 78 17.02 23.27 0.60
CA GLY B 78 16.75 24.66 0.93
C GLY B 78 18.02 25.48 1.08
N PHE B 79 19.02 24.91 1.74
CA PHE B 79 20.30 25.61 1.87
C PHE B 79 20.97 25.79 0.51
N LEU B 80 20.84 24.80 -0.39
CA LEU B 80 21.39 24.95 -1.72
C LEU B 80 20.69 26.06 -2.50
N LEU B 81 19.37 26.15 -2.37
CA LEU B 81 18.64 27.25 -2.99
C LEU B 81 19.13 28.59 -2.45
N TRP B 82 19.35 28.67 -1.14
CA TRP B 82 19.92 29.88 -0.57
C TRP B 82 21.28 30.20 -1.17
N ILE B 83 22.15 29.19 -1.29
CA ILE B 83 23.50 29.49 -1.73
C ILE B 83 23.52 29.93 -3.19
N VAL B 84 22.65 29.36 -4.03
CA VAL B 84 22.62 29.82 -5.42
C VAL B 84 22.01 31.21 -5.53
N CYS B 85 20.92 31.47 -4.79
CA CYS B 85 20.30 32.79 -4.85
C CYS B 85 21.17 33.87 -4.23
N TRP B 86 22.13 33.50 -3.38
CA TRP B 86 23.09 34.45 -2.85
C TRP B 86 24.32 34.59 -3.75
N ALA B 87 24.72 33.51 -4.43
CA ALA B 87 25.80 33.62 -5.40
C ALA B 87 25.42 34.51 -6.57
N ASP B 88 24.13 34.53 -6.94
CA ASP B 88 23.68 35.48 -7.95
C ASP B 88 23.98 36.91 -7.51
N LEU B 89 23.63 37.24 -6.27
CA LEU B 89 23.92 38.58 -5.74
C LEU B 89 25.41 38.83 -5.68
N PHE B 90 26.19 37.83 -5.29
CA PHE B 90 27.64 38.03 -5.17
C PHE B 90 28.26 38.31 -6.53
N TYR B 91 27.80 37.60 -7.57
CA TYR B 91 28.28 37.89 -8.93
C TYR B 91 27.86 39.29 -9.36
N SER B 92 26.63 39.70 -9.02
CA SER B 92 26.22 41.07 -9.34
C SER B 92 27.10 42.10 -8.64
N PHE B 93 27.44 41.85 -7.38
CA PHE B 93 28.31 42.75 -6.64
C PHE B 93 29.69 42.81 -7.26
N TRP B 94 30.23 41.67 -7.67
CA TRP B 94 31.54 41.65 -8.32
C TRP B 94 31.51 42.41 -9.64
N GLU B 95 30.41 42.25 -10.41
CA GLU B 95 30.28 42.98 -11.66
C GLU B 95 30.22 44.49 -11.43
N ARG B 96 29.44 44.92 -10.43
CA ARG B 96 29.29 46.36 -10.20
C ARG B 96 30.52 46.97 -9.58
N SER B 97 31.31 46.17 -8.83
CA SER B 97 32.47 46.72 -8.15
C SER B 97 33.59 47.08 -9.12
N ARG B 98 33.86 46.21 -10.09
CA ARG B 98 34.96 46.38 -11.03
C ARG B 98 34.44 46.30 -12.46
N GLY B 99 33.35 47.00 -12.74
CA GLY B 99 32.78 46.96 -14.08
C GLY B 99 31.67 47.96 -14.32
N ILE B 100 30.68 47.55 -15.12
CA ILE B 100 29.61 48.45 -15.52
C ILE B 100 28.62 48.64 -14.37
N PHE B 101 28.10 49.87 -14.26
CA PHE B 101 27.07 50.18 -13.28
C PHE B 101 25.86 49.28 -13.50
N LEU B 102 25.31 48.75 -12.42
CA LEU B 102 24.24 47.75 -12.48
C LEU B 102 22.96 48.32 -11.87
N ALA B 103 21.83 47.89 -12.42
CA ALA B 103 20.54 48.35 -11.93
C ALA B 103 20.27 47.81 -10.52
N PRO B 104 19.52 48.55 -9.71
CA PRO B 104 19.22 48.07 -8.34
C PRO B 104 18.38 46.81 -8.29
N VAL B 105 17.67 46.46 -9.36
CA VAL B 105 16.86 45.24 -9.35
C VAL B 105 17.74 44.02 -9.16
N PHE B 106 18.87 43.96 -9.87
CA PHE B 106 19.80 42.86 -9.76
C PHE B 106 20.47 42.79 -8.39
N LEU B 107 20.37 43.84 -7.57
CA LEU B 107 20.98 43.88 -6.25
C LEU B 107 19.96 43.77 -5.12
N VAL B 108 18.67 43.67 -5.43
CA VAL B 108 17.62 43.68 -4.43
C VAL B 108 16.79 42.39 -4.47
N SER B 109 16.26 42.05 -5.65
CA SER B 109 15.35 40.91 -5.74
C SER B 109 15.98 39.58 -5.33
N PRO B 110 17.20 39.22 -5.77
CA PRO B 110 17.81 37.98 -5.26
C PRO B 110 17.99 37.96 -3.76
N THR B 111 18.19 39.13 -3.13
CA THR B 111 18.27 39.17 -1.68
C THR B 111 16.97 38.70 -1.05
N LEU B 112 15.84 39.20 -1.57
CA LEU B 112 14.54 38.81 -1.06
C LEU B 112 14.27 37.33 -1.32
N LEU B 113 14.69 36.83 -2.49
CA LEU B 113 14.51 35.41 -2.76
C LEU B 113 15.32 34.54 -1.80
N GLY B 114 16.56 34.95 -1.49
CA GLY B 114 17.36 34.20 -0.53
C GLY B 114 16.76 34.23 0.86
N ILE B 115 16.25 35.39 1.29
CA ILE B 115 15.59 35.48 2.59
C ILE B 115 14.37 34.56 2.63
N THR B 116 13.59 34.54 1.55
CA THR B 116 12.43 33.67 1.49
C THR B 116 12.84 32.20 1.55
N MET B 117 13.95 31.84 0.90
CA MET B 117 14.42 30.46 0.97
C MET B 117 14.85 30.08 2.37
N LEU B 118 15.53 30.99 3.07
CA LEU B 118 15.84 30.74 4.48
C LEU B 118 14.58 30.53 5.30
N LEU B 119 13.57 31.37 5.07
CA LEU B 119 12.34 31.21 5.85
C LEU B 119 11.66 29.89 5.53
N ALA B 120 11.72 29.45 4.26
CA ALA B 120 11.15 28.17 3.90
C ALA B 120 11.86 27.01 4.57
N THR B 121 13.19 27.07 4.62
CA THR B 121 13.95 26.02 5.32
C THR B 121 13.62 26.00 6.81
N PHE B 122 13.56 27.18 7.43
CA PHE B 122 13.23 27.24 8.85
C PHE B 122 11.81 26.73 9.10
N LEU B 123 10.88 27.06 8.21
CA LEU B 123 9.51 26.59 8.36
C LEU B 123 9.42 25.09 8.18
N ILE B 124 10.21 24.51 7.28
CA ILE B 124 10.24 23.06 7.14
C ILE B 124 10.76 22.42 8.43
N GLN B 125 11.83 22.99 9.00
CA GLN B 125 12.39 22.43 10.23
C GLN B 125 11.40 22.52 11.38
N LEU B 126 10.74 23.67 11.54
CA LEU B 126 9.75 23.82 12.60
C LEU B 126 8.54 22.92 12.36
N GLU B 127 8.13 22.80 11.09
CA GLU B 127 7.03 21.92 10.72
C GLU B 127 7.35 20.47 11.04
N ARG B 128 8.63 20.11 10.99
CA ARG B 128 9.04 18.78 11.45
C ARG B 128 9.05 18.70 12.97
N ARG B 129 9.43 19.80 13.64
CA ARG B 129 9.47 19.79 15.10
C ARG B 129 8.08 19.54 15.68
N LYS B 130 7.05 20.16 15.11
CA LYS B 130 5.69 19.81 15.45
C LYS B 130 5.27 18.57 14.67
N GLY B 131 4.22 17.91 15.15
CA GLY B 131 3.82 16.64 14.59
C GLY B 131 2.87 16.74 13.41
N VAL B 132 3.30 17.40 12.34
CA VAL B 132 2.55 17.44 11.09
C VAL B 132 3.47 16.96 9.98
N GLN B 133 3.00 16.00 9.20
CA GLN B 133 3.86 15.34 8.22
C GLN B 133 3.71 15.96 6.84
N SER B 134 2.50 15.94 6.29
CA SER B 134 2.24 16.45 4.94
C SER B 134 1.81 17.91 5.05
N SER B 135 2.68 18.81 4.59
CA SER B 135 2.39 20.23 4.66
C SER B 135 1.28 20.61 3.67
N GLY B 136 0.46 21.56 4.08
CA GLY B 136 -0.57 22.09 3.21
C GLY B 136 -0.20 23.44 2.65
N ILE B 137 0.94 23.97 3.07
CA ILE B 137 1.42 25.27 2.63
C ILE B 137 2.70 25.15 1.81
N MET B 138 3.59 24.23 2.20
CA MET B 138 4.80 24.03 1.43
C MET B 138 4.48 23.59 -0.01
N LEU B 139 3.50 22.70 -0.16
CA LEU B 139 3.11 22.27 -1.50
C LEU B 139 2.68 23.45 -2.36
N THR B 140 1.77 24.28 -1.84
CA THR B 140 1.26 25.39 -2.62
C THR B 140 2.34 26.45 -2.86
N PHE B 141 3.18 26.72 -1.87
CA PHE B 141 4.26 27.68 -2.05
C PHE B 141 5.22 27.22 -3.15
N TRP B 142 5.65 25.96 -3.09
CA TRP B 142 6.55 25.44 -4.12
C TRP B 142 5.86 25.44 -5.48
N LEU B 143 4.56 25.15 -5.52
CA LEU B 143 3.84 25.15 -6.79
C LEU B 143 3.80 26.54 -7.41
N VAL B 144 3.50 27.56 -6.60
CA VAL B 144 3.45 28.92 -7.14
C VAL B 144 4.82 29.37 -7.60
N ALA B 145 5.85 29.11 -6.79
CA ALA B 145 7.21 29.47 -7.19
C ALA B 145 7.61 28.74 -8.47
N LEU B 146 7.18 27.48 -8.62
CA LEU B 146 7.50 26.72 -9.82
C LEU B 146 6.80 27.28 -11.04
N VAL B 147 5.55 27.74 -10.89
CA VAL B 147 4.84 28.33 -12.02
C VAL B 147 5.55 29.61 -12.48
N CYS B 148 5.92 30.45 -11.52
CA CYS B 148 6.61 31.68 -11.88
C CYS B 148 7.96 31.38 -12.53
N ALA B 149 8.72 30.44 -11.97
CA ALA B 149 9.99 30.07 -12.56
C ALA B 149 9.81 29.43 -13.93
N LEU B 150 8.69 28.74 -14.15
CA LEU B 150 8.40 28.18 -15.47
C LEU B 150 8.19 29.28 -16.49
N ALA B 151 7.46 30.33 -16.13
CA ALA B 151 7.30 31.46 -17.04
C ALA B 151 8.64 32.10 -17.35
N ILE B 152 9.46 32.35 -16.32
CA ILE B 152 10.75 32.98 -16.54
C ILE B 152 11.65 32.09 -17.39
N LEU B 153 11.60 30.78 -17.17
CA LEU B 153 12.43 29.84 -17.93
C LEU B 153 12.01 29.77 -19.38
N ARG B 154 10.69 29.80 -19.65
CA ARG B 154 10.25 29.87 -21.03
C ARG B 154 10.78 31.12 -21.71
N SER B 155 10.71 32.26 -21.01
CA SER B 155 11.23 33.49 -21.59
C SER B 155 12.72 33.38 -21.88
N LYS B 156 13.48 32.82 -20.94
CA LYS B 156 14.92 32.70 -21.13
C LYS B 156 15.27 31.78 -22.29
N ILE B 157 14.57 30.64 -22.40
CA ILE B 157 14.83 29.70 -23.49
C ILE B 157 14.51 30.35 -24.83
N MET B 158 13.37 31.05 -24.91
CA MET B 158 13.02 31.70 -26.17
C MET B 158 14.03 32.78 -26.53
N THR B 159 14.47 33.56 -25.54
CA THR B 159 15.44 34.62 -25.81
C THR B 159 16.80 34.06 -26.22
N ALA B 160 17.18 32.89 -25.69
CA ALA B 160 18.51 32.35 -25.93
C ALA B 160 18.76 32.10 -27.42
N LEU B 161 17.97 31.22 -28.02
CA LEU B 161 18.27 30.70 -29.36
C LEU B 161 17.46 31.43 -30.44
N LYS B 162 17.72 32.73 -30.57
CA LYS B 162 17.24 33.47 -31.73
C LYS B 162 18.31 33.58 -32.82
N GLU B 163 19.42 34.25 -32.51
CA GLU B 163 20.57 34.28 -33.41
C GLU B 163 21.79 34.78 -32.65
N ASP B 164 22.80 33.91 -32.50
CA ASP B 164 24.11 34.21 -31.93
C ASP B 164 24.04 35.20 -30.78
N ALA B 165 23.06 35.05 -29.90
CA ALA B 165 22.76 36.07 -28.91
C ALA B 165 23.88 36.17 -27.87
N GLN B 166 24.24 37.41 -27.54
CA GLN B 166 25.22 37.69 -26.49
C GLN B 166 24.47 37.82 -25.18
N VAL B 167 24.55 36.78 -24.35
CA VAL B 167 23.84 36.73 -23.08
C VAL B 167 24.83 36.46 -21.96
N ASP B 168 24.48 36.90 -20.75
CA ASP B 168 25.34 36.69 -19.59
C ASP B 168 25.21 35.24 -19.13
N LEU B 169 26.32 34.51 -19.18
CA LEU B 169 26.29 33.09 -18.81
C LEU B 169 26.62 32.88 -17.33
N PHE B 170 25.94 33.64 -16.46
CA PHE B 170 25.96 33.35 -15.04
C PHE B 170 24.55 33.36 -14.48
N ARG B 171 23.69 34.19 -15.06
CA ARG B 171 22.28 34.22 -14.70
C ARG B 171 21.46 33.23 -15.50
N ASP B 172 22.10 32.43 -16.34
CA ASP B 172 21.47 31.30 -16.99
C ASP B 172 21.69 30.00 -16.22
N ILE B 173 22.96 29.65 -15.95
CA ILE B 173 23.26 28.43 -15.22
C ILE B 173 22.64 28.48 -13.82
N THR B 174 22.81 29.61 -13.14
CA THR B 174 22.26 29.74 -11.79
C THR B 174 20.75 29.59 -11.79
N PHE B 175 20.06 30.23 -12.75
CA PHE B 175 18.61 30.11 -12.79
C PHE B 175 18.17 28.70 -13.14
N TYR B 176 18.88 28.01 -14.02
CA TYR B 176 18.51 26.62 -14.33
C TYR B 176 18.68 25.74 -13.11
N VAL B 177 19.76 25.92 -12.36
CA VAL B 177 19.93 25.18 -11.11
C VAL B 177 18.79 25.48 -10.15
N TYR B 178 18.43 26.76 -10.04
CA TYR B 178 17.35 27.14 -9.13
C TYR B 178 16.03 26.50 -9.54
N PHE B 179 15.72 26.49 -10.83
CA PHE B 179 14.47 25.89 -11.28
C PHE B 179 14.47 24.39 -11.06
N SER B 180 15.61 23.74 -11.30
CA SER B 180 15.68 22.30 -11.07
C SER B 180 15.47 21.96 -9.60
N LEU B 181 16.09 22.74 -8.71
CA LEU B 181 15.87 22.52 -7.28
C LEU B 181 14.43 22.80 -6.89
N LEU B 182 13.80 23.79 -7.53
CA LEU B 182 12.38 24.07 -7.28
C LEU B 182 11.52 22.87 -7.64
N LEU B 183 11.75 22.30 -8.83
CA LEU B 183 10.99 21.14 -9.24
C LEU B 183 11.24 19.95 -8.31
N ILE B 184 12.49 19.75 -7.92
CA ILE B 184 12.83 18.65 -7.02
C ILE B 184 12.08 18.80 -5.70
N GLN B 185 12.09 20.01 -5.15
CA GLN B 185 11.42 20.26 -3.88
C GLN B 185 9.92 20.08 -3.99
N LEU B 186 9.32 20.57 -5.08
CA LEU B 186 7.89 20.40 -5.25
C LEU B 186 7.50 18.92 -5.32
N VAL B 187 8.27 18.13 -6.07
CA VAL B 187 7.98 16.71 -6.16
C VAL B 187 8.20 16.03 -4.81
N LEU B 188 9.28 16.39 -4.12
CA LEU B 188 9.63 15.74 -2.86
C LEU B 188 8.60 16.03 -1.78
N SER B 189 8.11 17.26 -1.71
CA SER B 189 7.19 17.66 -0.64
C SER B 189 5.78 17.14 -0.84
N CYS B 190 5.57 16.22 -1.78
CA CYS B 190 4.27 15.59 -1.97
C CYS B 190 4.12 14.28 -1.20
N PHE B 191 5.17 13.86 -0.48
CA PHE B 191 5.15 12.61 0.27
C PHE B 191 4.91 12.89 1.75
N SER B 192 4.18 11.99 2.39
CA SER B 192 3.96 12.06 3.83
C SER B 192 5.17 11.50 4.57
N ASP B 193 5.56 12.17 5.65
CA ASP B 193 6.71 11.76 6.42
C ASP B 193 6.31 10.63 7.38
N ARG B 194 7.19 10.32 8.33
CA ARG B 194 6.95 9.23 9.27
C ARG B 194 5.81 9.61 10.22
N SER B 195 5.49 8.67 11.11
CA SER B 195 4.50 8.94 12.15
C SER B 195 5.17 9.66 13.32
N PRO B 196 4.40 10.43 14.09
CA PRO B 196 4.96 11.10 15.27
C PRO B 196 5.46 10.08 16.29
N LEU B 197 6.44 10.49 17.09
CA LEU B 197 7.10 9.57 18.01
C LEU B 197 6.10 8.95 18.99
N PHE B 198 5.30 9.77 19.65
CA PHE B 198 4.28 9.30 20.59
C PHE B 198 2.92 9.73 20.04
N SER B 199 2.36 8.92 19.16
CA SER B 199 1.09 9.22 18.53
C SER B 199 -0.07 8.83 19.46
N GLU B 200 -1.25 9.32 19.11
CA GLU B 200 -2.46 8.98 19.88
C GLU B 200 -2.81 7.51 19.76
N THR B 201 -2.33 6.83 18.73
CA THR B 201 -2.63 5.40 18.52
C THR B 201 -1.84 4.58 19.53
N ILE B 202 -2.50 4.20 20.63
CA ILE B 202 -1.90 3.37 21.65
C ILE B 202 -2.60 2.02 21.77
N HIS B 203 -3.93 2.02 21.68
CA HIS B 203 -4.70 0.79 21.76
C HIS B 203 -5.71 0.62 20.64
N ASP B 204 -6.11 1.69 19.96
CA ASP B 204 -7.09 1.58 18.88
C ASP B 204 -6.46 0.93 17.66
N PRO B 205 -7.01 -0.17 17.15
CA PRO B 205 -6.45 -0.79 15.95
C PRO B 205 -7.07 -0.34 14.64
N ASN B 206 -8.15 0.45 14.68
CA ASN B 206 -8.86 0.89 13.49
C ASN B 206 -9.11 2.39 13.56
N PRO B 207 -8.07 3.21 13.42
CA PRO B 207 -8.26 4.66 13.45
C PRO B 207 -8.59 5.22 12.07
N CYS B 208 -9.33 6.32 12.07
CA CYS B 208 -9.68 6.97 10.82
C CYS B 208 -8.42 7.55 10.17
N PRO B 209 -8.24 7.36 8.86
CA PRO B 209 -7.00 7.82 8.22
C PRO B 209 -6.89 9.33 8.06
N GLU B 210 -7.96 10.09 8.36
CA GLU B 210 -7.90 11.54 8.15
C GLU B 210 -6.86 12.20 9.03
N SER B 211 -6.59 11.64 10.21
CA SER B 211 -5.60 12.22 11.10
C SER B 211 -4.17 12.07 10.56
N SER B 212 -3.97 11.20 9.56
CA SER B 212 -2.64 11.00 8.98
C SER B 212 -2.84 10.67 7.50
N ALA B 213 -2.77 11.70 6.66
CA ALA B 213 -2.91 11.54 5.23
C ALA B 213 -2.24 12.71 4.53
N SER B 214 -1.83 12.49 3.29
CA SER B 214 -1.19 13.55 2.52
C SER B 214 -2.19 14.66 2.19
N PHE B 215 -1.66 15.83 1.85
CA PHE B 215 -2.51 16.99 1.61
C PHE B 215 -3.46 16.74 0.44
N LEU B 216 -2.97 16.11 -0.63
CA LEU B 216 -3.83 15.82 -1.77
C LEU B 216 -4.96 14.88 -1.39
N SER B 217 -4.67 13.89 -0.54
CA SER B 217 -5.71 12.98 -0.09
C SER B 217 -6.79 13.70 0.69
N ARG B 218 -6.40 14.61 1.58
CA ARG B 218 -7.38 15.39 2.33
C ARG B 218 -8.20 16.28 1.41
N ILE B 219 -7.54 16.90 0.43
CA ILE B 219 -8.25 17.80 -0.49
C ILE B 219 -9.27 17.03 -1.32
N THR B 220 -8.87 15.86 -1.84
CA THR B 220 -9.71 15.09 -2.76
C THR B 220 -10.52 14.02 -2.05
N PHE B 221 -10.40 13.91 -0.72
CA PHE B 221 -11.14 12.92 0.06
C PHE B 221 -10.88 11.50 -0.44
N TRP B 222 -9.61 11.14 -0.49
CA TRP B 222 -9.20 9.82 -0.99
C TRP B 222 -9.17 8.75 0.10
N TRP B 223 -9.23 9.12 1.37
CA TRP B 223 -9.14 8.14 2.44
C TRP B 223 -10.45 7.40 2.69
N ILE B 224 -11.55 7.82 2.09
CA ILE B 224 -12.81 7.09 2.24
C ILE B 224 -12.86 5.90 1.31
N THR B 225 -12.13 5.96 0.19
CA THR B 225 -12.17 4.89 -0.80
C THR B 225 -11.90 3.53 -0.17
N GLY B 226 -11.05 3.50 0.86
CA GLY B 226 -10.73 2.24 1.51
C GLY B 226 -11.95 1.45 1.93
N LEU B 227 -12.96 2.12 2.49
CA LEU B 227 -14.16 1.39 2.90
C LEU B 227 -15.28 1.48 1.87
N ILE B 228 -15.10 2.19 0.77
CA ILE B 228 -16.13 2.20 -0.26
C ILE B 228 -15.99 0.97 -1.15
N VAL B 229 -14.80 0.75 -1.71
CA VAL B 229 -14.55 -0.47 -2.47
C VAL B 229 -14.76 -1.69 -1.59
N ARG B 230 -14.18 -1.68 -0.38
CA ARG B 230 -14.42 -2.75 0.56
C ARG B 230 -15.90 -2.87 0.92
N GLY B 231 -16.63 -1.77 0.82
CA GLY B 231 -18.06 -1.83 1.09
C GLY B 231 -18.90 -2.37 -0.05
N TYR B 232 -18.28 -2.64 -1.21
CA TYR B 232 -19.05 -3.13 -2.35
C TYR B 232 -19.22 -4.64 -2.32
N ARG B 233 -18.17 -5.39 -2.01
CA ARG B 233 -18.26 -6.85 -2.03
C ARG B 233 -18.92 -7.39 -0.77
N GLN B 234 -18.29 -7.17 0.38
CA GLN B 234 -18.88 -7.64 1.63
C GLN B 234 -19.73 -6.54 2.25
N PRO B 235 -20.99 -6.81 2.59
CA PRO B 235 -21.85 -5.77 3.16
C PRO B 235 -21.28 -5.21 4.45
N LEU B 236 -21.46 -3.91 4.64
CA LEU B 236 -20.94 -3.22 5.82
C LEU B 236 -21.86 -3.44 7.01
N GLU B 237 -21.27 -3.70 8.17
CA GLU B 237 -22.06 -3.87 9.39
C GLU B 237 -21.18 -3.69 10.60
N GLY B 238 -21.47 -2.66 11.39
CA GLY B 238 -20.85 -2.51 12.70
C GLY B 238 -19.36 -2.22 12.71
N SER B 239 -18.57 -3.22 13.07
CA SER B 239 -17.17 -3.04 13.44
C SER B 239 -16.28 -2.57 12.29
N ASP B 240 -16.74 -2.65 11.04
CA ASP B 240 -15.90 -2.22 9.93
C ASP B 240 -15.63 -0.72 9.96
N LEU B 241 -16.53 0.06 10.55
CA LEU B 241 -16.34 1.49 10.64
C LEU B 241 -15.14 1.82 11.51
N TRP B 242 -14.53 2.98 11.24
CA TRP B 242 -13.33 3.39 11.95
C TRP B 242 -13.69 3.81 13.37
N SER B 243 -12.69 4.31 14.09
CA SER B 243 -12.89 4.94 15.39
C SER B 243 -12.70 6.44 15.23
N LEU B 244 -13.40 7.21 16.06
CA LEU B 244 -13.36 8.66 15.94
C LEU B 244 -11.95 9.19 16.23
N ASN B 245 -11.70 10.41 15.76
CA ASN B 245 -10.36 11.00 15.76
C ASN B 245 -10.04 11.76 17.04
N LYS B 246 -10.64 11.37 18.17
CA LYS B 246 -10.33 11.89 19.49
C LYS B 246 -10.61 13.39 19.65
N GLU B 247 -11.22 14.02 18.65
CA GLU B 247 -11.67 15.39 18.79
C GLU B 247 -13.14 15.58 18.46
N ASP B 248 -13.82 14.52 18.01
CA ASP B 248 -15.26 14.52 17.86
C ASP B 248 -15.97 13.72 18.95
N THR B 249 -15.22 13.07 19.83
CA THR B 249 -15.81 12.24 20.87
C THR B 249 -16.53 13.10 21.90
N SER B 250 -17.56 12.52 22.52
CA SER B 250 -18.37 13.27 23.47
C SER B 250 -17.55 13.67 24.70
N GLU B 251 -16.74 12.75 25.22
CA GLU B 251 -15.98 13.03 26.43
C GLU B 251 -14.93 14.10 26.24
N GLN B 252 -14.63 14.49 25.01
CA GLN B 252 -13.72 15.59 24.72
C GLN B 252 -14.45 16.89 24.42
N VAL B 253 -15.62 16.82 23.82
CA VAL B 253 -16.33 18.03 23.40
C VAL B 253 -17.17 18.59 24.53
N VAL B 254 -17.90 17.73 25.25
CA VAL B 254 -18.90 18.20 26.21
C VAL B 254 -18.30 19.06 27.33
N PRO B 255 -17.17 18.71 27.95
CA PRO B 255 -16.69 19.53 29.08
C PRO B 255 -16.50 21.00 28.75
N VAL B 256 -16.03 21.30 27.53
CA VAL B 256 -15.86 22.70 27.13
C VAL B 256 -17.20 23.42 27.17
N LEU B 257 -18.24 22.81 26.57
CA LEU B 257 -19.54 23.44 26.54
C LEU B 257 -20.12 23.61 27.94
N VAL B 258 -20.00 22.60 28.78
CA VAL B 258 -20.62 22.69 30.10
C VAL B 258 -19.91 23.73 30.96
N LYS B 259 -18.57 23.79 30.88
CA LYS B 259 -17.86 24.79 31.67
C LYS B 259 -18.14 26.20 31.15
N ASN B 260 -18.24 26.37 29.83
CA ASN B 260 -18.57 27.69 29.29
C ASN B 260 -19.97 28.12 29.70
N TRP B 261 -20.94 27.20 29.65
CA TRP B 261 -22.29 27.54 30.02
C TRP B 261 -22.41 27.86 31.50
N LYS B 262 -21.70 27.12 32.36
CA LYS B 262 -21.76 27.42 33.79
C LYS B 262 -21.04 28.74 34.10
N LYS B 263 -19.95 29.06 33.39
CA LYS B 263 -19.33 30.36 33.56
C LYS B 263 -20.27 31.48 33.14
N GLU B 264 -20.98 31.29 32.03
CA GLU B 264 -21.94 32.30 31.59
C GLU B 264 -23.07 32.46 32.60
N CYS B 265 -23.53 31.36 33.18
CA CYS B 265 -24.56 31.43 34.21
C CYS B 265 -24.06 32.18 35.44
N ALA B 266 -22.80 31.93 35.83
CA ALA B 266 -22.22 32.65 36.96
C ALA B 266 -22.11 34.14 36.67
N LYS B 267 -21.76 34.49 35.44
CA LYS B 267 -21.58 35.90 35.08
C LYS B 267 -22.89 36.69 35.15
N THR B 268 -24.03 36.03 35.06
CA THR B 268 -25.31 36.70 35.14
C THR B 268 -25.77 36.83 36.59
N ASN B 310 -32.16 36.30 31.27
CA ASN B 310 -30.76 35.99 31.05
C ASN B 310 -30.49 35.74 29.56
N PRO B 311 -29.31 36.15 29.09
CA PRO B 311 -28.96 35.91 27.68
C PRO B 311 -28.90 34.42 27.37
N SER B 312 -29.28 34.07 26.15
CA SER B 312 -29.39 32.68 25.74
C SER B 312 -28.01 32.04 25.61
N LEU B 313 -28.01 30.71 25.55
CA LEU B 313 -26.78 29.97 25.32
C LEU B 313 -26.24 30.17 23.91
N PHE B 314 -27.01 30.77 23.00
CA PHE B 314 -26.46 31.16 21.72
C PHE B 314 -25.23 32.03 21.90
N LYS B 315 -25.30 32.98 22.84
CA LYS B 315 -24.18 33.86 23.12
C LYS B 315 -22.94 33.09 23.55
N VAL B 316 -23.09 31.86 24.04
CA VAL B 316 -21.92 31.04 24.34
C VAL B 316 -21.76 30.01 23.24
N LEU B 317 -22.88 29.60 22.62
CA LEU B 317 -22.80 28.66 21.51
C LEU B 317 -22.01 29.24 20.34
N TYR B 318 -21.98 30.58 20.24
CA TYR B 318 -21.17 31.23 19.22
C TYR B 318 -19.69 31.23 19.57
N LYS B 319 -19.35 31.29 20.86
CA LYS B 319 -17.95 31.43 21.27
C LYS B 319 -17.27 30.10 21.57
N THR B 320 -17.99 28.98 21.47
CA THR B 320 -17.39 27.68 21.72
C THR B 320 -17.09 26.91 20.43
N PHE B 321 -17.98 26.96 19.44
CA PHE B 321 -17.77 26.34 18.14
C PHE B 321 -17.70 27.36 17.03
N GLY B 322 -17.36 28.60 17.37
CA GLY B 322 -17.22 29.67 16.40
C GLY B 322 -15.92 29.65 15.62
N PRO B 323 -14.77 29.59 16.32
CA PRO B 323 -13.48 29.61 15.61
C PRO B 323 -13.31 28.54 14.54
N TYR B 324 -14.19 27.54 14.53
CA TYR B 324 -14.20 26.56 13.46
C TYR B 324 -15.11 26.96 12.32
N PHE B 325 -15.83 28.07 12.44
CA PHE B 325 -16.63 28.60 11.35
C PHE B 325 -15.89 29.66 10.53
N LEU B 326 -14.84 30.25 11.07
CA LEU B 326 -14.06 31.22 10.29
C LEU B 326 -13.48 30.57 9.04
N MET B 327 -13.20 29.27 9.09
CA MET B 327 -12.79 28.54 7.91
C MET B 327 -13.96 28.13 7.03
N SER B 328 -15.19 28.33 7.49
CA SER B 328 -16.38 28.07 6.70
C SER B 328 -16.95 29.32 6.07
N PHE B 329 -16.30 30.47 6.25
CA PHE B 329 -16.70 31.73 5.63
C PHE B 329 -15.72 32.19 4.56
N PHE B 330 -14.42 31.99 4.79
CA PHE B 330 -13.42 32.26 3.77
C PHE B 330 -13.45 31.22 2.65
N PHE B 331 -14.12 30.09 2.85
CA PHE B 331 -14.25 29.07 1.82
C PHE B 331 -15.58 29.14 1.09
N LYS B 332 -16.42 30.12 1.41
CA LYS B 332 -17.63 30.38 0.65
C LYS B 332 -17.48 31.57 -0.29
N ALA B 333 -16.77 32.61 0.15
CA ALA B 333 -16.54 33.77 -0.72
C ALA B 333 -15.72 33.38 -1.95
N ILE B 334 -14.70 32.54 -1.77
CA ILE B 334 -13.85 32.16 -2.90
C ILE B 334 -14.65 31.39 -3.93
N HIS B 335 -15.41 30.38 -3.49
CA HIS B 335 -16.24 29.63 -4.41
C HIS B 335 -17.28 30.53 -5.06
N ASP B 336 -17.83 31.48 -4.30
CA ASP B 336 -18.81 32.39 -4.85
C ASP B 336 -18.23 33.25 -5.96
N LEU B 337 -16.99 33.73 -5.77
CA LEU B 337 -16.33 34.51 -6.81
C LEU B 337 -16.05 33.66 -8.04
N MET B 338 -15.60 32.42 -7.84
CA MET B 338 -15.31 31.56 -8.99
C MET B 338 -16.58 31.27 -9.80
N MET B 339 -17.69 31.08 -9.10
CA MET B 339 -18.96 30.79 -9.79
C MET B 339 -19.29 31.87 -10.80
N PHE B 340 -19.10 33.14 -10.44
CA PHE B 340 -19.35 34.23 -11.37
C PHE B 340 -18.22 34.41 -12.37
N SER B 341 -16.97 34.13 -11.97
CA SER B 341 -15.84 34.31 -12.87
C SER B 341 -15.83 33.31 -14.01
N GLY B 342 -16.57 32.20 -13.90
CA GLY B 342 -16.71 31.28 -15.00
C GLY B 342 -17.33 31.90 -16.25
N PRO B 343 -18.55 32.42 -16.13
CA PRO B 343 -19.21 33.01 -17.32
C PRO B 343 -18.46 34.17 -17.93
N GLN B 344 -17.62 34.89 -17.18
CA GLN B 344 -16.79 35.91 -17.80
C GLN B 344 -15.79 35.29 -18.78
N ILE B 345 -15.18 34.17 -18.38
CA ILE B 345 -14.31 33.44 -19.29
C ILE B 345 -15.10 32.93 -20.48
N LEU B 346 -16.34 32.51 -20.25
CA LEU B 346 -17.19 32.09 -21.36
C LEU B 346 -17.40 33.22 -22.36
N LYS B 347 -17.70 34.42 -21.85
CA LYS B 347 -17.93 35.56 -22.73
C LYS B 347 -16.66 35.92 -23.50
N LEU B 348 -15.51 35.91 -22.83
CA LEU B 348 -14.26 36.20 -23.53
C LEU B 348 -13.99 35.19 -24.63
N LEU B 349 -14.22 33.91 -24.35
CA LEU B 349 -14.02 32.88 -25.37
C LEU B 349 -14.96 33.08 -26.55
N ILE B 350 -16.23 33.40 -26.28
CA ILE B 350 -17.19 33.56 -27.36
C ILE B 350 -16.84 34.78 -28.20
N LYS B 351 -16.40 35.86 -27.57
CA LYS B 351 -15.97 37.03 -28.32
C LYS B 351 -14.75 36.71 -29.18
N PHE B 352 -13.79 35.95 -28.62
CA PHE B 352 -12.59 35.61 -29.37
C PHE B 352 -12.92 34.75 -30.59
N VAL B 353 -13.86 33.82 -30.45
CA VAL B 353 -14.18 32.92 -31.55
C VAL B 353 -14.61 33.70 -32.78
N ASN B 354 -15.40 34.76 -32.58
CA ASN B 354 -15.86 35.59 -33.68
C ASN B 354 -14.82 36.60 -34.16
N ASP B 355 -13.56 36.45 -33.73
CA ASP B 355 -12.46 37.31 -34.20
C ASP B 355 -11.58 36.46 -35.11
N THR B 356 -11.77 36.61 -36.42
CA THR B 356 -11.03 35.82 -37.39
C THR B 356 -9.56 36.20 -37.46
N LYS B 357 -9.16 37.34 -36.88
CA LYS B 357 -7.78 37.79 -36.92
C LYS B 357 -7.10 37.77 -35.57
N ALA B 358 -7.77 37.29 -34.52
CA ALA B 358 -7.14 37.20 -33.22
C ALA B 358 -6.05 36.13 -33.24
N PRO B 359 -4.93 36.36 -32.57
CA PRO B 359 -3.85 35.36 -32.55
C PRO B 359 -4.33 34.05 -31.95
N ASP B 360 -3.79 32.95 -32.46
CA ASP B 360 -4.30 31.62 -32.13
C ASP B 360 -4.14 31.33 -30.64
N TRP B 361 -2.94 31.57 -30.09
CA TRP B 361 -2.64 31.14 -28.73
C TRP B 361 -3.63 31.71 -27.72
N GLN B 362 -4.19 32.90 -28.01
CA GLN B 362 -5.16 33.51 -27.11
C GLN B 362 -6.25 32.52 -26.73
N GLY B 363 -6.79 31.81 -27.72
CA GLY B 363 -7.83 30.86 -27.43
C GLY B 363 -7.43 29.87 -26.35
N TYR B 364 -6.24 29.29 -26.49
CA TYR B 364 -5.77 28.34 -25.49
C TYR B 364 -5.68 29.00 -24.12
N PHE B 365 -5.19 30.24 -24.06
CA PHE B 365 -5.06 30.91 -22.77
C PHE B 365 -6.39 31.02 -22.06
N TYR B 366 -7.50 31.06 -22.82
CA TYR B 366 -8.80 31.02 -22.16
C TYR B 366 -9.15 29.60 -21.77
N THR B 367 -9.02 28.66 -22.71
CA THR B 367 -9.54 27.31 -22.51
C THR B 367 -8.82 26.58 -21.39
N VAL B 368 -7.63 27.04 -21.00
CA VAL B 368 -6.98 26.50 -19.80
C VAL B 368 -7.53 27.18 -18.56
N LEU B 369 -7.53 28.51 -18.56
CA LEU B 369 -7.88 29.27 -17.35
C LEU B 369 -9.23 28.83 -16.80
N LEU B 370 -10.26 28.84 -17.66
CA LEU B 370 -11.58 28.33 -17.30
C LEU B 370 -11.45 27.04 -16.52
N PHE B 371 -10.85 26.03 -17.15
CA PHE B 371 -10.66 24.74 -16.50
C PHE B 371 -10.13 24.93 -15.08
N VAL B 372 -8.97 25.57 -14.96
CA VAL B 372 -8.34 25.72 -13.66
C VAL B 372 -9.31 26.36 -12.68
N THR B 373 -9.94 27.47 -13.09
CA THR B 373 -10.88 28.15 -12.21
C THR B 373 -11.94 27.18 -11.72
N ALA B 374 -12.58 26.47 -12.65
CA ALA B 374 -13.62 25.53 -12.27
C ALA B 374 -13.10 24.56 -11.22
N CYS B 375 -11.93 23.97 -11.48
CA CYS B 375 -11.39 23.00 -10.54
C CYS B 375 -11.26 23.60 -9.15
N LEU B 376 -10.68 24.81 -9.07
CA LEU B 376 -10.49 25.43 -7.77
C LEU B 376 -11.82 25.57 -7.05
N GLN B 377 -12.86 26.02 -7.77
CA GLN B 377 -14.17 26.16 -7.15
C GLN B 377 -14.57 24.87 -6.46
N THR B 378 -14.47 23.75 -7.18
CA THR B 378 -14.80 22.47 -6.57
C THR B 378 -13.95 22.24 -5.34
N LEU B 379 -12.62 22.34 -5.50
CA LEU B 379 -11.72 22.04 -4.39
C LEU B 379 -11.84 23.06 -3.27
N VAL B 380 -12.71 24.06 -3.43
CA VAL B 380 -13.06 24.95 -2.34
C VAL B 380 -14.46 24.65 -1.81
N LEU B 381 -15.43 24.45 -2.72
CA LEU B 381 -16.81 24.32 -2.28
C LEU B 381 -16.99 23.12 -1.36
N HIS B 382 -16.46 21.97 -1.76
CA HIS B 382 -16.56 20.77 -0.94
C HIS B 382 -15.58 20.78 0.21
N GLN B 383 -14.67 21.74 0.27
CA GLN B 383 -13.91 21.97 1.48
C GLN B 383 -14.68 22.85 2.47
N TYR B 384 -15.75 23.49 2.02
CA TYR B 384 -16.60 24.28 2.91
C TYR B 384 -17.69 23.40 3.51
N PHE B 385 -18.53 22.80 2.65
CA PHE B 385 -19.60 21.92 3.09
C PHE B 385 -19.15 20.98 4.19
N HIS B 386 -18.14 20.15 3.88
CA HIS B 386 -17.58 19.22 4.84
C HIS B 386 -17.34 19.90 6.18
N ILE B 387 -16.52 20.96 6.18
CA ILE B 387 -16.23 21.67 7.43
C ILE B 387 -17.53 22.01 8.13
N CYS B 388 -18.42 22.71 7.42
CA CYS B 388 -19.71 23.05 7.98
C CYS B 388 -20.41 21.83 8.52
N PHE B 389 -20.53 20.78 7.70
CA PHE B 389 -21.22 19.57 8.14
C PHE B 389 -20.57 19.04 9.40
N VAL B 390 -19.24 18.96 9.42
CA VAL B 390 -18.55 18.42 10.58
C VAL B 390 -18.94 19.22 11.82
N SER B 391 -18.88 20.56 11.71
CA SER B 391 -19.21 21.38 12.87
C SER B 391 -20.63 21.10 13.32
N GLY B 392 -21.57 20.98 12.37
CA GLY B 392 -22.93 20.69 12.75
C GLY B 392 -23.03 19.42 13.57
N MET B 393 -22.35 18.36 13.10
CA MET B 393 -22.39 17.11 13.85
C MET B 393 -21.83 17.32 15.24
N ARG B 394 -20.73 18.07 15.34
CA ARG B 394 -20.16 18.39 16.65
C ARG B 394 -21.23 18.98 17.56
N ILE B 395 -21.98 19.96 17.05
CA ILE B 395 -23.04 20.60 17.84
C ILE B 395 -23.89 19.54 18.50
N LYS B 396 -24.35 18.57 17.70
CA LYS B 396 -25.23 17.52 18.22
C LYS B 396 -24.67 16.95 19.51
N THR B 397 -23.45 16.41 19.46
CA THR B 397 -22.94 15.70 20.62
C THR B 397 -22.86 16.63 21.81
N ALA B 398 -22.44 17.88 21.59
CA ALA B 398 -22.34 18.82 22.70
C ALA B 398 -23.69 18.97 23.38
N VAL B 399 -24.74 19.22 22.60
CA VAL B 399 -26.07 19.34 23.19
C VAL B 399 -26.44 18.04 23.87
N ILE B 400 -26.19 16.91 23.20
CA ILE B 400 -26.51 15.62 23.78
C ILE B 400 -25.70 15.41 25.06
N GLY B 401 -24.47 15.93 25.10
CA GLY B 401 -23.70 15.86 26.31
C GLY B 401 -24.26 16.71 27.42
N ALA B 402 -24.80 17.88 27.08
CA ALA B 402 -25.24 18.81 28.10
C ALA B 402 -26.59 18.42 28.67
N VAL B 403 -27.59 18.24 27.80
CA VAL B 403 -28.94 17.95 28.26
C VAL B 403 -28.97 16.73 29.17
N TYR B 404 -28.23 15.68 28.79
CA TYR B 404 -28.16 14.50 29.66
C TYR B 404 -27.52 14.84 30.99
N ARG B 405 -26.39 15.56 30.97
CA ARG B 405 -25.71 15.89 32.22
C ARG B 405 -26.49 16.89 33.05
N LYS B 406 -27.48 17.57 32.47
CA LYS B 406 -28.32 18.50 33.17
C LYS B 406 -29.74 17.97 33.37
N ALA B 407 -29.90 16.65 33.35
CA ALA B 407 -31.21 16.03 33.51
C ALA B 407 -31.28 15.07 34.69
N LEU B 408 -30.20 14.33 34.96
CA LEU B 408 -30.21 13.32 36.00
C LEU B 408 -29.64 13.80 37.33
N VAL B 409 -29.22 15.07 37.41
CA VAL B 409 -28.69 15.60 38.67
C VAL B 409 -29.29 16.97 38.98
N ILE B 410 -30.32 17.37 38.24
CA ILE B 410 -30.97 18.66 38.41
C ILE B 410 -32.47 18.43 38.63
N THR B 411 -33.21 19.54 38.72
CA THR B 411 -34.68 19.61 38.73
C THR B 411 -35.31 18.56 39.64
N ASN B 412 -35.04 18.71 40.93
CA ASN B 412 -35.72 17.92 41.96
C ASN B 412 -37.15 18.43 42.09
N SER B 413 -38.09 17.70 41.50
CA SER B 413 -39.52 18.00 41.58
C SER B 413 -39.86 19.33 40.93
N ALA B 414 -38.89 19.96 40.28
CA ALA B 414 -39.12 21.17 39.49
C ALA B 414 -39.31 20.85 38.01
N ARG B 415 -39.61 19.59 37.70
CA ARG B 415 -39.77 19.12 36.32
C ARG B 415 -41.25 18.92 36.06
N LYS B 416 -41.90 19.97 35.54
CA LYS B 416 -43.31 19.92 35.23
C LYS B 416 -43.57 19.71 33.74
N SER B 417 -42.54 19.38 32.97
CA SER B 417 -42.71 18.97 31.58
C SER B 417 -42.75 17.45 31.52
N SER B 418 -43.67 16.92 30.71
CA SER B 418 -43.88 15.48 30.66
C SER B 418 -42.60 14.74 30.30
N THR B 419 -42.36 13.63 31.00
CA THR B 419 -41.12 12.87 30.76
C THR B 419 -41.08 12.34 29.34
N VAL B 420 -42.22 11.91 28.82
CA VAL B 420 -42.32 11.49 27.42
C VAL B 420 -42.75 12.67 26.57
N GLY B 421 -42.08 12.86 25.45
CA GLY B 421 -42.47 13.87 24.48
C GLY B 421 -42.04 15.29 24.79
N GLU B 422 -41.41 15.54 25.92
CA GLU B 422 -40.98 16.89 26.27
C GLU B 422 -39.53 16.98 26.74
N ILE B 423 -38.86 15.87 27.01
CA ILE B 423 -37.45 15.87 27.40
C ILE B 423 -36.62 15.00 26.46
N VAL B 424 -37.01 13.74 26.29
CA VAL B 424 -36.40 12.91 25.25
C VAL B 424 -36.71 13.48 23.88
N ASN B 425 -37.95 13.94 23.67
CA ASN B 425 -38.29 14.61 22.42
C ASN B 425 -37.50 15.89 22.25
N LEU B 426 -37.22 16.60 23.35
CA LEU B 426 -36.33 17.75 23.27
C LEU B 426 -35.00 17.34 22.68
N MET B 427 -34.37 16.32 23.25
CA MET B 427 -33.14 15.78 22.68
C MET B 427 -33.28 15.53 21.19
N SER B 428 -34.18 14.62 20.82
CA SER B 428 -34.29 14.19 19.44
C SER B 428 -34.55 15.36 18.49
N VAL B 429 -35.71 16.00 18.64
CA VAL B 429 -36.10 17.04 17.70
C VAL B 429 -35.16 18.24 17.80
N ASP B 430 -35.10 18.87 18.98
CA ASP B 430 -34.38 20.12 19.12
C ASP B 430 -32.87 19.92 19.22
N ALA B 431 -32.34 18.74 18.91
CA ALA B 431 -30.92 18.59 18.65
C ALA B 431 -30.62 18.07 17.26
N GLN B 432 -31.58 17.43 16.59
CA GLN B 432 -31.40 17.11 15.18
C GLN B 432 -31.63 18.31 14.29
N ARG B 433 -32.24 19.38 14.81
CA ARG B 433 -32.43 20.60 14.05
C ARG B 433 -31.21 21.49 14.03
N PHE B 434 -30.16 21.16 14.79
CA PHE B 434 -28.95 21.95 14.84
C PHE B 434 -27.84 21.40 13.95
N MET B 435 -28.14 20.40 13.13
CA MET B 435 -27.25 19.97 12.07
C MET B 435 -27.61 20.57 10.72
N ASP B 436 -28.89 20.89 10.51
CA ASP B 436 -29.32 21.60 9.32
C ASP B 436 -28.95 23.08 9.40
N LEU B 437 -29.09 23.67 10.59
CA LEU B 437 -28.76 25.09 10.74
C LEU B 437 -27.29 25.35 10.47
N ALA B 438 -26.43 24.36 10.63
CA ALA B 438 -25.04 24.53 10.24
C ALA B 438 -24.93 24.79 8.74
N THR B 439 -25.68 24.04 7.94
CA THR B 439 -25.60 24.20 6.49
C THR B 439 -26.35 25.45 6.02
N TYR B 440 -27.42 25.82 6.72
CA TYR B 440 -28.26 26.93 6.27
C TYR B 440 -27.93 28.25 6.94
N ILE B 441 -26.83 28.35 7.68
CA ILE B 441 -26.48 29.62 8.32
C ILE B 441 -25.60 30.48 7.41
N ASN B 442 -24.63 29.87 6.73
CA ASN B 442 -23.71 30.67 5.92
C ASN B 442 -24.36 31.20 4.66
N MET B 443 -25.52 30.66 4.27
CA MET B 443 -26.22 31.14 3.09
C MET B 443 -26.90 32.49 3.33
N ILE B 444 -27.23 32.81 4.59
CA ILE B 444 -28.00 34.01 4.90
C ILE B 444 -27.32 35.27 4.38
N TRP B 445 -26.00 35.24 4.16
CA TRP B 445 -25.30 36.35 3.54
C TRP B 445 -24.91 36.06 2.09
N SER B 446 -24.71 34.80 1.74
CA SER B 446 -24.21 34.47 0.41
C SER B 446 -25.35 34.36 -0.60
N ALA B 447 -26.44 33.71 -0.23
CA ALA B 447 -27.57 33.56 -1.16
C ALA B 447 -28.13 34.91 -1.61
N PRO B 448 -28.33 35.93 -0.76
CA PRO B 448 -28.78 37.23 -1.28
C PRO B 448 -27.74 37.88 -2.16
N LEU B 449 -26.49 37.95 -1.67
CA LEU B 449 -25.39 38.56 -2.41
C LEU B 449 -25.39 38.10 -3.86
N GLN B 450 -25.22 36.80 -4.06
CA GLN B 450 -25.26 36.21 -5.40
C GLN B 450 -26.35 36.84 -6.25
N VAL B 451 -27.58 36.79 -5.75
CA VAL B 451 -28.73 37.30 -6.50
C VAL B 451 -28.42 38.70 -7.02
N ILE B 452 -28.14 39.63 -6.10
CA ILE B 452 -27.98 41.01 -6.54
C ILE B 452 -26.80 41.11 -7.50
N LEU B 453 -25.70 40.42 -7.20
CA LEU B 453 -24.55 40.47 -8.09
C LEU B 453 -24.93 39.95 -9.46
N ALA B 454 -25.64 38.81 -9.50
CA ALA B 454 -26.11 38.30 -10.78
C ALA B 454 -26.96 39.34 -11.48
N LEU B 455 -27.91 39.94 -10.75
CA LEU B 455 -28.73 40.98 -11.36
C LEU B 455 -27.86 42.12 -11.87
N TYR B 456 -26.85 42.51 -11.09
CA TYR B 456 -25.94 43.56 -11.53
C TYR B 456 -25.33 43.21 -12.87
N LEU B 457 -24.84 41.98 -13.00
CA LEU B 457 -24.25 41.57 -14.27
C LEU B 457 -25.27 41.64 -15.39
N LEU B 458 -26.50 41.24 -15.09
CA LEU B 458 -27.57 41.35 -16.10
C LEU B 458 -27.71 42.79 -16.57
N TRP B 459 -27.68 43.75 -15.63
CA TRP B 459 -27.74 45.14 -16.02
C TRP B 459 -26.57 45.50 -16.92
N LEU B 460 -25.38 45.02 -16.58
CA LEU B 460 -24.21 45.30 -17.40
C LEU B 460 -24.28 44.60 -18.76
N ASN B 461 -25.13 43.58 -18.89
CA ASN B 461 -25.20 42.81 -20.13
C ASN B 461 -26.29 43.32 -21.07
N LEU B 462 -27.54 43.33 -20.61
CA LEU B 462 -28.66 43.71 -21.46
C LEU B 462 -28.95 45.21 -21.42
N GLY B 463 -28.32 45.96 -20.52
CA GLY B 463 -28.50 47.39 -20.46
C GLY B 463 -29.92 47.82 -20.15
N PRO B 464 -30.48 48.68 -20.99
CA PRO B 464 -31.88 49.11 -20.78
C PRO B 464 -32.89 47.99 -20.88
N SER B 465 -32.53 46.87 -21.50
CA SER B 465 -33.42 45.72 -21.55
C SER B 465 -33.67 45.10 -20.19
N VAL B 466 -32.89 45.49 -19.18
CA VAL B 466 -33.18 45.06 -17.82
C VAL B 466 -34.56 45.51 -17.38
N LEU B 467 -35.08 46.58 -17.98
CA LEU B 467 -36.42 47.06 -17.63
C LEU B 467 -37.48 46.01 -17.92
N ALA B 468 -37.28 45.19 -18.95
CA ALA B 468 -38.17 44.08 -19.24
C ALA B 468 -37.68 42.77 -18.64
N GLY B 469 -36.37 42.59 -18.50
CA GLY B 469 -35.86 41.38 -17.88
C GLY B 469 -36.29 41.24 -16.43
N VAL B 470 -36.18 42.33 -15.66
CA VAL B 470 -36.61 42.30 -14.27
C VAL B 470 -38.12 42.12 -14.19
N ALA B 471 -38.87 42.67 -15.15
CA ALA B 471 -40.31 42.44 -15.18
C ALA B 471 -40.64 40.97 -15.40
N VAL B 472 -39.91 40.31 -16.31
CA VAL B 472 -40.18 38.90 -16.58
C VAL B 472 -39.77 38.04 -15.38
N MET B 473 -38.67 38.40 -14.72
CA MET B 473 -38.31 37.70 -13.48
C MET B 473 -39.37 37.90 -12.39
N VAL B 474 -39.93 39.10 -12.29
CA VAL B 474 -40.99 39.33 -11.31
C VAL B 474 -42.23 38.51 -11.67
N LEU B 475 -42.52 38.36 -12.96
CA LEU B 475 -43.62 37.49 -13.38
C LEU B 475 -43.34 36.04 -13.03
N MET B 476 -42.10 35.58 -13.20
CA MET B 476 -41.76 34.20 -12.90
C MET B 476 -41.61 33.92 -11.41
N VAL B 477 -41.46 34.95 -10.59
CA VAL B 477 -41.31 34.72 -9.15
C VAL B 477 -42.50 33.98 -8.55
N PRO B 478 -43.76 34.36 -8.84
CA PRO B 478 -44.87 33.51 -8.36
C PRO B 478 -44.87 32.11 -8.95
N VAL B 479 -44.26 31.93 -10.12
CA VAL B 479 -44.20 30.62 -10.76
C VAL B 479 -43.17 29.73 -10.05
N SER B 546 -49.95 17.68 -10.55
CA SER B 546 -48.62 18.05 -10.09
C SER B 546 -47.57 17.77 -11.16
N ALA B 547 -47.78 16.70 -11.93
CA ALA B 547 -46.86 16.36 -13.01
C ALA B 547 -46.77 17.47 -14.04
N VAL B 548 -47.90 18.12 -14.34
CA VAL B 548 -47.89 19.27 -15.23
C VAL B 548 -47.04 20.38 -14.63
N GLY B 549 -47.14 20.60 -13.31
CA GLY B 549 -46.30 21.59 -12.67
C GLY B 549 -44.83 21.25 -12.76
N THR B 550 -44.48 19.97 -12.56
CA THR B 550 -43.07 19.56 -12.66
C THR B 550 -42.55 19.76 -14.08
N PHE B 551 -43.38 19.46 -15.08
CA PHE B 551 -42.92 19.64 -16.45
C PHE B 551 -42.85 21.10 -16.86
N THR B 552 -43.71 21.95 -16.29
CA THR B 552 -43.54 23.39 -16.48
C THR B 552 -42.24 23.87 -15.83
N TRP B 553 -41.90 23.30 -14.66
CA TRP B 553 -40.60 23.60 -14.07
C TRP B 553 -39.46 23.15 -14.98
N VAL B 554 -39.63 22.00 -15.63
CA VAL B 554 -38.61 21.51 -16.56
C VAL B 554 -38.47 22.47 -17.74
N CYS B 555 -39.58 22.96 -18.26
CA CYS B 555 -39.57 23.90 -19.38
C CYS B 555 -39.23 25.33 -18.96
N THR B 556 -39.15 25.60 -17.66
CA THR B 556 -38.88 26.95 -17.17
C THR B 556 -37.65 27.62 -17.79
N PRO B 557 -36.50 26.95 -17.97
CA PRO B 557 -35.42 27.63 -18.71
C PRO B 557 -35.84 28.06 -20.10
N PHE B 558 -36.59 27.21 -20.81
CA PHE B 558 -37.09 27.61 -22.12
C PHE B 558 -38.06 28.79 -22.01
N LEU B 559 -38.92 28.77 -21.00
CA LEU B 559 -39.89 29.86 -20.84
C LEU B 559 -39.18 31.19 -20.59
N VAL B 560 -38.20 31.20 -19.68
CA VAL B 560 -37.52 32.45 -19.37
C VAL B 560 -36.68 32.90 -20.55
N ALA B 561 -36.02 31.97 -21.25
CA ALA B 561 -35.25 32.34 -22.43
C ALA B 561 -36.15 32.96 -23.49
N LEU B 562 -37.28 32.31 -23.78
CA LEU B 562 -38.20 32.82 -24.79
C LEU B 562 -38.72 34.20 -24.43
N CYS B 563 -39.17 34.37 -23.18
CA CYS B 563 -39.74 35.65 -22.77
C CYS B 563 -38.69 36.76 -22.82
N THR B 564 -37.51 36.51 -22.25
CA THR B 564 -36.48 37.54 -22.22
C THR B 564 -36.00 37.89 -23.62
N PHE B 565 -35.79 36.90 -24.48
CA PHE B 565 -35.35 37.19 -25.84
C PHE B 565 -36.42 37.93 -26.62
N ALA B 566 -37.69 37.55 -26.45
CA ALA B 566 -38.77 38.23 -27.16
C ALA B 566 -38.87 39.69 -26.73
N VAL B 567 -38.82 39.95 -25.43
CA VAL B 567 -38.92 41.35 -24.98
C VAL B 567 -37.68 42.13 -25.41
N TYR B 568 -36.50 41.49 -25.37
CA TYR B 568 -35.28 42.17 -25.81
C TYR B 568 -35.35 42.55 -27.28
N VAL B 569 -35.87 41.68 -28.13
CA VAL B 569 -35.93 41.98 -29.55
C VAL B 569 -37.11 42.87 -29.91
N THR B 570 -38.13 42.97 -29.04
CA THR B 570 -39.30 43.78 -29.35
C THR B 570 -39.27 45.17 -28.74
N ILE B 571 -38.47 45.40 -27.68
CA ILE B 571 -38.45 46.73 -27.08
C ILE B 571 -37.89 47.76 -28.07
N ASP B 572 -36.83 47.40 -28.78
CA ASP B 572 -36.18 48.33 -29.69
C ASP B 572 -35.65 47.57 -30.90
N GLU B 573 -35.46 48.30 -31.99
CA GLU B 573 -34.81 47.77 -33.18
C GLU B 573 -33.32 48.11 -33.23
N ASN B 574 -32.78 48.68 -32.16
CA ASN B 574 -31.38 49.07 -32.10
C ASN B 574 -30.51 48.02 -31.41
N ASN B 575 -31.06 46.87 -31.05
CA ASN B 575 -30.32 45.83 -30.35
C ASN B 575 -30.31 44.55 -31.18
N ILE B 576 -29.16 43.89 -31.21
CA ILE B 576 -28.97 42.65 -31.94
C ILE B 576 -28.71 41.52 -30.95
N LEU B 577 -29.16 40.32 -31.31
CA LEU B 577 -29.01 39.15 -30.44
C LEU B 577 -27.83 38.32 -30.94
N ASP B 578 -26.64 38.72 -30.52
CA ASP B 578 -25.43 37.97 -30.83
C ASP B 578 -25.24 36.85 -29.81
N ALA B 579 -24.23 36.00 -30.05
CA ALA B 579 -23.99 34.88 -29.16
C ALA B 579 -23.59 35.34 -27.77
N GLN B 580 -22.82 36.42 -27.69
CA GLN B 580 -22.26 36.90 -26.41
C GLN B 580 -23.34 37.13 -25.37
N THR B 581 -24.22 38.11 -25.64
CA THR B 581 -25.21 38.49 -24.64
C THR B 581 -26.18 37.35 -24.35
N ALA B 582 -26.63 36.65 -25.39
CA ALA B 582 -27.61 35.58 -25.21
C ALA B 582 -27.04 34.48 -24.30
N PHE B 583 -25.85 33.99 -24.61
CA PHE B 583 -25.31 32.86 -23.85
C PHE B 583 -24.83 33.28 -22.46
N VAL B 584 -24.28 34.49 -22.31
CA VAL B 584 -23.93 34.96 -20.97
C VAL B 584 -25.18 35.10 -20.12
N SER B 585 -26.27 35.62 -20.70
CA SER B 585 -27.53 35.73 -19.96
C SER B 585 -28.07 34.36 -19.59
N LEU B 586 -27.96 33.39 -20.50
CA LEU B 586 -28.42 32.04 -20.18
C LEU B 586 -27.63 31.46 -19.01
N ALA B 587 -26.31 31.60 -19.04
CA ALA B 587 -25.49 31.07 -17.95
C ALA B 587 -25.79 31.77 -16.64
N LEU B 588 -25.96 33.10 -16.68
CA LEU B 588 -26.25 33.84 -15.46
C LEU B 588 -27.62 33.49 -14.89
N PHE B 589 -28.60 33.23 -15.77
CA PHE B 589 -29.90 32.79 -15.31
C PHE B 589 -29.81 31.41 -14.66
N ASN B 590 -29.03 30.52 -15.26
CA ASN B 590 -28.81 29.20 -14.65
C ASN B 590 -28.16 29.34 -13.28
N ILE B 591 -27.25 30.29 -13.14
CA ILE B 591 -26.62 30.54 -11.84
C ILE B 591 -27.65 31.07 -10.84
N LEU B 592 -28.46 32.04 -11.27
CA LEU B 592 -29.42 32.70 -10.38
C LEU B 592 -30.57 31.78 -9.98
N ARG B 593 -30.80 30.71 -10.74
CA ARG B 593 -31.93 29.83 -10.42
C ARG B 593 -31.83 29.25 -9.00
N PHE B 594 -30.63 28.81 -8.61
CA PHE B 594 -30.50 28.13 -7.32
C PHE B 594 -30.79 29.05 -6.13
N PRO B 595 -30.18 30.24 -6.02
CA PRO B 595 -30.50 31.09 -4.86
C PRO B 595 -31.96 31.50 -4.77
N LEU B 596 -32.66 31.64 -5.91
CA LEU B 596 -34.08 31.96 -5.85
C LEU B 596 -34.89 30.81 -5.28
N ASN B 597 -34.43 29.58 -5.48
CA ASN B 597 -35.06 28.42 -4.84
C ASN B 597 -34.64 28.25 -3.39
N ILE B 598 -33.47 28.77 -3.01
CA ILE B 598 -32.96 28.55 -1.67
C ILE B 598 -33.41 29.64 -0.68
N LEU B 599 -33.66 30.85 -1.18
CA LEU B 599 -34.19 31.92 -0.31
C LEU B 599 -35.43 31.51 0.47
N PRO B 600 -36.43 30.85 -0.12
CA PRO B 600 -37.49 30.26 0.71
C PRO B 600 -36.97 29.08 1.51
N MET B 601 -37.62 28.87 2.66
CA MET B 601 -37.41 27.82 3.66
C MET B 601 -36.11 28.00 4.43
N VAL B 602 -35.24 28.92 3.99
CA VAL B 602 -34.08 29.27 4.82
C VAL B 602 -34.54 30.08 6.02
N ILE B 603 -35.43 31.05 5.78
CA ILE B 603 -36.01 31.82 6.88
C ILE B 603 -36.82 30.90 7.80
N SER B 604 -37.55 29.95 7.21
CA SER B 604 -38.31 29.00 8.01
C SER B 604 -37.39 28.13 8.87
N SER B 605 -36.26 27.69 8.31
CA SER B 605 -35.30 26.91 9.09
C SER B 605 -34.72 27.74 10.23
N ILE B 606 -34.39 29.00 9.95
CA ILE B 606 -33.89 29.88 11.02
C ILE B 606 -34.95 30.05 12.10
N VAL B 607 -36.22 30.14 11.71
CA VAL B 607 -37.29 30.34 12.69
C VAL B 607 -37.45 29.10 13.57
N GLN B 608 -37.49 27.92 12.96
CA GLN B 608 -37.65 26.72 13.78
C GLN B 608 -36.43 26.48 14.64
N ALA B 609 -35.24 26.84 14.16
CA ALA B 609 -34.05 26.74 14.99
C ALA B 609 -34.10 27.72 16.15
N SER B 610 -34.67 28.91 15.94
CA SER B 610 -34.85 29.84 17.05
C SER B 610 -35.81 29.27 18.08
N VAL B 611 -36.88 28.63 17.63
CA VAL B 611 -37.83 28.00 18.57
C VAL B 611 -37.12 26.89 19.36
N SER B 612 -36.35 26.07 18.66
CA SER B 612 -35.61 25.00 19.35
C SER B 612 -34.59 25.55 20.32
N LEU B 613 -33.95 26.67 19.95
CA LEU B 613 -33.02 27.33 20.87
C LEU B 613 -33.74 27.84 22.11
N LYS B 614 -34.94 28.39 21.93
CA LYS B 614 -35.74 28.82 23.07
C LYS B 614 -36.05 27.65 23.99
N ARG B 615 -36.43 26.51 23.42
CA ARG B 615 -36.74 25.34 24.24
C ARG B 615 -35.50 24.81 24.97
N LEU B 616 -34.36 24.75 24.28
CA LEU B 616 -33.14 24.31 24.94
C LEU B 616 -32.73 25.26 26.04
N ARG B 617 -32.93 26.57 25.85
CA ARG B 617 -32.64 27.52 26.91
C ARG B 617 -33.56 27.30 28.10
N ILE B 618 -34.88 27.22 27.85
CA ILE B 618 -35.83 27.11 28.95
C ILE B 618 -35.65 25.79 29.70
N PHE B 619 -35.06 24.77 29.07
CA PHE B 619 -34.75 23.57 29.82
C PHE B 619 -33.42 23.71 30.56
N LEU B 620 -32.35 24.04 29.85
CA LEU B 620 -31.03 24.14 30.47
C LEU B 620 -30.94 25.25 31.50
N SER B 621 -31.79 26.26 31.40
CA SER B 621 -31.79 27.36 32.36
C SER B 621 -32.67 27.08 33.57
N HIS B 622 -33.07 25.81 33.78
CA HIS B 622 -33.77 25.46 35.01
C HIS B 622 -32.90 25.79 36.23
N GLU B 623 -31.63 25.37 36.19
CA GLU B 623 -30.64 25.71 37.21
C GLU B 623 -31.08 25.33 38.61
N GLU B 624 -32.07 24.45 38.71
CA GLU B 624 -32.58 24.01 40.02
C GLU B 624 -31.60 22.98 40.57
N LEU B 625 -30.46 23.48 41.04
CA LEU B 625 -29.45 22.63 41.66
C LEU B 625 -29.87 22.30 43.08
N GLU B 626 -31.06 21.73 43.23
CA GLU B 626 -31.59 21.43 44.56
C GLU B 626 -30.68 20.52 45.39
N PRO B 627 -30.10 19.41 44.86
CA PRO B 627 -29.25 18.54 45.68
C PRO B 627 -27.78 18.98 45.73
N ASP B 628 -27.55 20.29 45.91
CA ASP B 628 -26.18 20.73 46.17
C ASP B 628 -25.72 20.19 47.51
N SER B 629 -26.35 20.65 48.58
CA SER B 629 -26.22 20.05 49.90
C SER B 629 -27.35 20.55 50.81
N ILE B 630 -28.26 19.66 51.19
CA ILE B 630 -29.30 20.00 52.16
C ILE B 630 -29.08 19.30 53.49
N GLU B 631 -28.26 18.25 53.53
CA GLU B 631 -27.85 17.59 54.75
C GLU B 631 -26.48 16.97 54.50
N ARG B 632 -25.76 16.70 55.58
CA ARG B 632 -24.42 16.13 55.47
C ARG B 632 -24.50 14.71 54.90
N ARG B 633 -23.33 14.10 54.70
CA ARG B 633 -23.29 12.73 54.22
C ARG B 633 -24.00 11.83 55.22
N PRO B 634 -24.92 10.95 54.78
CA PRO B 634 -25.72 10.17 55.74
C PRO B 634 -24.87 9.34 56.69
N VAL B 635 -24.06 8.44 56.14
CA VAL B 635 -23.05 7.72 56.92
C VAL B 635 -21.75 8.52 56.79
N LYS B 636 -21.59 9.51 57.64
CA LYS B 636 -20.43 10.40 57.61
C LYS B 636 -19.34 9.98 58.58
N ASP B 637 -19.71 9.58 59.79
CA ASP B 637 -18.77 9.06 60.79
C ASP B 637 -18.94 7.55 60.88
N GLY B 638 -17.82 6.82 60.91
CA GLY B 638 -17.88 5.38 60.94
C GLY B 638 -18.47 4.80 62.20
N GLY B 639 -18.47 5.56 63.29
CA GLY B 639 -19.01 5.08 64.54
C GLY B 639 -20.13 5.95 65.09
N GLY B 640 -21.21 5.31 65.53
CA GLY B 640 -22.34 6.05 66.08
C GLY B 640 -23.26 5.12 66.84
N THR B 641 -24.18 5.75 67.58
CA THR B 641 -25.12 5.01 68.42
C THR B 641 -26.57 5.19 67.95
N ASN B 642 -27.04 6.43 67.84
CA ASN B 642 -28.43 6.65 67.45
C ASN B 642 -28.62 6.41 65.96
N SER B 643 -29.75 5.80 65.61
CA SER B 643 -30.10 5.63 64.21
C SER B 643 -30.94 6.80 63.70
N ILE B 644 -32.09 7.04 64.31
CA ILE B 644 -32.97 8.14 63.96
C ILE B 644 -32.84 9.21 65.03
N THR B 645 -32.65 10.46 64.61
CA THR B 645 -32.76 11.60 65.50
C THR B 645 -33.37 12.74 64.69
N VAL B 646 -34.29 13.48 65.30
CA VAL B 646 -34.95 14.57 64.58
C VAL B 646 -35.44 15.59 65.59
N ARG B 647 -35.46 16.86 65.17
CA ARG B 647 -35.96 17.94 66.01
C ARG B 647 -36.32 19.12 65.12
N ASN B 648 -37.50 19.69 65.36
CA ASN B 648 -37.99 20.86 64.63
C ASN B 648 -38.03 20.62 63.13
N ALA B 649 -38.41 19.40 62.73
CA ALA B 649 -38.41 19.03 61.32
C ALA B 649 -39.54 19.74 60.59
N THR B 650 -39.20 20.45 59.52
CA THR B 650 -40.17 21.09 58.64
C THR B 650 -39.81 20.74 57.21
N PHE B 651 -40.71 20.04 56.51
CA PHE B 651 -40.50 19.65 55.13
C PHE B 651 -41.80 19.77 54.36
N THR B 652 -41.69 20.23 53.12
CA THR B 652 -42.85 20.42 52.25
C THR B 652 -42.48 20.01 50.84
N TRP B 653 -43.51 19.75 50.03
CA TRP B 653 -43.29 19.27 48.66
C TRP B 653 -42.55 20.29 47.82
N ALA B 654 -42.94 21.55 47.89
CA ALA B 654 -42.37 22.58 47.03
C ALA B 654 -42.33 23.90 47.80
N ARG B 655 -42.00 24.98 47.08
CA ARG B 655 -41.88 26.30 47.70
C ARG B 655 -43.25 26.91 47.98
N SER B 656 -44.22 26.70 47.09
CA SER B 656 -45.51 27.36 47.16
C SER B 656 -46.57 26.52 47.87
N ASP B 657 -46.17 25.69 48.83
CA ASP B 657 -47.12 24.88 49.56
C ASP B 657 -47.01 25.15 51.05
N PRO B 658 -48.15 25.15 51.77
CA PRO B 658 -48.09 25.36 53.21
C PRO B 658 -47.37 24.22 53.89
N PRO B 659 -46.68 24.48 55.00
CA PRO B 659 -45.93 23.41 55.69
C PRO B 659 -46.88 22.31 56.17
N THR B 660 -46.41 21.06 56.06
CA THR B 660 -47.18 19.90 56.47
C THR B 660 -46.55 19.13 57.62
N LEU B 661 -45.28 19.37 57.93
CA LEU B 661 -44.58 18.68 59.00
C LEU B 661 -44.12 19.69 60.03
N ASN B 662 -44.63 19.58 61.25
CA ASN B 662 -44.26 20.48 62.34
C ASN B 662 -44.23 19.70 63.64
N GLY B 663 -43.32 20.09 64.53
CA GLY B 663 -43.19 19.43 65.81
C GLY B 663 -42.78 17.97 65.72
N ILE B 664 -41.91 17.64 64.77
CA ILE B 664 -41.40 16.28 64.61
C ILE B 664 -40.09 16.20 65.36
N THR B 665 -40.10 15.55 66.52
CA THR B 665 -38.91 15.47 67.37
C THR B 665 -38.95 14.15 68.13
N PHE B 666 -38.14 13.19 67.68
CA PHE B 666 -38.01 11.91 68.35
C PHE B 666 -36.68 11.28 67.95
N SER B 667 -36.24 10.31 68.74
CA SER B 667 -34.95 9.68 68.53
C SER B 667 -35.01 8.21 68.92
N ILE B 668 -34.06 7.44 68.41
CA ILE B 668 -33.95 6.03 68.74
C ILE B 668 -32.49 5.58 68.57
N PRO B 669 -31.97 4.76 69.45
CA PRO B 669 -30.62 4.21 69.26
C PRO B 669 -30.62 3.11 68.20
N GLU B 670 -29.46 2.49 68.02
CA GLU B 670 -29.32 1.39 67.08
C GLU B 670 -29.54 0.08 67.83
N GLY B 671 -30.53 -0.69 67.39
CA GLY B 671 -30.90 -1.94 68.04
C GLY B 671 -32.36 -2.05 68.41
N ALA B 672 -33.17 -1.01 68.24
CA ALA B 672 -34.59 -1.04 68.57
C ALA B 672 -35.40 -0.99 67.28
N LEU B 673 -36.26 -1.98 67.08
CA LEU B 673 -37.08 -2.05 65.88
C LEU B 673 -38.08 -0.90 65.86
N VAL B 674 -38.07 -0.13 64.77
CA VAL B 674 -38.92 1.05 64.62
C VAL B 674 -39.64 0.96 63.30
N ALA B 675 -40.96 1.22 63.32
CA ALA B 675 -41.77 1.28 62.12
C ALA B 675 -42.70 2.47 62.22
N VAL B 676 -43.10 3.01 61.07
CA VAL B 676 -43.93 4.21 60.99
C VAL B 676 -45.32 3.81 60.54
N VAL B 677 -46.33 4.30 61.26
CA VAL B 677 -47.73 4.03 60.95
C VAL B 677 -48.40 5.36 60.63
N GLY B 678 -49.08 5.42 59.49
CA GLY B 678 -49.79 6.62 59.09
C GLY B 678 -51.13 6.28 58.48
N GLN B 679 -52.08 7.19 58.65
CA GLN B 679 -53.41 7.00 58.11
C GLN B 679 -53.39 7.15 56.59
N VAL B 680 -54.50 6.73 55.97
CA VAL B 680 -54.60 6.82 54.51
C VAL B 680 -54.60 8.29 54.10
N GLY B 681 -53.58 8.68 53.35
CA GLY B 681 -53.43 10.06 52.94
C GLY B 681 -52.81 10.98 53.97
N CYS B 682 -52.43 10.45 55.14
CA CYS B 682 -51.80 11.29 56.16
C CYS B 682 -50.43 11.80 55.74
N GLY B 683 -49.80 11.15 54.77
CA GLY B 683 -48.53 11.59 54.25
C GLY B 683 -47.33 10.71 54.55
N LYS B 684 -47.55 9.42 54.89
CA LYS B 684 -46.43 8.55 55.20
C LYS B 684 -45.51 8.39 54.00
N SER B 685 -46.09 8.26 52.80
CA SER B 685 -45.27 8.21 51.59
C SER B 685 -44.52 9.52 51.40
N SER B 686 -45.23 10.65 51.55
CA SER B 686 -44.58 11.95 51.46
C SER B 686 -43.59 12.15 52.61
N LEU B 687 -43.90 11.61 53.79
CA LEU B 687 -42.97 11.72 54.91
C LEU B 687 -41.64 11.02 54.58
N LEU B 688 -41.71 9.79 54.08
CA LEU B 688 -40.48 9.10 53.71
C LEU B 688 -39.79 9.79 52.55
N SER B 689 -40.57 10.32 51.60
CA SER B 689 -39.98 11.06 50.48
C SER B 689 -39.18 12.25 50.98
N ALA B 690 -39.72 12.97 51.97
CA ALA B 690 -38.94 14.04 52.60
C ALA B 690 -37.70 13.48 53.30
N LEU B 691 -37.85 12.33 53.96
CA LEU B 691 -36.71 11.70 54.61
C LEU B 691 -35.64 11.24 53.64
N LEU B 692 -35.96 11.16 52.34
CA LEU B 692 -34.97 10.76 51.34
C LEU B 692 -33.86 11.78 51.16
N ALA B 693 -34.01 12.98 51.74
CA ALA B 693 -33.09 14.10 51.49
C ALA B 693 -33.08 14.48 50.01
N GLU B 694 -34.29 14.57 49.45
CA GLU B 694 -34.49 14.94 48.05
C GLU B 694 -35.49 16.08 47.93
N MET B 695 -35.69 16.86 48.98
CA MET B 695 -36.73 17.87 49.02
C MET B 695 -36.15 19.24 49.40
N ASP B 696 -37.02 20.20 49.67
CA ASP B 696 -36.63 21.53 50.09
C ASP B 696 -36.87 21.68 51.59
N LYS B 697 -35.87 22.20 52.30
CA LYS B 697 -35.91 22.32 53.75
C LYS B 697 -35.83 23.79 54.15
N VAL B 698 -36.74 24.21 55.02
CA VAL B 698 -36.67 25.53 55.62
C VAL B 698 -35.80 25.53 56.86
N GLU B 699 -36.06 24.60 57.78
CA GLU B 699 -35.27 24.46 59.00
C GLU B 699 -35.52 23.07 59.57
N GLY B 700 -34.70 22.70 60.55
CA GLY B 700 -34.82 21.41 61.20
C GLY B 700 -33.51 20.67 61.29
N HIS B 701 -33.30 19.95 62.39
CA HIS B 701 -32.06 19.21 62.62
C HIS B 701 -32.38 17.74 62.69
N VAL B 702 -31.85 16.97 61.73
CA VAL B 702 -32.09 15.53 61.64
C VAL B 702 -30.75 14.82 61.52
N ALA B 703 -30.61 13.72 62.26
CA ALA B 703 -29.40 12.92 62.29
C ALA B 703 -29.72 11.49 61.91
N ILE B 704 -28.97 10.97 60.93
CA ILE B 704 -29.06 9.59 60.46
C ILE B 704 -27.67 8.99 60.51
N LYS B 705 -27.61 7.67 60.71
CA LYS B 705 -26.34 6.98 60.81
C LYS B 705 -26.44 5.62 60.15
N GLY B 706 -25.40 5.25 59.41
CA GLY B 706 -25.33 3.97 58.74
C GLY B 706 -25.54 4.10 57.24
N SER B 707 -24.91 3.20 56.49
CA SER B 707 -25.07 3.18 55.05
C SER B 707 -26.50 2.76 54.69
N VAL B 708 -27.08 3.45 53.72
CA VAL B 708 -28.48 3.22 53.33
C VAL B 708 -28.60 3.22 51.81
N ALA B 709 -29.41 2.30 51.29
CA ALA B 709 -29.85 2.27 49.90
C ALA B 709 -31.35 2.53 49.85
N TYR B 710 -31.92 2.46 48.66
CA TYR B 710 -33.30 2.90 48.45
C TYR B 710 -34.11 1.84 47.71
N VAL B 711 -35.40 1.78 48.06
CA VAL B 711 -36.39 0.95 47.38
C VAL B 711 -37.70 1.73 47.30
N PRO B 712 -38.18 2.05 46.10
CA PRO B 712 -39.41 2.84 45.98
C PRO B 712 -40.65 1.96 46.13
N GLN B 713 -41.80 2.64 46.27
CA GLN B 713 -43.08 1.95 46.22
C GLN B 713 -43.61 1.81 44.80
N GLN B 714 -42.94 2.43 43.83
CA GLN B 714 -43.23 2.26 42.40
C GLN B 714 -41.93 1.78 41.78
N ALA B 715 -41.74 0.46 41.78
CA ALA B 715 -40.47 -0.11 41.33
C ALA B 715 -40.28 0.08 39.84
N TRP B 716 -39.03 0.30 39.45
CA TRP B 716 -38.64 0.44 38.06
C TRP B 716 -37.67 -0.67 37.68
N ILE B 717 -37.75 -1.11 36.42
CA ILE B 717 -36.93 -2.20 35.93
C ILE B 717 -36.12 -1.69 34.74
N GLN B 718 -34.80 -1.75 34.85
CA GLN B 718 -33.94 -1.42 33.72
C GLN B 718 -34.03 -2.53 32.67
N ASN B 719 -34.10 -2.14 31.41
CA ASN B 719 -34.32 -3.10 30.33
C ASN B 719 -33.04 -3.88 30.04
N ASP B 720 -32.82 -4.97 30.78
CA ASP B 720 -31.67 -5.85 30.57
C ASP B 720 -32.02 -7.15 31.28
N SER B 721 -31.04 -8.05 31.41
CA SER B 721 -31.26 -9.33 32.07
C SER B 721 -31.44 -9.15 33.57
N LEU B 722 -32.04 -10.16 34.21
CA LEU B 722 -32.19 -10.15 35.66
C LEU B 722 -30.84 -10.08 36.36
N ARG B 723 -29.86 -10.82 35.85
CA ARG B 723 -28.54 -10.83 36.48
C ARG B 723 -27.91 -9.44 36.46
N GLU B 724 -28.05 -8.71 35.35
CA GLU B 724 -27.50 -7.37 35.27
C GLU B 724 -28.22 -6.42 36.22
N ASN B 725 -29.55 -6.57 36.33
CA ASN B 725 -30.30 -5.76 37.30
C ASN B 725 -29.79 -6.00 38.71
N ILE B 726 -29.52 -7.27 39.06
CA ILE B 726 -28.98 -7.59 40.37
C ILE B 726 -27.57 -7.03 40.54
N LEU B 727 -26.75 -7.09 39.50
CA LEU B 727 -25.35 -6.68 39.60
C LEU B 727 -25.23 -5.18 39.85
N PHE B 728 -25.70 -4.37 38.90
CA PHE B 728 -25.68 -2.91 39.02
C PHE B 728 -24.28 -2.39 39.25
N GLY B 729 -23.27 -3.06 38.67
CA GLY B 729 -21.91 -2.58 38.77
C GLY B 729 -20.87 -3.60 39.21
N CYS B 730 -21.24 -4.50 40.11
CA CYS B 730 -20.29 -5.47 40.64
C CYS B 730 -19.91 -6.48 39.57
N GLN B 731 -18.75 -7.13 39.76
CA GLN B 731 -18.26 -8.13 38.81
C GLN B 731 -18.88 -9.51 39.07
N LEU B 732 -18.55 -10.09 40.22
CA LEU B 732 -19.06 -11.40 40.62
C LEU B 732 -18.65 -11.68 42.05
N GLU B 733 -19.60 -12.16 42.86
CA GLU B 733 -19.36 -12.62 44.23
C GLU B 733 -20.32 -13.80 44.47
N GLU B 734 -19.82 -15.02 44.25
CA GLU B 734 -20.66 -16.20 44.24
C GLU B 734 -21.47 -16.41 45.52
N PRO B 735 -20.88 -16.35 46.73
CA PRO B 735 -21.70 -16.56 47.93
C PRO B 735 -22.83 -15.55 48.05
N TYR B 736 -22.62 -14.32 47.59
CA TYR B 736 -23.68 -13.32 47.65
C TYR B 736 -24.87 -13.72 46.78
N TYR B 737 -24.62 -14.24 45.57
CA TYR B 737 -25.73 -14.74 44.76
C TYR B 737 -26.38 -15.96 45.37
N ARG B 738 -25.59 -16.89 45.92
CA ARG B 738 -26.20 -18.10 46.46
C ARG B 738 -27.03 -17.81 47.70
N SER B 739 -26.66 -16.79 48.48
CA SER B 739 -27.41 -16.42 49.67
C SER B 739 -28.42 -15.31 49.41
N VAL B 740 -28.43 -14.72 48.20
CA VAL B 740 -29.30 -13.59 47.90
C VAL B 740 -30.61 -14.02 47.27
N ILE B 741 -30.78 -15.31 47.00
CA ILE B 741 -31.97 -15.83 46.35
C ILE B 741 -32.81 -16.67 47.30
N GLN B 742 -32.17 -17.47 48.15
CA GLN B 742 -32.90 -18.27 49.13
C GLN B 742 -33.65 -17.37 50.13
N ALA B 743 -33.01 -16.29 50.57
CA ALA B 743 -33.67 -15.37 51.48
C ALA B 743 -34.87 -14.70 50.84
N CYS B 744 -34.75 -14.30 49.58
CA CYS B 744 -35.84 -13.67 48.85
C CYS B 744 -36.87 -14.67 48.34
N ALA B 745 -36.62 -15.97 48.49
CA ALA B 745 -37.52 -17.01 48.01
C ALA B 745 -37.81 -16.86 46.52
N LEU B 746 -36.77 -16.50 45.76
CA LEU B 746 -36.89 -16.32 44.32
C LEU B 746 -36.70 -17.61 43.54
N LEU B 747 -36.41 -18.72 44.21
CA LEU B 747 -36.31 -20.01 43.50
C LEU B 747 -37.59 -20.37 42.76
N PRO B 748 -38.78 -20.37 43.39
CA PRO B 748 -39.99 -20.61 42.60
C PRO B 748 -40.21 -19.58 41.51
N ASP B 749 -39.81 -18.34 41.76
CA ASP B 749 -39.97 -17.29 40.75
C ASP B 749 -38.94 -17.44 39.64
N LEU B 750 -37.73 -17.89 39.97
CA LEU B 750 -36.70 -18.04 38.95
C LEU B 750 -36.97 -19.26 38.07
N GLU B 751 -37.51 -20.33 38.65
CA GLU B 751 -37.74 -21.54 37.87
C GLU B 751 -38.78 -21.34 36.77
N ILE B 752 -39.88 -20.65 37.09
CA ILE B 752 -40.94 -20.47 36.10
C ILE B 752 -40.49 -19.60 34.94
N LEU B 753 -39.46 -18.78 35.14
CA LEU B 753 -39.00 -17.88 34.10
C LEU B 753 -38.54 -18.67 32.88
N PRO B 754 -38.82 -18.19 31.66
CA PRO B 754 -38.43 -18.96 30.46
C PRO B 754 -36.94 -19.21 30.35
N SER B 755 -36.10 -18.28 30.79
CA SER B 755 -34.65 -18.44 30.74
C SER B 755 -34.00 -18.27 32.10
N GLY B 756 -34.78 -18.36 33.18
CA GLY B 756 -34.23 -18.17 34.51
C GLY B 756 -33.68 -16.77 34.67
N ASP B 757 -32.47 -16.68 35.22
CA ASP B 757 -31.80 -15.40 35.40
C ASP B 757 -31.00 -15.00 34.17
N ARG B 758 -31.63 -15.09 33.00
CA ARG B 758 -31.00 -14.64 31.76
C ARG B 758 -31.94 -13.90 30.83
N THR B 759 -33.26 -13.98 31.03
CA THR B 759 -34.19 -13.34 30.12
C THR B 759 -34.10 -11.82 30.19
N GLU B 760 -34.46 -11.17 29.09
CA GLU B 760 -34.45 -9.72 29.05
C GLU B 760 -35.63 -9.19 29.85
N ILE B 761 -35.42 -8.97 31.15
CA ILE B 761 -36.51 -8.66 32.05
C ILE B 761 -37.02 -7.25 31.81
N GLY B 762 -38.21 -6.97 32.35
CA GLY B 762 -38.81 -5.66 32.22
C GLY B 762 -39.32 -5.41 30.80
N GLU B 763 -39.17 -4.17 30.35
CA GLU B 763 -39.56 -3.81 29.00
C GLU B 763 -38.68 -4.54 27.98
N LYS B 764 -39.22 -4.72 26.78
CA LYS B 764 -38.57 -5.52 25.73
C LYS B 764 -38.32 -6.95 26.21
N GLY B 765 -39.35 -7.55 26.79
CA GLY B 765 -39.22 -8.89 27.31
C GLY B 765 -40.52 -9.34 27.94
N VAL B 766 -40.46 -10.48 28.63
CA VAL B 766 -41.64 -11.04 29.27
C VAL B 766 -42.02 -10.18 30.46
N ASN B 767 -43.31 -9.81 30.53
CA ASN B 767 -43.80 -8.99 31.61
C ASN B 767 -43.86 -9.81 32.91
N LEU B 768 -43.94 -9.10 34.03
CA LEU B 768 -43.98 -9.71 35.35
C LEU B 768 -45.12 -9.13 36.15
N SER B 769 -45.45 -9.80 37.24
CA SER B 769 -46.35 -9.24 38.24
C SER B 769 -45.63 -8.16 39.04
N GLY B 770 -46.42 -7.30 39.67
CA GLY B 770 -45.84 -6.26 40.52
C GLY B 770 -45.01 -6.83 41.65
N GLY B 771 -45.45 -7.95 42.22
CA GLY B 771 -44.66 -8.60 43.26
C GLY B 771 -43.29 -9.03 42.77
N GLN B 772 -43.20 -9.45 41.50
CA GLN B 772 -41.90 -9.83 40.95
C GLN B 772 -40.96 -8.63 40.85
N LYS B 773 -41.48 -7.48 40.40
CA LYS B 773 -40.67 -6.27 40.37
C LYS B 773 -40.24 -5.88 41.77
N GLN B 774 -41.15 -5.98 42.73
CA GLN B 774 -40.80 -5.69 44.12
C GLN B 774 -39.67 -6.60 44.58
N ARG B 775 -39.78 -7.90 44.29
CA ARG B 775 -38.79 -8.86 44.75
C ARG B 775 -37.43 -8.60 44.14
N VAL B 776 -37.38 -8.28 42.84
CA VAL B 776 -36.08 -8.01 42.22
C VAL B 776 -35.49 -6.73 42.78
N SER B 777 -36.32 -5.72 43.08
CA SER B 777 -35.80 -4.51 43.70
C SER B 777 -35.22 -4.80 45.08
N LEU B 778 -35.91 -5.61 45.89
CA LEU B 778 -35.35 -5.96 47.20
C LEU B 778 -34.06 -6.74 47.07
N ALA B 779 -33.98 -7.64 46.09
CA ALA B 779 -32.76 -8.40 45.90
C ALA B 779 -31.60 -7.47 45.53
N ARG B 780 -31.84 -6.52 44.65
CA ARG B 780 -30.80 -5.53 44.33
C ARG B 780 -30.42 -4.73 45.57
N ALA B 781 -31.40 -4.33 46.38
CA ALA B 781 -31.12 -3.55 47.58
C ALA B 781 -30.22 -4.32 48.54
N VAL B 782 -30.62 -5.54 48.89
CA VAL B 782 -29.82 -6.33 49.81
C VAL B 782 -28.48 -6.72 49.20
N TYR B 783 -28.35 -6.67 47.87
CA TYR B 783 -27.03 -6.80 47.26
C TYR B 783 -26.21 -5.53 47.43
N SER B 784 -26.87 -4.38 47.56
CA SER B 784 -26.15 -3.11 47.62
C SER B 784 -25.24 -3.00 48.84
N ASN B 785 -25.42 -3.87 49.84
CA ASN B 785 -24.53 -3.97 51.00
C ASN B 785 -24.47 -2.64 51.79
N ALA B 786 -25.61 -2.31 52.37
CA ALA B 786 -25.72 -1.19 53.30
C ALA B 786 -25.94 -1.71 54.72
N ASP B 787 -25.89 -0.79 55.69
CA ASP B 787 -26.10 -1.15 57.08
C ASP B 787 -27.56 -1.02 57.51
N ILE B 788 -28.26 0.00 57.02
CA ILE B 788 -29.70 0.15 57.18
C ILE B 788 -30.27 0.44 55.80
N TYR B 789 -31.57 0.21 55.64
CA TYR B 789 -32.19 0.28 54.32
C TYR B 789 -33.50 1.03 54.41
N LEU B 790 -33.97 1.49 53.24
CA LEU B 790 -35.26 2.15 53.11
C LEU B 790 -36.18 1.26 52.26
N PHE B 791 -37.39 1.03 52.76
CA PHE B 791 -38.38 0.24 52.04
C PHE B 791 -39.72 0.96 52.08
N ASP B 792 -40.47 0.86 50.99
CA ASP B 792 -41.78 1.50 50.86
C ASP B 792 -42.84 0.42 50.63
N ASP B 793 -43.32 -0.16 51.73
CA ASP B 793 -44.32 -1.23 51.74
C ASP B 793 -44.09 -2.25 50.61
N PRO B 794 -42.94 -2.92 50.59
CA PRO B 794 -42.67 -3.88 49.50
C PRO B 794 -43.60 -5.07 49.48
N LEU B 795 -44.27 -5.38 50.58
CA LEU B 795 -45.17 -6.53 50.67
C LEU B 795 -46.63 -6.14 50.43
N SER B 796 -46.86 -5.15 49.56
CA SER B 796 -48.23 -4.68 49.33
C SER B 796 -49.08 -5.75 48.66
N ALA B 797 -48.56 -6.38 47.62
CA ALA B 797 -49.32 -7.34 46.82
C ALA B 797 -48.98 -8.79 47.14
N VAL B 798 -48.14 -9.03 48.13
CA VAL B 798 -47.73 -10.40 48.47
C VAL B 798 -48.84 -11.07 49.27
N ASP B 799 -49.02 -12.37 49.03
CA ASP B 799 -50.08 -13.13 49.68
C ASP B 799 -49.82 -13.24 51.17
N ALA B 800 -50.87 -13.63 51.91
CA ALA B 800 -50.78 -13.71 53.37
C ALA B 800 -49.72 -14.71 53.80
N HIS B 801 -49.81 -15.95 53.30
CA HIS B 801 -48.82 -16.95 53.64
C HIS B 801 -47.43 -16.57 53.12
N VAL B 802 -47.36 -16.13 51.86
CA VAL B 802 -46.10 -15.74 51.27
C VAL B 802 -45.54 -14.52 51.99
N GLY B 803 -46.39 -13.55 52.30
CA GLY B 803 -45.93 -12.36 53.01
C GLY B 803 -45.40 -12.68 54.40
N LYS B 804 -46.11 -13.56 55.12
CA LYS B 804 -45.65 -13.95 56.45
C LYS B 804 -44.32 -14.70 56.36
N HIS B 805 -44.18 -15.58 55.37
CA HIS B 805 -42.92 -16.31 55.20
C HIS B 805 -41.78 -15.35 54.87
N ILE B 806 -42.03 -14.38 54.00
CA ILE B 806 -40.98 -13.42 53.65
C ILE B 806 -40.61 -12.58 54.86
N PHE B 807 -41.60 -12.12 55.63
CA PHE B 807 -41.31 -11.30 56.80
C PHE B 807 -40.50 -12.09 57.82
N GLU B 808 -40.89 -13.33 58.11
CA GLU B 808 -40.15 -14.15 59.06
C GLU B 808 -38.79 -14.56 58.50
N ASN B 809 -38.62 -14.53 57.18
CA ASN B 809 -37.35 -14.94 56.58
C ASN B 809 -36.26 -13.92 56.85
N VAL B 810 -36.55 -12.63 56.62
CA VAL B 810 -35.52 -11.59 56.74
C VAL B 810 -35.97 -10.47 57.66
N ILE B 811 -37.13 -9.88 57.36
CA ILE B 811 -37.55 -8.65 58.05
C ILE B 811 -37.83 -8.92 59.51
N GLY B 812 -38.38 -10.09 59.83
CA GLY B 812 -38.74 -10.42 61.19
C GLY B 812 -37.55 -10.52 62.11
N PRO B 813 -37.82 -10.63 63.42
CA PRO B 813 -36.71 -10.69 64.39
C PRO B 813 -35.77 -11.86 64.18
N LYS B 814 -36.25 -12.96 63.60
CA LYS B 814 -35.41 -14.13 63.35
C LYS B 814 -34.66 -14.03 62.02
N GLY B 815 -34.83 -12.96 61.27
CA GLY B 815 -34.23 -12.86 59.96
C GLY B 815 -32.73 -12.62 60.00
N MET B 816 -32.12 -12.74 58.82
CA MET B 816 -30.68 -12.53 58.70
C MET B 816 -30.31 -11.07 58.96
N LEU B 817 -31.15 -10.14 58.54
CA LEU B 817 -30.90 -8.72 58.75
C LEU B 817 -31.34 -8.23 60.12
N LYS B 818 -31.53 -9.13 61.07
CA LYS B 818 -31.82 -8.73 62.44
C LYS B 818 -30.65 -7.96 63.05
N ASN B 819 -29.44 -8.13 62.51
CA ASN B 819 -28.31 -7.31 62.91
C ASN B 819 -28.43 -5.87 62.40
N LYS B 820 -29.40 -5.60 61.54
CA LYS B 820 -29.65 -4.28 61.00
C LYS B 820 -30.94 -3.72 61.59
N THR B 821 -30.87 -2.51 62.11
CA THR B 821 -32.08 -1.84 62.57
C THR B 821 -33.04 -1.63 61.39
N ARG B 822 -34.33 -1.67 61.68
CA ARG B 822 -35.37 -1.77 60.65
C ARG B 822 -35.97 -0.41 60.37
N ILE B 823 -35.96 -0.03 59.09
CA ILE B 823 -36.60 1.19 58.61
C ILE B 823 -37.53 0.79 57.47
N LEU B 824 -38.83 0.73 57.74
CA LEU B 824 -39.80 0.35 56.72
C LEU B 824 -41.09 1.12 56.97
N VAL B 825 -41.95 1.12 55.96
CA VAL B 825 -43.28 1.72 56.07
C VAL B 825 -44.30 0.64 55.69
N THR B 826 -45.47 0.72 56.32
CA THR B 826 -46.57 -0.20 56.03
C THR B 826 -47.83 0.35 56.66
N HIS B 827 -48.97 -0.21 56.25
CA HIS B 827 -50.26 0.13 56.82
C HIS B 827 -50.99 -1.12 57.29
N SER B 828 -50.24 -2.14 57.69
CA SER B 828 -50.82 -3.39 58.17
C SER B 828 -51.21 -3.26 59.64
N MET B 829 -51.81 -4.31 60.17
CA MET B 829 -52.25 -4.34 61.57
C MET B 829 -51.61 -5.47 62.36
N SER B 830 -51.46 -6.65 61.76
CA SER B 830 -50.80 -7.77 62.44
C SER B 830 -49.29 -7.61 62.49
N TYR B 831 -48.73 -6.64 61.76
CA TYR B 831 -47.29 -6.41 61.75
C TYR B 831 -46.84 -5.42 62.82
N LEU B 832 -47.77 -4.76 63.50
CA LEU B 832 -47.48 -3.74 64.49
C LEU B 832 -47.09 -4.29 65.86
N PRO B 833 -47.81 -5.29 66.41
CA PRO B 833 -47.48 -5.74 67.77
C PRO B 833 -46.04 -6.21 67.95
N GLN B 834 -45.44 -6.84 66.92
CA GLN B 834 -44.05 -7.28 67.04
C GLN B 834 -43.09 -6.10 67.11
N VAL B 835 -43.52 -4.91 66.72
CA VAL B 835 -42.67 -3.73 66.79
C VAL B 835 -42.63 -3.23 68.23
N ASP B 836 -41.43 -2.94 68.73
CA ASP B 836 -41.28 -2.46 70.09
C ASP B 836 -41.91 -1.08 70.26
N VAL B 837 -41.40 -0.09 69.53
CA VAL B 837 -41.90 1.28 69.59
C VAL B 837 -42.47 1.63 68.22
N ILE B 838 -43.69 2.16 68.20
CA ILE B 838 -44.40 2.49 66.97
C ILE B 838 -44.38 4.00 66.80
N ILE B 839 -43.94 4.44 65.62
CA ILE B 839 -43.92 5.86 65.27
C ILE B 839 -45.27 6.20 64.64
N VAL B 840 -46.11 6.92 65.39
CA VAL B 840 -47.47 7.23 64.97
C VAL B 840 -47.53 8.68 64.58
N MET B 841 -47.92 8.95 63.33
CA MET B 841 -48.08 10.29 62.81
C MET B 841 -49.55 10.68 62.87
N SER B 842 -49.84 11.82 63.49
CA SER B 842 -51.19 12.38 63.55
C SER B 842 -51.16 13.73 62.83
N GLY B 843 -51.59 13.74 61.57
CA GLY B 843 -51.56 14.94 60.77
C GLY B 843 -50.16 15.49 60.55
N GLY B 844 -49.20 14.59 60.29
CA GLY B 844 -47.82 15.01 60.10
C GLY B 844 -47.06 15.30 61.38
N LYS B 845 -47.65 15.02 62.54
CA LYS B 845 -47.00 15.25 63.82
C LYS B 845 -47.02 13.97 64.64
N ILE B 846 -45.99 13.80 65.48
CA ILE B 846 -45.89 12.59 66.30
C ILE B 846 -47.07 12.51 67.24
N SER B 847 -47.57 11.28 67.45
CA SER B 847 -48.68 11.04 68.35
C SER B 847 -48.19 10.64 69.74
N GLU B 848 -47.43 9.56 69.83
CA GLU B 848 -46.88 9.10 71.10
C GLU B 848 -45.59 8.34 70.83
N MET B 849 -44.74 8.28 71.84
CA MET B 849 -43.48 7.56 71.78
C MET B 849 -43.37 6.64 72.98
N GLY B 850 -43.06 5.38 72.72
CA GLY B 850 -42.91 4.41 73.79
C GLY B 850 -43.12 3.00 73.29
N SER B 851 -42.83 2.05 74.16
CA SER B 851 -42.99 0.64 73.82
C SER B 851 -44.46 0.28 73.66
N TYR B 852 -44.71 -0.81 72.93
CA TYR B 852 -46.08 -1.24 72.70
C TYR B 852 -46.79 -1.54 74.01
N GLN B 853 -46.09 -2.13 74.97
CA GLN B 853 -46.69 -2.40 76.27
C GLN B 853 -47.08 -1.11 76.98
N GLU B 854 -46.21 -0.10 76.94
CA GLU B 854 -46.50 1.15 77.64
C GLU B 854 -47.70 1.87 77.03
N LEU B 855 -47.76 1.96 75.69
CA LEU B 855 -48.90 2.62 75.07
C LEU B 855 -50.17 1.82 75.23
N LEU B 856 -50.08 0.48 75.22
CA LEU B 856 -51.25 -0.36 75.48
C LEU B 856 -51.79 -0.14 76.88
N ALA B 857 -50.89 -0.04 77.87
CA ALA B 857 -51.33 0.24 79.24
C ALA B 857 -51.86 1.66 79.37
N ARG B 858 -51.35 2.60 78.56
CA ARG B 858 -51.83 3.96 78.60
C ARG B 858 -53.29 4.06 78.15
N ASP B 859 -53.73 3.15 77.28
CA ASP B 859 -55.07 3.19 76.71
C ASP B 859 -55.33 4.52 76.01
N GLY B 860 -54.32 5.02 75.29
CA GLY B 860 -54.41 6.32 74.66
C GLY B 860 -54.77 6.28 73.19
N ALA B 861 -53.95 6.93 72.36
CA ALA B 861 -54.27 7.06 70.94
C ALA B 861 -54.31 5.70 70.25
N PHE B 862 -53.38 4.81 70.58
CA PHE B 862 -53.34 3.49 69.96
C PHE B 862 -54.59 2.69 70.31
N ALA B 863 -55.06 2.80 71.56
CA ALA B 863 -56.29 2.11 71.94
C ALA B 863 -57.49 2.62 71.15
N GLU B 864 -57.57 3.93 70.95
CA GLU B 864 -58.63 4.49 70.13
C GLU B 864 -58.54 4.00 68.69
N PHE B 865 -57.31 3.94 68.16
CA PHE B 865 -57.11 3.43 66.80
C PHE B 865 -57.60 1.98 66.68
N LEU B 866 -57.24 1.15 67.65
CA LEU B 866 -57.67 -0.24 67.62
C LEU B 866 -59.18 -0.36 67.75
N ARG B 867 -59.79 0.44 68.63
CA ARG B 867 -61.25 0.40 68.79
C ARG B 867 -61.95 0.82 67.51
N THR B 868 -61.46 1.89 66.86
CA THR B 868 -62.10 2.37 65.65
C THR B 868 -61.95 1.38 64.51
N TYR B 869 -60.72 0.91 64.27
CA TYR B 869 -60.49 -0.01 63.15
C TYR B 869 -61.05 -1.40 63.45
N ALA B 870 -60.79 -1.92 64.65
CA ALA B 870 -61.23 -3.26 65.05
C ALA B 870 -60.75 -4.31 64.06
N SER B 871 -59.54 -4.13 63.53
CA SER B 871 -58.97 -5.02 62.54
C SER B 871 -57.98 -6.01 63.13
N THR B 872 -57.75 -5.98 64.44
CA THR B 872 -56.81 -6.90 65.07
C THR B 872 -57.10 -7.02 66.57
N PHE B 973 -49.91 -0.51 -24.66
CA PHE B 973 -50.57 0.59 -25.35
C PHE B 973 -50.11 1.94 -24.78
N ILE B 974 -49.33 1.89 -23.72
CA ILE B 974 -48.81 3.09 -23.07
C ILE B 974 -47.29 3.18 -23.18
N SER B 975 -46.59 2.04 -23.09
CA SER B 975 -45.13 2.06 -23.11
C SER B 975 -44.61 2.63 -24.42
N PHE B 976 -45.16 2.17 -25.55
CA PHE B 976 -44.76 2.73 -26.84
C PHE B 976 -45.15 4.20 -26.94
N LEU B 977 -46.34 4.54 -26.45
CA LEU B 977 -46.76 5.95 -26.45
C LEU B 977 -45.84 6.80 -25.59
N SER B 978 -45.48 6.31 -24.40
CA SER B 978 -44.58 7.06 -23.53
C SER B 978 -43.22 7.25 -24.17
N ILE B 979 -42.67 6.19 -24.79
CA ILE B 979 -41.37 6.30 -25.44
C ILE B 979 -41.44 7.29 -26.59
N PHE B 980 -42.50 7.21 -27.41
CA PHE B 980 -42.65 8.12 -28.54
C PHE B 980 -42.75 9.57 -28.06
N LEU B 981 -43.53 9.81 -27.01
CA LEU B 981 -43.68 11.18 -26.50
C LEU B 981 -42.39 11.70 -25.91
N PHE B 982 -41.65 10.84 -25.17
CA PHE B 982 -40.36 11.25 -24.62
C PHE B 982 -39.39 11.63 -25.73
N MET B 983 -39.30 10.79 -26.77
CA MET B 983 -38.40 11.06 -27.88
C MET B 983 -38.80 12.34 -28.59
N CYS B 984 -40.11 12.55 -28.82
CA CYS B 984 -40.57 13.76 -29.48
C CYS B 984 -40.19 15.00 -28.67
N ASN B 985 -40.42 14.96 -27.35
CA ASN B 985 -40.11 16.10 -26.52
C ASN B 985 -38.62 16.41 -26.52
N HIS B 986 -37.78 15.37 -26.40
CA HIS B 986 -36.35 15.62 -26.33
C HIS B 986 -35.78 16.10 -27.66
N VAL B 987 -36.21 15.51 -28.78
CA VAL B 987 -35.74 15.98 -30.07
C VAL B 987 -36.28 17.38 -30.34
N SER B 988 -37.48 17.72 -29.85
CA SER B 988 -37.98 19.07 -30.00
C SER B 988 -37.13 20.07 -29.23
N ALA B 989 -36.74 19.71 -28.00
CA ALA B 989 -35.88 20.60 -27.22
C ALA B 989 -34.52 20.78 -27.90
N LEU B 990 -33.93 19.68 -28.40
CA LEU B 990 -32.64 19.78 -29.07
C LEU B 990 -32.74 20.62 -30.34
N ALA B 991 -33.81 20.43 -31.12
CA ALA B 991 -34.01 21.23 -32.31
C ALA B 991 -34.24 22.69 -31.96
N SER B 992 -34.92 22.98 -30.85
CA SER B 992 -35.11 24.35 -30.43
C SER B 992 -33.78 25.01 -30.08
N ASN B 993 -32.91 24.29 -29.37
CA ASN B 993 -31.60 24.84 -29.05
C ASN B 993 -30.76 25.04 -30.31
N TYR B 994 -30.83 24.09 -31.24
CA TYR B 994 -30.12 24.25 -32.51
C TYR B 994 -30.67 25.45 -33.29
N TRP B 995 -31.98 25.66 -33.24
CA TRP B 995 -32.58 26.81 -33.91
C TRP B 995 -32.14 28.11 -33.26
N LEU B 996 -32.02 28.14 -31.94
CA LEU B 996 -31.47 29.32 -31.27
C LEU B 996 -30.04 29.58 -31.70
N SER B 997 -29.24 28.52 -31.82
CA SER B 997 -27.86 28.67 -32.29
C SER B 997 -27.81 29.23 -33.71
N LEU B 998 -28.72 28.76 -34.58
CA LEU B 998 -28.77 29.29 -35.94
C LEU B 998 -29.24 30.75 -35.94
N TRP B 999 -30.22 31.07 -35.10
CA TRP B 999 -30.80 32.42 -35.09
C TRP B 999 -29.78 33.43 -34.59
N THR B 1000 -28.97 33.07 -33.60
CA THR B 1000 -28.01 34.05 -33.09
C THR B 1000 -26.84 34.29 -34.05
N ASP B 1001 -26.81 33.63 -35.20
CA ASP B 1001 -25.77 33.83 -36.20
C ASP B 1001 -26.25 34.63 -37.40
N ASP B 1002 -27.44 35.24 -37.32
CA ASP B 1002 -27.98 35.96 -38.46
C ASP B 1002 -27.18 37.23 -38.72
N PRO B 1003 -27.06 37.63 -40.00
CA PRO B 1003 -26.33 38.85 -40.32
C PRO B 1003 -27.05 40.09 -39.83
N ILE B 1004 -26.27 41.14 -39.56
CA ILE B 1004 -26.79 42.39 -39.03
C ILE B 1004 -26.94 43.35 -40.21
N VAL B 1005 -28.15 43.46 -40.75
CA VAL B 1005 -28.45 44.35 -41.86
C VAL B 1005 -29.62 45.23 -41.48
N ASN B 1006 -29.50 46.53 -41.80
CA ASN B 1006 -30.55 47.51 -41.54
C ASN B 1006 -30.86 47.63 -40.05
N GLY B 1007 -29.86 47.39 -39.20
CA GLY B 1007 -30.05 47.48 -37.77
C GLY B 1007 -30.79 46.32 -37.15
N THR B 1008 -31.08 45.27 -37.91
CA THR B 1008 -31.77 44.09 -37.41
C THR B 1008 -31.05 42.86 -37.96
N GLN B 1009 -31.64 41.69 -37.73
CA GLN B 1009 -31.12 40.45 -38.28
C GLN B 1009 -31.60 40.32 -39.73
N GLU B 1010 -31.33 39.17 -40.34
CA GLU B 1010 -31.85 38.92 -41.69
C GLU B 1010 -33.37 38.93 -41.69
N HIS B 1011 -33.99 38.28 -40.70
CA HIS B 1011 -35.43 38.31 -40.54
C HIS B 1011 -35.75 37.90 -39.12
N THR B 1012 -36.43 38.78 -38.38
CA THR B 1012 -36.71 38.57 -36.96
C THR B 1012 -38.09 37.97 -36.70
N LYS B 1013 -39.11 38.43 -37.43
CA LYS B 1013 -40.47 37.98 -37.17
C LYS B 1013 -40.61 36.47 -37.41
N VAL B 1014 -40.03 35.96 -38.50
CA VAL B 1014 -40.20 34.55 -38.83
C VAL B 1014 -39.49 33.67 -37.81
N ARG B 1015 -38.32 34.09 -37.34
CA ARG B 1015 -37.58 33.30 -36.36
C ARG B 1015 -38.35 33.21 -35.05
N LEU B 1016 -38.87 34.34 -34.57
CA LEU B 1016 -39.68 34.32 -33.35
C LEU B 1016 -40.95 33.50 -33.55
N SER B 1017 -41.56 33.62 -34.73
CA SER B 1017 -42.80 32.87 -35.01
C SER B 1017 -42.55 31.37 -34.95
N VAL B 1018 -41.49 30.89 -35.61
CA VAL B 1018 -41.22 29.46 -35.58
C VAL B 1018 -40.75 29.01 -34.19
N TYR B 1019 -40.03 29.89 -33.48
CA TYR B 1019 -39.62 29.56 -32.11
C TYR B 1019 -40.82 29.34 -31.22
N GLY B 1020 -41.76 30.28 -31.24
CA GLY B 1020 -43.00 30.09 -30.51
C GLY B 1020 -43.79 28.90 -30.99
N ALA B 1021 -43.74 28.62 -32.29
CA ALA B 1021 -44.48 27.48 -32.84
C ALA B 1021 -44.00 26.18 -32.24
N LEU B 1022 -42.68 25.91 -32.30
CA LEU B 1022 -42.23 24.63 -31.76
C LEU B 1022 -42.20 24.64 -30.23
N GLY B 1023 -42.13 25.81 -29.60
CA GLY B 1023 -42.28 25.85 -28.15
C GLY B 1023 -43.69 25.47 -27.72
N ILE B 1024 -44.70 25.97 -28.41
CA ILE B 1024 -46.09 25.58 -28.10
C ILE B 1024 -46.31 24.11 -28.45
N SER B 1025 -45.68 23.64 -29.53
CA SER B 1025 -45.76 22.21 -29.84
C SER B 1025 -45.15 21.36 -28.72
N GLN B 1026 -44.01 21.79 -28.19
CA GLN B 1026 -43.40 21.08 -27.07
C GLN B 1026 -44.27 21.15 -25.83
N GLY B 1027 -44.94 22.29 -25.60
CA GLY B 1027 -45.86 22.39 -24.49
C GLY B 1027 -47.04 21.44 -24.62
N ILE B 1028 -47.59 21.35 -25.83
CA ILE B 1028 -48.68 20.41 -26.09
C ILE B 1028 -48.21 18.98 -25.84
N ALA B 1029 -47.00 18.66 -26.32
CA ALA B 1029 -46.46 17.31 -26.14
C ALA B 1029 -46.25 17.00 -24.66
N VAL B 1030 -45.74 17.96 -23.88
CA VAL B 1030 -45.48 17.69 -22.48
C VAL B 1030 -46.78 17.56 -21.71
N PHE B 1031 -47.80 18.37 -22.04
CA PHE B 1031 -49.11 18.18 -21.44
C PHE B 1031 -49.67 16.79 -21.78
N GLY B 1032 -49.54 16.38 -23.04
CA GLY B 1032 -50.06 15.09 -23.45
C GLY B 1032 -49.41 13.93 -22.72
N TYR B 1033 -48.07 13.93 -22.66
CA TYR B 1033 -47.44 12.79 -22.00
C TYR B 1033 -47.56 12.88 -20.49
N SER B 1034 -47.74 14.08 -19.93
CA SER B 1034 -48.08 14.19 -18.51
C SER B 1034 -49.41 13.50 -18.23
N MET B 1035 -50.42 13.80 -19.05
CA MET B 1035 -51.71 13.14 -18.87
C MET B 1035 -51.58 11.62 -19.05
N ALA B 1036 -50.82 11.20 -20.07
CA ALA B 1036 -50.67 9.78 -20.33
C ALA B 1036 -49.99 9.05 -19.18
N VAL B 1037 -48.89 9.62 -18.67
CA VAL B 1037 -48.16 8.97 -17.59
C VAL B 1037 -48.96 8.99 -16.30
N SER B 1038 -49.72 10.07 -16.05
CA SER B 1038 -50.57 10.10 -14.86
C SER B 1038 -51.67 9.04 -14.94
N ILE B 1039 -52.29 8.89 -16.11
CA ILE B 1039 -53.33 7.88 -16.27
C ILE B 1039 -52.73 6.48 -16.13
N GLY B 1040 -51.56 6.25 -16.72
CA GLY B 1040 -50.93 4.95 -16.60
C GLY B 1040 -50.56 4.60 -15.17
N GLY B 1041 -50.05 5.59 -14.42
CA GLY B 1041 -49.74 5.35 -13.02
C GLY B 1041 -50.98 5.10 -12.18
N ILE B 1042 -52.03 5.88 -12.39
CA ILE B 1042 -53.25 5.73 -11.60
C ILE B 1042 -53.90 4.37 -11.88
N LEU B 1043 -54.00 3.99 -13.17
CA LEU B 1043 -54.67 2.74 -13.51
C LEU B 1043 -53.92 1.54 -12.94
N ALA B 1044 -52.60 1.55 -13.01
CA ALA B 1044 -51.80 0.44 -12.49
C ALA B 1044 -50.49 0.95 -11.88
N ILE B 1087 -43.10 6.14 -6.94
CA ILE B 1087 -42.40 5.17 -7.77
C ILE B 1087 -42.42 5.54 -9.26
N PRO B 1088 -43.58 5.90 -9.83
CA PRO B 1088 -43.58 6.37 -11.22
C PRO B 1088 -42.73 7.61 -11.44
N GLU B 1089 -42.68 8.51 -10.45
CA GLU B 1089 -41.83 9.68 -10.55
C GLU B 1089 -40.36 9.30 -10.66
N VAL B 1090 -39.94 8.26 -9.94
CA VAL B 1090 -38.54 7.83 -9.99
C VAL B 1090 -38.17 7.43 -11.41
N ILE B 1091 -39.02 6.60 -12.04
CA ILE B 1091 -38.75 6.16 -13.41
C ILE B 1091 -38.79 7.34 -14.37
N LYS B 1092 -39.77 8.25 -14.19
CA LYS B 1092 -39.88 9.40 -15.07
C LYS B 1092 -38.61 10.25 -15.02
N MET B 1093 -38.14 10.58 -13.82
CA MET B 1093 -36.96 11.42 -13.72
C MET B 1093 -35.68 10.68 -14.12
N PHE B 1094 -35.63 9.36 -13.89
CA PHE B 1094 -34.49 8.58 -14.38
C PHE B 1094 -34.39 8.66 -15.89
N MET B 1095 -35.50 8.42 -16.58
CA MET B 1095 -35.49 8.51 -18.04
C MET B 1095 -35.18 9.93 -18.50
N GLY B 1096 -35.75 10.93 -17.82
CA GLY B 1096 -35.51 12.31 -18.21
C GLY B 1096 -34.04 12.69 -18.10
N SER B 1097 -33.41 12.34 -16.98
CA SER B 1097 -32.01 12.69 -16.78
C SER B 1097 -31.10 11.90 -17.72
N LEU B 1098 -31.39 10.61 -17.92
CA LEU B 1098 -30.63 9.83 -18.89
C LEU B 1098 -30.68 10.49 -20.27
N PHE B 1099 -31.89 10.83 -20.72
CA PHE B 1099 -32.03 11.42 -22.05
C PHE B 1099 -31.41 12.81 -22.12
N ASN B 1100 -31.44 13.57 -21.02
CA ASN B 1100 -30.82 14.89 -21.03
C ASN B 1100 -29.31 14.79 -21.17
N VAL B 1101 -28.68 13.89 -20.40
CA VAL B 1101 -27.24 13.69 -20.52
C VAL B 1101 -26.89 13.17 -21.90
N ILE B 1102 -27.71 12.27 -22.44
CA ILE B 1102 -27.46 11.73 -23.77
C ILE B 1102 -27.55 12.83 -24.82
N GLY B 1103 -28.55 13.71 -24.70
CA GLY B 1103 -28.68 14.80 -25.64
C GLY B 1103 -27.53 15.79 -25.55
N ALA B 1104 -27.06 16.07 -24.33
CA ALA B 1104 -25.90 16.93 -24.19
C ALA B 1104 -24.66 16.32 -24.84
N CYS B 1105 -24.46 15.01 -24.63
CA CYS B 1105 -23.33 14.33 -25.26
C CYS B 1105 -23.46 14.35 -26.78
N ILE B 1106 -24.67 14.16 -27.30
CA ILE B 1106 -24.86 14.16 -28.74
C ILE B 1106 -24.64 15.56 -29.31
N VAL B 1107 -24.99 16.61 -28.57
CA VAL B 1107 -24.69 17.97 -29.01
C VAL B 1107 -23.19 18.19 -29.06
N ILE B 1108 -22.48 17.73 -28.02
CA ILE B 1108 -21.02 17.89 -28.01
C ILE B 1108 -20.40 17.15 -29.19
N LEU B 1109 -20.88 15.95 -29.48
CA LEU B 1109 -20.37 15.21 -30.63
C LEU B 1109 -20.70 15.92 -31.95
N LEU B 1110 -21.90 16.51 -32.04
CA LEU B 1110 -22.30 17.21 -33.26
C LEU B 1110 -21.40 18.40 -33.52
N ALA B 1111 -21.05 19.15 -32.48
CA ALA B 1111 -20.20 20.32 -32.67
C ALA B 1111 -18.82 19.91 -33.20
N THR B 1112 -18.17 18.98 -32.51
CA THR B 1112 -16.85 18.49 -32.91
C THR B 1112 -16.81 16.97 -32.79
N PRO B 1113 -16.69 16.25 -33.91
CA PRO B 1113 -16.66 14.78 -33.83
C PRO B 1113 -15.50 14.25 -33.01
N ILE B 1114 -14.36 14.96 -33.01
CA ILE B 1114 -13.19 14.51 -32.26
C ILE B 1114 -13.49 14.40 -30.78
N ALA B 1115 -14.54 15.08 -30.30
CA ALA B 1115 -14.93 14.95 -28.90
C ALA B 1115 -15.27 13.52 -28.51
N ALA B 1116 -15.63 12.68 -29.48
CA ALA B 1116 -15.88 11.27 -29.19
C ALA B 1116 -14.65 10.57 -28.62
N ILE B 1117 -13.50 11.24 -28.60
CA ILE B 1117 -12.32 10.69 -27.94
C ILE B 1117 -12.55 10.56 -26.44
N ILE B 1118 -13.27 11.50 -25.84
CA ILE B 1118 -13.35 11.58 -24.38
C ILE B 1118 -14.72 11.17 -23.84
N ILE B 1119 -15.65 10.76 -24.69
CA ILE B 1119 -16.96 10.34 -24.20
C ILE B 1119 -16.89 8.98 -23.53
N PRO B 1120 -16.25 7.96 -24.13
CA PRO B 1120 -16.11 6.68 -23.42
C PRO B 1120 -15.36 6.81 -22.10
N PRO B 1121 -14.11 7.27 -22.09
CA PRO B 1121 -13.32 7.14 -20.85
C PRO B 1121 -13.91 7.86 -19.67
N LEU B 1122 -14.58 8.99 -19.88
CA LEU B 1122 -15.27 9.66 -18.78
C LEU B 1122 -16.48 8.85 -18.34
N GLY B 1123 -17.30 8.40 -19.29
CA GLY B 1123 -18.52 7.71 -18.94
C GLY B 1123 -18.26 6.50 -18.06
N LEU B 1124 -17.34 5.63 -18.48
CA LEU B 1124 -16.93 4.50 -17.65
C LEU B 1124 -16.58 4.95 -16.25
N ILE B 1125 -15.72 5.98 -16.15
CA ILE B 1125 -15.33 6.48 -14.83
C ILE B 1125 -16.56 6.82 -14.02
N TYR B 1126 -17.48 7.59 -14.63
CA TYR B 1126 -18.71 7.95 -13.96
C TYR B 1126 -19.41 6.71 -13.41
N PHE B 1127 -19.59 5.69 -14.27
CA PHE B 1127 -20.25 4.49 -13.81
C PHE B 1127 -19.51 3.88 -12.64
N PHE B 1128 -18.18 3.75 -12.77
CA PHE B 1128 -17.40 3.09 -11.74
C PHE B 1128 -17.36 3.90 -10.45
N VAL B 1129 -17.84 5.13 -10.47
CA VAL B 1129 -18.12 5.83 -9.23
C VAL B 1129 -19.55 5.57 -8.77
N GLN B 1130 -20.50 5.82 -9.67
CA GLN B 1130 -21.91 5.83 -9.29
C GLN B 1130 -22.30 4.56 -8.55
N ARG B 1131 -22.20 3.42 -9.23
CA ARG B 1131 -22.47 2.12 -8.64
C ARG B 1131 -21.89 2.04 -7.24
N PHE B 1132 -20.58 2.27 -7.13
CA PHE B 1132 -19.89 2.11 -5.85
C PHE B 1132 -20.60 2.91 -4.78
N TYR B 1133 -20.82 4.20 -5.02
CA TYR B 1133 -21.44 5.04 -4.00
C TYR B 1133 -22.82 4.51 -3.65
N VAL B 1134 -23.62 4.17 -4.67
CA VAL B 1134 -24.96 3.67 -4.42
C VAL B 1134 -24.93 2.35 -3.67
N ALA B 1135 -23.88 1.56 -3.84
CA ALA B 1135 -23.75 0.31 -3.13
C ALA B 1135 -23.10 0.47 -1.76
N SER B 1136 -22.61 1.66 -1.43
CA SER B 1136 -21.98 1.89 -0.13
C SER B 1136 -22.56 3.10 0.58
N SER B 1137 -23.74 3.56 0.17
CA SER B 1137 -24.45 4.60 0.89
C SER B 1137 -25.74 4.12 1.53
N ARG B 1138 -26.33 3.03 1.01
CA ARG B 1138 -27.49 2.46 1.67
C ARG B 1138 -27.11 1.82 3.00
N GLN B 1139 -26.00 1.08 3.03
CA GLN B 1139 -25.56 0.45 4.27
C GLN B 1139 -25.15 1.48 5.30
N LEU B 1140 -24.39 2.50 4.88
CA LEU B 1140 -23.98 3.56 5.80
C LEU B 1140 -25.13 4.44 6.23
N LYS B 1141 -26.30 4.32 5.57
CA LYS B 1141 -27.50 4.98 6.05
C LYS B 1141 -28.31 4.08 6.97
N ARG B 1142 -28.37 2.79 6.65
CA ARG B 1142 -29.07 1.85 7.52
C ARG B 1142 -28.41 1.77 8.90
N LEU B 1143 -27.07 1.74 8.93
CA LEU B 1143 -26.37 1.69 10.21
C LEU B 1143 -26.68 2.92 11.06
N GLU B 1144 -26.63 4.10 10.45
CA GLU B 1144 -26.88 5.33 11.19
C GLU B 1144 -28.32 5.43 11.65
N SER B 1145 -29.27 4.94 10.84
CA SER B 1145 -30.67 5.02 11.23
C SER B 1145 -31.01 3.99 12.31
N VAL B 1146 -30.34 2.83 12.29
CA VAL B 1146 -30.65 1.81 13.29
C VAL B 1146 -29.90 2.09 14.59
N SER B 1147 -28.84 2.88 14.53
CA SER B 1147 -28.10 3.21 15.74
C SER B 1147 -28.64 4.44 16.47
N ARG B 1148 -29.71 5.05 15.98
CA ARG B 1148 -30.22 6.29 16.58
C ARG B 1148 -31.11 6.02 17.78
N SER B 1149 -31.95 4.98 17.71
CA SER B 1149 -32.88 4.70 18.79
C SER B 1149 -32.22 4.44 20.15
N PRO B 1150 -31.11 3.69 20.25
CA PRO B 1150 -30.58 3.37 21.60
C PRO B 1150 -30.31 4.57 22.48
N VAL B 1151 -29.82 5.69 21.94
CA VAL B 1151 -29.52 6.82 22.80
C VAL B 1151 -30.80 7.40 23.39
N TYR B 1152 -31.87 7.49 22.59
CA TYR B 1152 -33.13 8.01 23.11
C TYR B 1152 -33.75 7.05 24.11
N SER B 1153 -33.67 5.74 23.84
CA SER B 1153 -34.19 4.77 24.79
C SER B 1153 -33.43 4.83 26.11
N HIS B 1154 -32.11 4.98 26.05
CA HIS B 1154 -31.30 5.10 27.25
C HIS B 1154 -31.64 6.36 28.03
N PHE B 1155 -31.86 7.47 27.31
CA PHE B 1155 -32.23 8.70 27.99
C PHE B 1155 -33.58 8.56 28.68
N ASN B 1156 -34.54 7.91 28.03
CA ASN B 1156 -35.83 7.66 28.69
C ASN B 1156 -35.66 6.77 29.91
N GLU B 1157 -34.82 5.74 29.80
CA GLU B 1157 -34.53 4.89 30.95
C GLU B 1157 -33.98 5.69 32.12
N THR B 1158 -32.98 6.53 31.85
CA THR B 1158 -32.36 7.32 32.91
C THR B 1158 -33.36 8.30 33.51
N LEU B 1159 -34.19 8.91 32.68
CA LEU B 1159 -35.15 9.90 33.18
C LEU B 1159 -36.22 9.23 34.04
N LEU B 1160 -36.65 8.03 33.67
CA LEU B 1160 -37.71 7.37 34.43
C LEU B 1160 -37.25 7.03 35.84
N GLY B 1161 -36.02 6.55 36.00
CA GLY B 1161 -35.53 6.10 37.28
C GLY B 1161 -34.38 6.92 37.84
N VAL B 1162 -34.48 8.24 37.72
CA VAL B 1162 -33.39 9.10 38.21
C VAL B 1162 -33.25 8.99 39.73
N SER B 1163 -34.37 8.81 40.45
CA SER B 1163 -34.30 8.74 41.90
C SER B 1163 -33.45 7.56 42.36
N VAL B 1164 -33.62 6.41 41.72
CA VAL B 1164 -32.91 5.20 42.15
C VAL B 1164 -31.41 5.34 41.89
N ILE B 1165 -31.03 5.80 40.70
CA ILE B 1165 -29.61 5.93 40.40
C ILE B 1165 -28.96 6.99 41.28
N ARG B 1166 -29.64 8.12 41.49
CA ARG B 1166 -29.08 9.14 42.38
C ARG B 1166 -28.97 8.64 43.81
N ALA B 1167 -29.92 7.80 44.25
CA ALA B 1167 -29.86 7.26 45.60
C ALA B 1167 -28.66 6.35 45.79
N PHE B 1168 -28.37 5.51 44.79
CA PHE B 1168 -27.26 4.55 44.91
C PHE B 1168 -25.90 5.22 44.83
N GLU B 1169 -25.84 6.53 44.67
CA GLU B 1169 -24.59 7.30 44.67
C GLU B 1169 -23.64 6.84 43.58
N GLU B 1170 -24.19 6.40 42.44
CA GLU B 1170 -23.38 6.02 41.27
C GLU B 1170 -24.10 6.58 40.05
N GLN B 1171 -23.74 7.82 39.68
CA GLN B 1171 -24.34 8.50 38.53
C GLN B 1171 -23.33 8.75 37.42
N GLU B 1172 -22.16 8.13 37.48
CA GLU B 1172 -21.11 8.35 36.50
C GLU B 1172 -21.03 7.25 35.45
N ARG B 1173 -21.49 6.04 35.78
CA ARG B 1173 -21.50 4.97 34.79
C ARG B 1173 -22.55 5.23 33.71
N PHE B 1174 -23.70 5.77 34.11
CA PHE B 1174 -24.75 6.07 33.13
C PHE B 1174 -24.31 7.16 32.17
N ILE B 1175 -23.56 8.15 32.66
CA ILE B 1175 -23.00 9.17 31.78
C ILE B 1175 -22.08 8.53 30.75
N HIS B 1176 -21.23 7.60 31.20
CA HIS B 1176 -20.33 6.91 30.28
C HIS B 1176 -21.10 6.11 29.25
N GLN B 1177 -22.19 5.45 29.67
CA GLN B 1177 -22.97 4.66 28.72
C GLN B 1177 -23.64 5.54 27.68
N SER B 1178 -24.29 6.62 28.11
CA SER B 1178 -24.95 7.51 27.18
C SER B 1178 -23.99 8.34 26.35
N ASP B 1179 -22.72 8.41 26.75
CA ASP B 1179 -21.72 9.00 25.87
C ASP B 1179 -21.22 8.00 24.84
N LEU B 1180 -21.00 6.75 25.27
CA LEU B 1180 -20.52 5.72 24.35
C LEU B 1180 -21.53 5.45 23.26
N LYS B 1181 -22.83 5.43 23.60
CA LYS B 1181 -23.85 5.15 22.59
C LYS B 1181 -23.88 6.23 21.52
N VAL B 1182 -23.86 7.51 21.94
CA VAL B 1182 -23.87 8.59 20.96
C VAL B 1182 -22.57 8.63 20.18
N ASP B 1183 -21.46 8.24 20.79
CA ASP B 1183 -20.19 8.17 20.06
C ASP B 1183 -20.25 7.10 18.98
N GLU B 1184 -20.86 5.95 19.29
CA GLU B 1184 -21.06 4.93 18.27
C GLU B 1184 -21.94 5.44 17.14
N ASN B 1185 -23.01 6.14 17.48
CA ASN B 1185 -23.89 6.68 16.44
C ASN B 1185 -23.13 7.66 15.54
N GLN B 1186 -22.33 8.55 16.13
CA GLN B 1186 -21.58 9.50 15.32
C GLN B 1186 -20.51 8.81 14.49
N LYS B 1187 -19.88 7.77 15.05
CA LYS B 1187 -18.91 7.00 14.29
C LYS B 1187 -19.55 6.34 13.08
N ALA B 1188 -20.83 5.96 13.20
CA ALA B 1188 -21.54 5.42 12.04
C ALA B 1188 -21.95 6.52 11.07
N TYR B 1189 -22.28 7.71 11.58
CA TYR B 1189 -22.82 8.76 10.73
C TYR B 1189 -21.75 9.46 9.90
N TYR B 1190 -20.55 9.65 10.46
CA TYR B 1190 -19.52 10.46 9.80
C TYR B 1190 -19.14 9.95 8.41
N PRO B 1191 -18.87 8.65 8.20
CA PRO B 1191 -18.51 8.21 6.84
C PRO B 1191 -19.58 8.47 5.81
N SER B 1192 -20.84 8.62 6.21
CA SER B 1192 -21.88 8.96 5.24
C SER B 1192 -21.61 10.30 4.58
N ILE B 1193 -21.37 11.34 5.39
CA ILE B 1193 -21.07 12.65 4.84
C ILE B 1193 -19.71 12.64 4.12
N VAL B 1194 -18.75 11.86 4.63
CA VAL B 1194 -17.46 11.81 3.94
C VAL B 1194 -17.63 11.23 2.54
N ALA B 1195 -18.41 10.14 2.43
CA ALA B 1195 -18.65 9.54 1.12
C ALA B 1195 -19.45 10.45 0.21
N ASN B 1196 -20.38 11.23 0.77
CA ASN B 1196 -21.09 12.22 -0.04
C ASN B 1196 -20.13 13.22 -0.65
N ARG B 1197 -19.19 13.72 0.15
CA ARG B 1197 -18.19 14.66 -0.37
C ARG B 1197 -17.32 14.00 -1.43
N TRP B 1198 -16.92 12.74 -1.20
CA TRP B 1198 -16.12 12.00 -2.17
C TRP B 1198 -16.84 11.93 -3.51
N LEU B 1199 -18.09 11.49 -3.50
CA LEU B 1199 -18.85 11.36 -4.73
C LEU B 1199 -19.01 12.71 -5.42
N ALA B 1200 -19.31 13.76 -4.66
CA ALA B 1200 -19.52 15.07 -5.26
C ALA B 1200 -18.24 15.58 -5.91
N VAL B 1201 -17.10 15.39 -5.25
CA VAL B 1201 -15.83 15.83 -5.83
C VAL B 1201 -15.54 15.07 -7.13
N ARG B 1202 -15.80 13.75 -7.13
CA ARG B 1202 -15.57 12.97 -8.36
C ARG B 1202 -16.43 13.47 -9.50
N LEU B 1203 -17.72 13.71 -9.24
CA LEU B 1203 -18.61 14.17 -10.30
C LEU B 1203 -18.22 15.57 -10.79
N GLU B 1204 -17.84 16.46 -9.87
CA GLU B 1204 -17.41 17.79 -10.27
C GLU B 1204 -16.16 17.73 -11.13
N CYS B 1205 -15.21 16.86 -10.79
CA CYS B 1205 -14.01 16.71 -11.61
C CYS B 1205 -14.34 16.19 -13.00
N VAL B 1206 -15.28 15.24 -13.09
CA VAL B 1206 -15.69 14.75 -14.39
C VAL B 1206 -16.31 15.88 -15.22
N GLY B 1207 -17.16 16.68 -14.58
CA GLY B 1207 -17.77 17.80 -15.29
C GLY B 1207 -16.76 18.83 -15.76
N ASN B 1208 -15.76 19.12 -14.93
CA ASN B 1208 -14.72 20.06 -15.34
C ASN B 1208 -13.90 19.50 -16.50
N CYS B 1209 -13.61 18.20 -16.47
CA CYS B 1209 -12.88 17.59 -17.58
C CYS B 1209 -13.68 17.68 -18.87
N ILE B 1210 -14.98 17.43 -18.82
CA ILE B 1210 -15.77 17.53 -20.05
C ILE B 1210 -15.90 18.99 -20.49
N VAL B 1211 -15.91 19.93 -19.54
CA VAL B 1211 -15.87 21.34 -19.91
C VAL B 1211 -14.61 21.65 -20.72
N LEU B 1212 -13.46 21.21 -20.19
CA LEU B 1212 -12.19 21.53 -20.84
C LEU B 1212 -12.10 20.88 -22.21
N PHE B 1213 -12.54 19.62 -22.34
CA PHE B 1213 -12.46 18.96 -23.63
C PHE B 1213 -13.61 19.28 -24.56
N ALA B 1214 -14.61 20.03 -24.11
CA ALA B 1214 -15.59 20.60 -25.03
C ALA B 1214 -15.19 22.00 -25.48
N ALA B 1215 -14.32 22.66 -24.73
CA ALA B 1215 -13.79 23.95 -25.19
C ALA B 1215 -12.56 23.75 -26.08
N LEU B 1216 -11.74 22.74 -25.80
CA LEU B 1216 -10.51 22.52 -26.57
C LEU B 1216 -10.83 22.27 -28.03
N PHE B 1217 -11.71 21.32 -28.31
CA PHE B 1217 -11.99 20.94 -29.69
C PHE B 1217 -12.77 22.00 -30.43
N ALA B 1218 -13.37 22.95 -29.73
CA ALA B 1218 -14.03 24.08 -30.37
C ALA B 1218 -13.12 25.30 -30.49
N VAL B 1219 -11.95 25.28 -29.86
CA VAL B 1219 -10.95 26.31 -30.12
C VAL B 1219 -10.00 25.88 -31.24
N ILE B 1220 -9.70 24.59 -31.34
CA ILE B 1220 -8.82 24.08 -32.39
C ILE B 1220 -9.45 24.31 -33.76
N SER B 1221 -10.76 24.12 -33.87
CA SER B 1221 -11.47 24.18 -35.15
C SER B 1221 -12.39 25.40 -35.22
N ARG B 1222 -11.90 26.55 -34.76
CA ARG B 1222 -12.69 27.77 -34.82
C ARG B 1222 -12.97 28.24 -36.24
N HIS B 1223 -12.13 27.85 -37.20
CA HIS B 1223 -12.24 28.35 -38.57
C HIS B 1223 -13.35 27.67 -39.36
N SER B 1224 -13.98 26.64 -38.82
CA SER B 1224 -15.08 25.96 -39.50
C SER B 1224 -16.35 25.89 -38.68
N LEU B 1225 -16.35 26.42 -37.45
CA LEU B 1225 -17.52 26.41 -36.59
C LEU B 1225 -17.94 27.84 -36.29
N SER B 1226 -19.22 28.13 -36.43
CA SER B 1226 -19.73 29.46 -36.15
C SER B 1226 -19.79 29.71 -34.65
N ALA B 1227 -20.02 30.98 -34.28
CA ALA B 1227 -20.04 31.35 -32.88
C ALA B 1227 -21.16 30.66 -32.12
N GLY B 1228 -22.32 30.48 -32.76
CA GLY B 1228 -23.43 29.84 -32.07
C GLY B 1228 -23.12 28.43 -31.63
N LEU B 1229 -22.48 27.65 -32.51
CA LEU B 1229 -22.18 26.25 -32.19
C LEU B 1229 -21.25 26.15 -30.99
N VAL B 1230 -20.14 26.88 -31.04
CA VAL B 1230 -19.17 26.82 -29.95
C VAL B 1230 -19.78 27.36 -28.65
N GLY B 1231 -20.56 28.44 -28.75
CA GLY B 1231 -21.19 28.98 -27.55
C GLY B 1231 -22.14 28.01 -26.89
N LEU B 1232 -23.01 27.38 -27.71
CA LEU B 1232 -23.94 26.41 -27.18
C LEU B 1232 -23.22 25.22 -26.57
N SER B 1233 -22.20 24.71 -27.26
CA SER B 1233 -21.48 23.54 -26.77
C SER B 1233 -20.76 23.84 -25.45
N VAL B 1234 -20.14 25.02 -25.34
CA VAL B 1234 -19.46 25.37 -24.11
C VAL B 1234 -20.46 25.59 -22.98
N SER B 1235 -21.60 26.20 -23.29
CA SER B 1235 -22.60 26.45 -22.26
C SER B 1235 -23.25 25.16 -21.77
N TYR B 1236 -23.29 24.12 -22.61
CA TYR B 1236 -23.97 22.89 -22.22
C TYR B 1236 -23.19 22.04 -21.21
N SER B 1237 -21.89 22.26 -21.06
CA SER B 1237 -21.11 21.36 -20.20
C SER B 1237 -21.37 21.62 -18.72
N LEU B 1238 -21.62 22.87 -18.33
CA LEU B 1238 -22.01 23.14 -16.95
C LEU B 1238 -23.33 22.46 -16.61
N GLN B 1239 -24.29 22.52 -17.54
CA GLN B 1239 -25.53 21.78 -17.37
C GLN B 1239 -25.27 20.28 -17.35
N VAL B 1240 -24.25 19.81 -18.07
CA VAL B 1240 -23.88 18.39 -18.01
C VAL B 1240 -23.48 18.04 -16.58
N THR B 1241 -22.64 18.87 -15.96
CA THR B 1241 -22.20 18.61 -14.59
C THR B 1241 -23.40 18.59 -13.63
N THR B 1242 -24.27 19.60 -13.76
CA THR B 1242 -25.42 19.68 -12.86
C THR B 1242 -26.36 18.49 -13.05
N TYR B 1243 -26.59 18.09 -14.30
CA TYR B 1243 -27.46 16.94 -14.58
C TYR B 1243 -26.87 15.66 -14.02
N LEU B 1244 -25.55 15.47 -14.17
CA LEU B 1244 -24.91 14.29 -13.61
C LEU B 1244 -25.08 14.25 -12.10
N ASN B 1245 -24.84 15.38 -11.43
CA ASN B 1245 -24.96 15.41 -9.97
C ASN B 1245 -26.39 15.12 -9.52
N TRP B 1246 -27.38 15.73 -10.19
CA TRP B 1246 -28.77 15.50 -9.80
C TRP B 1246 -29.19 14.07 -10.07
N LEU B 1247 -28.78 13.51 -11.21
CA LEU B 1247 -29.11 12.12 -11.52
C LEU B 1247 -28.54 11.17 -10.48
N VAL B 1248 -27.28 11.39 -10.09
CA VAL B 1248 -26.66 10.50 -9.10
C VAL B 1248 -27.34 10.66 -7.74
N ARG B 1249 -27.57 11.91 -7.32
CA ARG B 1249 -28.11 12.15 -5.98
C ARG B 1249 -29.54 11.65 -5.84
N MET B 1250 -30.36 11.82 -6.87
CA MET B 1250 -31.80 11.61 -6.74
C MET B 1250 -32.27 10.29 -7.32
N SER B 1251 -31.78 9.92 -8.51
CA SER B 1251 -32.40 8.82 -9.24
C SER B 1251 -32.03 7.46 -8.64
N SER B 1252 -30.75 7.10 -8.68
CA SER B 1252 -30.35 5.76 -8.25
C SER B 1252 -30.40 5.60 -6.74
N GLU B 1253 -30.41 6.69 -5.98
CA GLU B 1253 -30.50 6.58 -4.54
C GLU B 1253 -31.86 6.07 -4.10
N MET B 1254 -32.91 6.37 -4.85
CA MET B 1254 -34.24 5.80 -4.62
C MET B 1254 -34.20 4.28 -4.67
CAA Y01 C . 28.68 23.26 -11.26
CBA Y01 C . 27.56 23.86 -12.11
CAB Y01 C . 27.28 25.30 -11.65
CAN Y01 C . 26.28 23.03 -12.06
CAJ Y01 C . 25.62 22.90 -10.69
CAO Y01 C . 25.63 21.46 -10.19
CBB Y01 C . 26.04 21.26 -8.72
CAC Y01 C . 26.72 22.52 -8.17
CBE Y01 C . 24.86 20.82 -7.86
CAP Y01 C . 23.51 20.73 -8.64
CAQ Y01 C . 22.60 19.79 -7.81
CBG Y01 C . 23.46 19.43 -6.60
CBI Y01 C . 24.89 19.44 -7.14
CAE Y01 C . 25.13 18.32 -8.16
CAU Y01 C . 25.82 19.31 -5.94
CAS Y01 C . 25.50 18.07 -5.11
CBF Y01 C . 24.05 18.01 -4.63
CBD Y01 C . 23.05 18.22 -5.77
CAK Y01 C . 21.66 18.42 -5.20
CAI Y01 C . 21.35 17.53 -4.05
CAZ Y01 C . 22.25 16.78 -3.41
CAV Y01 C . 21.81 15.82 -2.33
CBH Y01 C . 23.71 16.75 -3.81
CAD Y01 C . 23.99 15.47 -4.63
CAT Y01 C . 24.57 16.73 -2.53
CAR Y01 C . 24.16 15.67 -1.53
CBC Y01 C . 22.71 15.88 -1.12
OAW Y01 C . 22.36 14.85 -0.18
CAY Y01 C . 22.60 15.02 1.12
OAG Y01 C . 23.66 15.41 1.55
CAM Y01 C . 21.41 14.66 1.94
CAL Y01 C . 21.67 13.56 2.95
CAX Y01 C . 22.68 13.92 4.06
OAH Y01 C . 23.18 12.95 4.67
OAF Y01 C . 22.90 15.13 4.26
C2 1SY D . -27.98 24.27 -10.82
N01 1SY D . -26.62 27.18 -9.34
C6 1SY D . -26.92 25.75 -9.40
N1 1SY D . -27.57 25.53 -10.52
N3 1SY D . -27.71 23.25 -9.98
C4 1SY D . -27.04 23.48 -8.83
C5 1SY D . -26.65 24.72 -8.54
N7 1SY D . -26.01 24.67 -7.35
C8 1SY D . -26.02 23.41 -6.92
N9 1SY D . -26.65 22.68 -7.84
C1' 1SY D . -26.88 21.30 -7.77
C2' 1SY D . -25.91 20.68 -6.77
O2' 1SY D . -25.26 19.56 -7.35
C3' 1SY D . -26.74 20.25 -5.63
C4' 1SY D . -28.05 20.04 -6.23
C16 1SY D . -29.16 20.25 -5.16
O17 1SY D . -28.70 19.74 -3.91
P18 1SY D . -29.82 19.26 -2.74
O19 1SY D . -30.54 20.41 -2.09
O20 1SY D . -29.16 18.16 -1.66
C21 1SY D . -27.78 18.53 -1.45
C22 1SY D . -26.87 17.39 -1.66
O23 1SY D . -27.42 16.22 -1.09
C24 1SY D . -25.63 17.80 -0.88
C25 1SY D . -24.72 18.51 -1.77
O26 1SY D . -24.89 18.08 -3.09
P27 1SY D . -24.90 19.38 -4.11
O28 1SY D . -26.21 19.02 -5.07
O29 1SY D . -25.25 20.59 -3.29
O30 1SY D . -23.59 19.69 -4.81
O31 1SY D . -26.09 18.69 0.17
C32 1SY D . -27.51 18.91 -0.07
N33 1SY D . -27.87 20.30 0.12
C34 1SY D . -26.72 20.99 0.04
N35 1SY D . -27.01 22.29 0.20
C36 1SY D . -28.87 21.15 0.34
C37 1SY D . -28.32 22.40 0.39
C38 1SY D . -29.23 23.61 0.62
N39 1SY D . -30.64 23.42 0.80
C40 1SY D . -31.21 22.10 0.74
N41 1SY D . -32.63 21.91 0.90
N42 1SY D . -30.34 20.96 0.51
O43 1SY D . -28.76 24.70 0.68
O44 1SY D . -30.88 18.51 -3.49
O4' 1SY D . -28.21 21.00 -7.29
CAA Y01 E . -22.54 6.97 -28.81
CBA Y01 E . -21.09 7.37 -28.58
CAB Y01 E . -20.37 7.58 -29.91
CAN Y01 E . -20.33 6.34 -27.74
CAJ Y01 E . -20.92 6.07 -26.36
CAO Y01 E . -20.08 5.10 -25.55
CBB Y01 E . -20.77 3.77 -25.19
CAC Y01 E . -21.12 3.00 -26.46
CBE Y01 E . -19.94 2.94 -24.20
CAP Y01 E . -18.54 3.54 -23.89
CAQ Y01 E . -18.10 2.91 -22.55
CBG Y01 E . -19.22 1.94 -22.23
CBI Y01 E . -20.47 2.65 -22.78
CAE Y01 E . -20.76 3.96 -22.03
CAU Y01 E . -21.64 1.66 -22.67
CAS Y01 E . -21.81 1.13 -21.24
CBF Y01 E . -20.54 0.45 -20.71
CBD Y01 E . -19.32 1.38 -20.83
CAK Y01 E . -18.06 0.59 -20.52
CAI Y01 E . -18.23 -0.39 -19.40
CAZ Y01 E . -19.37 -0.59 -18.75
CAV Y01 E . -19.41 -1.58 -17.63
CBH Y01 E . -20.71 -0.14 -19.28
CAD Y01 E . -21.29 0.91 -18.31
CAT Y01 E . -21.63 -1.37 -19.34
CAR Y01 E . -20.94 -2.74 -19.28
CBC Y01 E . -20.02 -2.90 -18.08
OAW Y01 E . -20.78 -3.49 -17.02
CAY Y01 E . -20.15 -4.12 -16.02
OAG Y01 E . -18.96 -4.31 -16.01
CAM Y01 E . -21.12 -4.55 -14.94
CAL Y01 E . -20.48 -5.29 -13.79
CAX Y01 E . -19.72 -4.40 -12.79
OAH Y01 E . -19.29 -5.00 -11.77
OAF Y01 E . -19.57 -3.20 -13.06
#